data_6AMR
#
_entry.id   6AMR
#
_entity_poly.entity_id   1
_entity_poly.type   'polypeptide(L)'
_entity_poly.pdbx_seq_one_letter_code
;MAHHHHHHMGTLEAQTQGPGSMIEQIGDSEFDNKVTSCNDNILILVDFWAPWCGPCRSLEPQLEKLAQQYTENVKIYKIN
IEDNQDVATQYGVSAIPTILMFKNGKKLSQVIGADISKIISEINNNIN
;
_entity_poly.pdbx_strand_id   A
#
# COMPACT_ATOMS: atom_id res chain seq x y z
N MET A 1 -13.43 20.87 18.85
CA MET A 1 -12.70 20.28 17.70
C MET A 1 -12.59 18.75 17.81
N ALA A 2 -13.06 18.20 18.93
CA ALA A 2 -12.96 16.78 19.20
C ALA A 2 -13.82 15.95 18.24
N HIS A 3 -13.27 15.67 17.06
CA HIS A 3 -13.93 14.78 16.10
C HIS A 3 -13.11 13.51 15.94
N HIS A 4 -13.73 12.37 16.22
CA HIS A 4 -13.03 11.09 16.20
C HIS A 4 -14.02 9.92 16.19
N HIS A 5 -14.31 9.40 15.01
CA HIS A 5 -15.24 8.28 14.88
C HIS A 5 -14.83 7.41 13.68
N HIS A 6 -14.34 6.20 13.97
CA HIS A 6 -13.96 5.25 12.93
C HIS A 6 -15.19 4.42 12.53
N HIS A 7 -14.98 3.41 11.69
CA HIS A 7 -16.06 2.50 11.30
C HIS A 7 -15.52 1.12 10.96
N HIS A 8 -15.62 0.20 11.92
CA HIS A 8 -15.21 -1.18 11.72
C HIS A 8 -16.42 -2.05 11.40
N MET A 9 -17.41 -1.43 10.76
CA MET A 9 -18.65 -2.11 10.36
C MET A 9 -18.35 -3.27 9.41
N GLY A 10 -17.28 -3.13 8.64
CA GLY A 10 -16.89 -4.16 7.68
C GLY A 10 -15.99 -3.60 6.61
N THR A 11 -15.87 -4.33 5.50
CA THR A 11 -15.04 -3.90 4.38
C THR A 11 -15.88 -3.84 3.10
N LEU A 12 -15.40 -3.05 2.14
CA LEU A 12 -16.10 -2.87 0.86
C LEU A 12 -15.11 -2.39 -0.19
N GLU A 13 -14.89 -3.23 -1.20
CA GLU A 13 -13.92 -2.92 -2.26
C GLU A 13 -14.64 -2.58 -3.56
N ALA A 14 -14.04 -1.70 -4.35
CA ALA A 14 -14.57 -1.30 -5.65
C ALA A 14 -13.43 -0.84 -6.55
N GLN A 15 -12.37 -1.64 -6.62
CA GLN A 15 -11.20 -1.31 -7.44
C GLN A 15 -11.57 -1.32 -8.93
N THR A 16 -12.07 -0.18 -9.39
CA THR A 16 -12.43 -0.01 -10.80
C THR A 16 -11.17 -0.03 -11.67
N GLN A 17 -10.07 0.46 -11.12
CA GLN A 17 -8.78 0.47 -11.82
C GLN A 17 -7.69 0.03 -10.84
N GLY A 18 -6.67 -0.67 -11.36
CA GLY A 18 -5.61 -1.17 -10.50
C GLY A 18 -4.29 -1.32 -11.24
N PRO A 19 -4.12 -2.42 -12.00
CA PRO A 19 -2.85 -2.72 -12.68
C PRO A 19 -2.48 -1.66 -13.71
N GLY A 20 -1.58 -0.77 -13.33
CA GLY A 20 -1.10 0.26 -14.22
C GLY A 20 -1.26 1.65 -13.64
N SER A 21 -2.13 1.79 -12.64
CA SER A 21 -2.41 3.09 -12.05
C SER A 21 -1.42 3.42 -10.93
N MET A 22 -1.59 2.75 -9.80
CA MET A 22 -0.79 3.02 -8.60
C MET A 22 -1.10 2.00 -7.51
N ILE A 23 -2.35 1.51 -7.50
CA ILE A 23 -2.77 0.48 -6.57
C ILE A 23 -2.89 -0.87 -7.27
N GLU A 24 -1.87 -1.70 -7.11
CA GLU A 24 -1.81 -3.03 -7.72
C GLU A 24 -2.17 -4.08 -6.69
N GLN A 25 -2.65 -5.24 -7.14
CA GLN A 25 -2.96 -6.34 -6.24
C GLN A 25 -1.91 -7.45 -6.38
N ILE A 26 -1.43 -7.97 -5.25
CA ILE A 26 -0.35 -8.96 -5.25
C ILE A 26 -0.73 -10.17 -4.41
N GLY A 27 -0.09 -11.30 -4.69
CA GLY A 27 -0.36 -12.53 -3.97
C GLY A 27 0.76 -12.90 -3.02
N ASP A 28 0.67 -14.10 -2.45
CA ASP A 28 1.62 -14.57 -1.45
C ASP A 28 3.02 -14.80 -2.03
N SER A 29 3.08 -15.54 -3.14
CA SER A 29 4.35 -16.01 -3.70
C SER A 29 5.13 -14.88 -4.38
N GLU A 30 4.48 -13.74 -4.58
CA GLU A 30 5.11 -12.58 -5.20
C GLU A 30 5.15 -11.40 -4.24
N PHE A 31 4.50 -11.55 -3.08
CA PHE A 31 4.46 -10.51 -2.06
C PHE A 31 5.88 -10.03 -1.74
N ASP A 32 6.64 -10.89 -1.08
CA ASP A 32 8.02 -10.57 -0.69
C ASP A 32 8.85 -10.33 -1.95
N ASN A 33 8.54 -11.11 -2.99
CA ASN A 33 9.28 -11.09 -4.24
C ASN A 33 9.44 -9.67 -4.79
N LYS A 34 8.34 -8.93 -4.82
CA LYS A 34 8.36 -7.57 -5.36
C LYS A 34 8.38 -6.50 -4.27
N VAL A 35 8.00 -6.88 -3.05
CA VAL A 35 7.97 -5.93 -1.93
C VAL A 35 9.32 -5.85 -1.20
N THR A 36 9.79 -6.98 -0.66
CA THR A 36 10.98 -6.97 0.20
C THR A 36 12.24 -6.89 -0.64
N SER A 37 12.22 -7.49 -1.82
CA SER A 37 13.36 -7.48 -2.72
C SER A 37 13.40 -6.20 -3.57
N CYS A 38 12.58 -5.22 -3.22
CA CYS A 38 12.54 -3.95 -3.93
C CYS A 38 13.75 -3.09 -3.56
N ASN A 39 14.74 -3.05 -4.46
CA ASN A 39 15.96 -2.29 -4.23
C ASN A 39 15.95 -0.98 -5.02
N ASP A 40 14.77 -0.62 -5.54
CA ASP A 40 14.61 0.59 -6.34
C ASP A 40 14.44 1.83 -5.47
N ASN A 41 14.51 1.62 -4.15
CA ASN A 41 14.34 2.70 -3.16
C ASN A 41 12.97 3.37 -3.29
N ILE A 42 12.05 2.77 -4.02
CA ILE A 42 10.69 3.30 -4.13
C ILE A 42 9.90 2.92 -2.88
N LEU A 43 8.90 3.71 -2.53
CA LEU A 43 8.12 3.46 -1.32
C LEU A 43 6.88 2.62 -1.64
N ILE A 44 6.88 1.39 -1.17
CA ILE A 44 5.79 0.46 -1.37
C ILE A 44 4.85 0.47 -0.16
N LEU A 45 3.55 0.63 -0.41
CA LEU A 45 2.55 0.63 0.64
C LEU A 45 1.58 -0.53 0.46
N VAL A 46 1.74 -1.57 1.27
CA VAL A 46 0.86 -2.74 1.19
C VAL A 46 -0.29 -2.60 2.18
N ASP A 47 -1.53 -2.76 1.70
CA ASP A 47 -2.71 -2.59 2.55
C ASP A 47 -3.59 -3.84 2.51
N PHE A 48 -4.35 -4.06 3.58
CA PHE A 48 -5.27 -5.19 3.66
C PHE A 48 -6.56 -4.93 2.85
N TRP A 49 -7.49 -4.18 3.44
CA TRP A 49 -8.80 -3.95 2.82
C TRP A 49 -9.19 -2.47 2.87
N ALA A 50 -10.35 -2.16 2.29
CA ALA A 50 -10.87 -0.81 2.26
C ALA A 50 -12.14 -0.70 3.10
N PRO A 51 -12.10 0.06 4.21
CA PRO A 51 -13.25 0.18 5.12
C PRO A 51 -14.38 1.02 4.52
N TRP A 52 -15.21 0.37 3.71
CA TRP A 52 -16.34 1.03 3.06
C TRP A 52 -15.87 2.17 2.15
N CYS A 53 -14.61 2.09 1.73
CA CYS A 53 -14.01 3.10 0.88
C CYS A 53 -14.39 2.87 -0.57
N GLY A 54 -15.68 3.04 -0.85
CA GLY A 54 -16.19 2.87 -2.21
C GLY A 54 -16.85 4.14 -2.71
N PRO A 55 -16.93 4.32 -4.04
CA PRO A 55 -17.47 5.54 -4.65
C PRO A 55 -18.96 5.74 -4.36
N CYS A 56 -19.57 4.75 -3.72
CA CYS A 56 -20.99 4.82 -3.38
C CYS A 56 -21.18 4.81 -1.86
N ARG A 57 -20.14 5.22 -1.12
CA ARG A 57 -20.20 5.26 0.34
C ARG A 57 -19.24 6.32 0.87
N SER A 58 -17.96 6.16 0.58
CA SER A 58 -16.95 7.11 1.04
C SER A 58 -15.59 6.78 0.41
N LEU A 59 -15.43 7.12 -0.86
CA LEU A 59 -14.16 6.95 -1.54
C LEU A 59 -13.26 8.15 -1.21
N GLU A 60 -12.55 8.06 -0.09
CA GLU A 60 -11.68 9.13 0.35
C GLU A 60 -10.59 8.60 1.29
N PRO A 61 -9.67 7.77 0.75
CA PRO A 61 -8.53 7.28 1.49
C PRO A 61 -7.29 8.17 1.31
N GLN A 62 -6.40 8.12 2.29
CA GLN A 62 -5.17 8.93 2.29
C GLN A 62 -4.31 8.54 1.09
N LEU A 63 -4.38 7.26 0.75
CA LEU A 63 -3.56 6.65 -0.28
C LEU A 63 -3.74 7.38 -1.61
N GLU A 64 -5.00 7.60 -2.02
CA GLU A 64 -5.28 8.30 -3.26
C GLU A 64 -4.66 9.69 -3.23
N LYS A 65 -4.97 10.42 -2.16
CA LYS A 65 -4.53 11.80 -2.00
C LYS A 65 -3.03 11.94 -2.22
N LEU A 66 -2.22 11.12 -1.55
CA LEU A 66 -0.77 11.22 -1.70
C LEU A 66 -0.27 10.54 -2.97
N ALA A 67 -0.84 9.39 -3.31
CA ALA A 67 -0.38 8.61 -4.47
C ALA A 67 -0.55 9.40 -5.76
N GLN A 68 -1.65 10.12 -5.87
CA GLN A 68 -1.92 10.95 -7.05
C GLN A 68 -0.77 11.92 -7.33
N GLN A 69 -0.09 12.33 -6.27
CA GLN A 69 1.07 13.22 -6.38
C GLN A 69 2.36 12.42 -6.54
N TYR A 70 2.53 11.43 -5.66
CA TYR A 70 3.78 10.69 -5.53
C TYR A 70 3.75 9.36 -6.27
N THR A 71 2.88 9.25 -7.28
CA THR A 71 2.64 7.97 -7.96
C THR A 71 3.94 7.30 -8.45
N GLU A 72 4.86 8.09 -8.99
CA GLU A 72 6.13 7.55 -9.50
C GLU A 72 7.06 7.16 -8.37
N ASN A 73 6.77 7.66 -7.16
CA ASN A 73 7.63 7.42 -5.99
C ASN A 73 6.96 6.44 -5.02
N VAL A 74 5.69 6.09 -5.25
CA VAL A 74 4.98 5.16 -4.36
C VAL A 74 4.24 4.11 -5.16
N LYS A 75 4.08 2.93 -4.56
CA LYS A 75 3.30 1.85 -5.15
C LYS A 75 2.49 1.14 -4.08
N ILE A 76 1.16 1.21 -4.19
CA ILE A 76 0.28 0.58 -3.22
C ILE A 76 -0.08 -0.81 -3.70
N TYR A 77 0.05 -1.81 -2.83
CA TYR A 77 -0.23 -3.20 -3.19
C TYR A 77 -1.25 -3.82 -2.25
N LYS A 78 -2.29 -4.41 -2.81
CA LYS A 78 -3.29 -5.13 -2.05
C LYS A 78 -2.74 -6.51 -1.66
N ILE A 79 -2.52 -6.74 -0.38
CA ILE A 79 -2.05 -8.03 0.09
C ILE A 79 -3.19 -9.05 0.10
N ASN A 80 -3.21 -9.91 -0.92
CA ASN A 80 -4.28 -10.90 -1.07
C ASN A 80 -4.28 -11.91 0.08
N ILE A 81 -3.08 -12.22 0.58
CA ILE A 81 -2.93 -13.14 1.70
C ILE A 81 -3.14 -12.39 3.03
N GLU A 82 -4.31 -11.78 3.14
CA GLU A 82 -4.65 -10.99 4.33
C GLU A 82 -5.24 -11.87 5.42
N ASP A 83 -5.71 -13.04 5.01
CA ASP A 83 -6.36 -13.98 5.91
C ASP A 83 -5.36 -14.69 6.81
N ASN A 84 -4.09 -14.70 6.41
CA ASN A 84 -3.08 -15.45 7.15
C ASN A 84 -1.71 -14.79 7.04
N GLN A 85 -1.52 -13.68 7.76
CA GLN A 85 -0.21 -13.04 7.87
C GLN A 85 -0.05 -12.45 9.27
N ASP A 86 0.85 -13.02 10.07
CA ASP A 86 1.06 -12.57 11.44
C ASP A 86 1.94 -11.32 11.49
N VAL A 87 2.20 -10.74 10.31
CA VAL A 87 2.91 -9.47 10.24
C VAL A 87 2.19 -8.42 11.07
N ALA A 88 0.86 -8.47 11.05
CA ALA A 88 0.03 -7.58 11.86
C ALA A 88 0.25 -7.87 13.34
N THR A 89 0.45 -9.14 13.67
CA THR A 89 0.75 -9.56 15.04
C THR A 89 2.15 -9.08 15.43
N GLN A 90 3.05 -9.03 14.45
CA GLN A 90 4.40 -8.52 14.65
C GLN A 90 4.34 -7.05 15.05
N TYR A 91 3.53 -6.29 14.31
CA TYR A 91 3.29 -4.88 14.62
C TYR A 91 2.33 -4.73 15.79
N GLY A 92 1.61 -5.80 16.11
CA GLY A 92 0.65 -5.79 17.19
C GLY A 92 -0.48 -4.80 16.95
N VAL A 93 -0.91 -4.71 15.69
CA VAL A 93 -1.91 -3.72 15.30
C VAL A 93 -3.33 -4.25 15.52
N SER A 94 -4.23 -3.37 15.91
CA SER A 94 -5.65 -3.69 16.02
C SER A 94 -6.47 -2.55 15.42
N ALA A 95 -6.65 -2.60 14.11
CA ALA A 95 -7.39 -1.60 13.38
C ALA A 95 -7.77 -2.11 12.00
N ILE A 96 -8.74 -1.47 11.37
CA ILE A 96 -9.17 -1.85 10.03
C ILE A 96 -9.21 -0.60 9.15
N PRO A 97 -8.33 -0.53 8.12
CA PRO A 97 -7.31 -1.53 7.84
C PRO A 97 -5.94 -1.13 8.39
N THR A 98 -4.88 -1.66 7.79
CA THR A 98 -3.52 -1.31 8.13
C THR A 98 -2.67 -1.33 6.86
N ILE A 99 -1.77 -0.35 6.73
CA ILE A 99 -0.90 -0.23 5.56
C ILE A 99 0.56 -0.23 6.02
N LEU A 100 1.41 -1.01 5.36
CA LEU A 100 2.84 -1.07 5.70
C LEU A 100 3.68 -0.45 4.58
N MET A 101 4.79 0.19 4.97
CA MET A 101 5.66 0.90 4.03
C MET A 101 7.05 0.25 3.96
N PHE A 102 7.41 -0.23 2.77
CA PHE A 102 8.70 -0.87 2.53
C PHE A 102 9.49 -0.09 1.47
N LYS A 103 10.82 -0.15 1.58
CA LYS A 103 11.73 0.53 0.67
C LYS A 103 13.14 -0.02 0.84
N ASN A 104 13.76 -0.47 -0.26
CA ASN A 104 15.15 -0.93 -0.23
C ASN A 104 15.29 -2.16 0.68
N GLY A 105 14.19 -2.91 0.81
CA GLY A 105 14.17 -4.09 1.67
C GLY A 105 14.10 -3.71 3.14
N LYS A 106 13.78 -2.45 3.39
CA LYS A 106 13.72 -1.91 4.74
C LYS A 106 12.27 -1.55 5.10
N LYS A 107 11.98 -1.50 6.40
CA LYS A 107 10.66 -1.10 6.89
C LYS A 107 10.73 0.35 7.38
N LEU A 108 9.85 1.20 6.85
CA LEU A 108 9.94 2.63 7.14
C LEU A 108 8.85 3.07 8.13
N SER A 109 7.60 2.75 7.82
CA SER A 109 6.45 3.23 8.58
C SER A 109 5.22 2.40 8.26
N GLN A 110 4.13 2.62 9.01
CA GLN A 110 2.88 1.88 8.82
C GLN A 110 1.68 2.76 9.13
N VAL A 111 0.74 2.84 8.18
CA VAL A 111 -0.48 3.61 8.36
C VAL A 111 -1.51 2.78 9.15
N ILE A 112 -1.72 3.18 10.40
CA ILE A 112 -2.68 2.51 11.28
C ILE A 112 -3.91 3.39 11.48
N GLY A 113 -5.05 2.91 11.00
CA GLY A 113 -6.29 3.65 11.15
C GLY A 113 -6.52 4.62 10.01
N ALA A 114 -6.93 5.83 10.33
CA ALA A 114 -7.21 6.86 9.34
C ALA A 114 -6.84 8.24 9.87
N ASP A 115 -5.55 8.53 9.87
CA ASP A 115 -5.04 9.82 10.36
C ASP A 115 -4.20 10.49 9.26
N ILE A 116 -4.84 11.30 8.44
CA ILE A 116 -4.17 11.96 7.31
C ILE A 116 -2.92 12.73 7.77
N SER A 117 -3.04 13.42 8.90
CA SER A 117 -1.94 14.19 9.49
C SER A 117 -0.73 13.29 9.78
N LYS A 118 -1.02 12.05 10.20
CA LYS A 118 0.00 11.09 10.56
C LYS A 118 0.63 10.46 9.31
N ILE A 119 -0.23 10.09 8.35
CA ILE A 119 0.23 9.40 7.15
C ILE A 119 1.11 10.31 6.30
N ILE A 120 0.75 11.60 6.22
CA ILE A 120 1.57 12.54 5.47
C ILE A 120 2.90 12.74 6.17
N SER A 121 2.89 12.64 7.50
CA SER A 121 4.08 12.82 8.30
C SER A 121 5.08 11.70 8.03
N GLU A 122 4.58 10.46 8.04
CA GLU A 122 5.44 9.29 7.87
C GLU A 122 5.84 9.10 6.39
N ILE A 123 4.89 9.27 5.48
CA ILE A 123 5.17 9.08 4.06
C ILE A 123 6.15 10.14 3.54
N ASN A 124 5.84 11.41 3.79
CA ASN A 124 6.70 12.52 3.33
C ASN A 124 8.08 12.44 3.97
N ASN A 125 8.18 11.72 5.08
CA ASN A 125 9.45 11.50 5.77
C ASN A 125 10.37 10.61 4.93
N ASN A 126 9.76 9.65 4.22
CA ASN A 126 10.51 8.63 3.49
C ASN A 126 10.57 8.89 1.99
N ILE A 127 9.82 9.88 1.51
CA ILE A 127 9.89 10.29 0.09
C ILE A 127 9.84 11.81 -0.03
N ASN A 128 10.14 12.31 -1.22
CA ASN A 128 10.18 13.74 -1.48
C ASN A 128 8.78 14.29 -1.77
N MET A 1 12.18 -0.16 24.14
CA MET A 1 10.91 -0.93 24.08
C MET A 1 11.17 -2.33 23.51
N ALA A 2 10.21 -3.22 23.72
CA ALA A 2 10.29 -4.59 23.23
C ALA A 2 8.92 -5.26 23.37
N HIS A 3 8.15 -5.27 22.29
CA HIS A 3 6.79 -5.83 22.33
C HIS A 3 6.42 -6.37 20.95
N HIS A 4 6.50 -7.69 20.78
CA HIS A 4 6.18 -8.33 19.51
C HIS A 4 5.44 -9.64 19.75
N HIS A 5 4.76 -10.13 18.73
CA HIS A 5 4.00 -11.38 18.81
C HIS A 5 4.65 -12.43 17.92
N HIS A 6 4.10 -13.64 17.91
CA HIS A 6 4.67 -14.73 17.13
C HIS A 6 4.37 -14.56 15.65
N HIS A 7 3.14 -14.89 15.26
CA HIS A 7 2.71 -14.82 13.87
C HIS A 7 1.26 -15.31 13.75
N HIS A 8 0.77 -15.45 12.52
CA HIS A 8 -0.59 -15.92 12.28
C HIS A 8 -0.55 -17.14 11.37
N MET A 9 -0.27 -16.92 10.09
CA MET A 9 -0.12 -17.99 9.10
C MET A 9 0.12 -17.41 7.71
N GLY A 10 0.95 -18.09 6.92
CA GLY A 10 1.16 -17.73 5.52
C GLY A 10 0.77 -18.88 4.62
N THR A 11 -0.52 -19.00 4.37
CA THR A 11 -1.09 -20.20 3.75
C THR A 11 -0.94 -20.23 2.22
N LEU A 12 -0.28 -19.21 1.65
CA LEU A 12 0.03 -19.19 0.22
C LEU A 12 -1.26 -19.16 -0.62
N GLU A 13 -2.34 -18.67 -0.02
CA GLU A 13 -3.63 -18.61 -0.71
C GLU A 13 -3.77 -17.32 -1.52
N ALA A 14 -2.74 -17.03 -2.32
CA ALA A 14 -2.74 -15.85 -3.18
C ALA A 14 -1.52 -15.87 -4.09
N GLN A 15 -1.71 -15.48 -5.34
CA GLN A 15 -0.63 -15.43 -6.32
C GLN A 15 -1.05 -14.52 -7.47
N THR A 16 -0.34 -13.41 -7.64
CA THR A 16 -0.73 -12.41 -8.63
C THR A 16 0.47 -11.59 -9.12
N GLN A 17 0.77 -11.73 -10.41
CA GLN A 17 1.81 -10.95 -11.05
C GLN A 17 1.25 -10.33 -12.34
N GLY A 18 1.19 -9.00 -12.36
CA GLY A 18 0.65 -8.29 -13.49
C GLY A 18 0.22 -6.88 -13.11
N PRO A 19 1.18 -5.98 -12.83
CA PRO A 19 0.88 -4.62 -12.38
C PRO A 19 0.35 -3.74 -13.52
N GLY A 20 -0.27 -2.64 -13.14
CA GLY A 20 -0.80 -1.69 -14.11
C GLY A 20 -1.39 -0.47 -13.44
N SER A 21 -2.01 -0.68 -12.29
CA SER A 21 -2.62 0.40 -11.51
C SER A 21 -1.65 0.88 -10.43
N MET A 22 -1.85 2.11 -9.94
CA MET A 22 -1.02 2.64 -8.85
C MET A 22 -1.38 1.93 -7.55
N ILE A 23 -2.64 1.48 -7.46
CA ILE A 23 -3.08 0.64 -6.37
C ILE A 23 -3.29 -0.77 -6.92
N GLU A 24 -2.23 -1.58 -6.89
CA GLU A 24 -2.27 -2.91 -7.48
C GLU A 24 -2.28 -3.99 -6.41
N GLN A 25 -2.79 -5.17 -6.74
CA GLN A 25 -2.80 -6.28 -5.80
C GLN A 25 -1.73 -7.31 -6.19
N ILE A 26 -1.17 -7.97 -5.19
CA ILE A 26 -0.13 -8.98 -5.40
C ILE A 26 -0.48 -10.26 -4.65
N GLY A 27 0.38 -11.26 -4.73
CA GLY A 27 0.09 -12.55 -4.13
C GLY A 27 0.93 -12.85 -2.91
N ASP A 28 0.63 -13.98 -2.28
CA ASP A 28 1.29 -14.43 -1.05
C ASP A 28 2.75 -14.81 -1.34
N SER A 29 3.00 -15.36 -2.52
CA SER A 29 4.30 -15.93 -2.85
C SER A 29 5.30 -14.83 -3.24
N GLU A 30 4.81 -13.85 -3.97
CA GLU A 30 5.66 -12.78 -4.51
C GLU A 30 5.66 -11.57 -3.59
N PHE A 31 4.91 -11.66 -2.48
CA PHE A 31 4.78 -10.55 -1.54
C PHE A 31 6.14 -9.94 -1.20
N ASP A 32 6.96 -10.67 -0.44
CA ASP A 32 8.28 -10.18 -0.06
C ASP A 32 9.15 -10.07 -1.30
N ASN A 33 8.91 -10.98 -2.24
CA ASN A 33 9.70 -11.10 -3.46
C ASN A 33 9.82 -9.76 -4.19
N LYS A 34 8.73 -8.99 -4.19
CA LYS A 34 8.72 -7.71 -4.87
C LYS A 34 8.67 -6.54 -3.89
N VAL A 35 8.13 -6.77 -2.69
CA VAL A 35 7.98 -5.70 -1.70
C VAL A 35 9.29 -5.43 -0.96
N THR A 36 9.90 -6.47 -0.39
CA THR A 36 11.11 -6.27 0.42
C THR A 36 12.34 -6.22 -0.47
N SER A 37 12.31 -7.02 -1.53
CA SER A 37 13.39 -7.07 -2.51
C SER A 37 13.23 -5.95 -3.56
N CYS A 38 12.35 -5.00 -3.28
CA CYS A 38 12.14 -3.84 -4.15
C CYS A 38 13.46 -3.12 -4.42
N ASN A 39 14.12 -3.50 -5.50
CA ASN A 39 15.40 -2.92 -5.89
C ASN A 39 15.22 -1.58 -6.60
N ASP A 40 13.96 -1.25 -6.89
CA ASP A 40 13.63 -0.02 -7.60
C ASP A 40 13.81 1.19 -6.68
N ASN A 41 13.87 0.93 -5.37
CA ASN A 41 14.09 1.97 -4.36
C ASN A 41 12.91 2.93 -4.30
N ILE A 42 11.75 2.47 -4.76
CA ILE A 42 10.52 3.26 -4.68
C ILE A 42 9.75 2.83 -3.43
N LEU A 43 8.96 3.74 -2.86
CA LEU A 43 8.25 3.45 -1.62
C LEU A 43 7.00 2.62 -1.89
N ILE A 44 7.03 1.38 -1.45
CA ILE A 44 5.90 0.47 -1.59
C ILE A 44 5.00 0.56 -0.37
N LEU A 45 3.73 0.89 -0.61
CA LEU A 45 2.74 1.00 0.45
C LEU A 45 1.83 -0.24 0.42
N VAL A 46 2.09 -1.17 1.34
CA VAL A 46 1.33 -2.42 1.40
C VAL A 46 0.06 -2.26 2.23
N ASP A 47 -1.09 -2.50 1.59
CA ASP A 47 -2.38 -2.41 2.28
C ASP A 47 -2.83 -3.78 2.78
N PHE A 48 -3.66 -3.78 3.81
CA PHE A 48 -4.10 -5.01 4.48
C PHE A 48 -5.06 -5.83 3.61
N TRP A 49 -6.23 -5.28 3.31
CA TRP A 49 -7.29 -6.03 2.65
C TRP A 49 -8.35 -5.10 2.06
N ALA A 50 -7.90 -4.14 1.26
CA ALA A 50 -8.78 -3.22 0.54
C ALA A 50 -9.49 -2.25 1.49
N PRO A 51 -9.29 -0.93 1.30
CA PRO A 51 -9.98 0.10 2.08
C PRO A 51 -11.48 0.16 1.76
N TRP A 52 -12.20 -0.89 2.18
CA TRP A 52 -13.65 -0.99 2.03
C TRP A 52 -14.07 -1.00 0.55
N CYS A 53 -14.41 -2.20 0.05
CA CYS A 53 -14.81 -2.35 -1.35
C CYS A 53 -16.23 -1.85 -1.57
N GLY A 54 -16.45 -1.17 -2.69
CA GLY A 54 -17.76 -0.63 -3.01
C GLY A 54 -17.67 0.49 -4.03
N PRO A 55 -18.82 1.04 -4.47
CA PRO A 55 -18.86 2.09 -5.50
C PRO A 55 -18.26 3.42 -5.01
N CYS A 56 -16.93 3.45 -4.92
CA CYS A 56 -16.18 4.65 -4.52
C CYS A 56 -16.69 5.23 -3.19
N ARG A 57 -17.40 4.42 -2.41
CA ARG A 57 -18.01 4.87 -1.15
C ARG A 57 -16.93 5.38 -0.19
N SER A 58 -16.12 4.45 0.31
CA SER A 58 -15.01 4.80 1.18
C SER A 58 -13.69 4.67 0.40
N LEU A 59 -13.81 4.45 -0.90
CA LEU A 59 -12.65 4.28 -1.76
C LEU A 59 -12.02 5.64 -2.08
N GLU A 60 -11.31 6.17 -1.10
CA GLU A 60 -10.59 7.43 -1.22
C GLU A 60 -9.61 7.55 -0.05
N PRO A 61 -8.77 6.52 0.16
CA PRO A 61 -7.90 6.43 1.33
C PRO A 61 -6.69 7.35 1.24
N GLN A 62 -5.96 7.44 2.35
CA GLN A 62 -4.76 8.28 2.42
C GLN A 62 -3.81 7.95 1.27
N LEU A 63 -3.74 6.66 0.96
CA LEU A 63 -2.80 6.15 -0.02
C LEU A 63 -3.04 6.77 -1.38
N GLU A 64 -4.31 6.78 -1.81
CA GLU A 64 -4.69 7.36 -3.08
C GLU A 64 -4.64 8.87 -3.00
N LYS A 65 -5.05 9.40 -1.84
CA LYS A 65 -5.07 10.84 -1.60
C LYS A 65 -3.71 11.45 -1.95
N LEU A 66 -2.63 10.81 -1.49
CA LEU A 66 -1.28 11.27 -1.81
C LEU A 66 -0.80 10.74 -3.15
N ALA A 67 -1.13 9.48 -3.47
CA ALA A 67 -0.66 8.83 -4.69
C ALA A 67 -1.05 9.63 -5.93
N GLN A 68 -2.24 10.22 -5.91
CA GLN A 68 -2.72 11.05 -7.01
C GLN A 68 -1.67 12.10 -7.40
N GLN A 69 -0.91 12.57 -6.40
CA GLN A 69 0.19 13.49 -6.64
C GLN A 69 1.52 12.76 -6.79
N TYR A 70 1.89 12.00 -5.76
CA TYR A 70 3.24 11.43 -5.65
C TYR A 70 3.35 10.02 -6.26
N THR A 71 2.44 9.67 -7.15
CA THR A 71 2.43 8.33 -7.77
C THR A 71 3.79 8.03 -8.41
N GLU A 72 4.50 9.09 -8.81
CA GLU A 72 5.81 8.99 -9.44
C GLU A 72 6.85 8.35 -8.51
N ASN A 73 6.59 8.37 -7.21
CA ASN A 73 7.57 7.88 -6.23
C ASN A 73 6.93 6.93 -5.21
N VAL A 74 5.67 6.56 -5.43
CA VAL A 74 5.00 5.61 -4.53
C VAL A 74 4.19 4.58 -5.32
N LYS A 75 4.22 3.34 -4.85
CA LYS A 75 3.45 2.25 -5.44
C LYS A 75 2.69 1.52 -4.35
N ILE A 76 1.38 1.44 -4.48
CA ILE A 76 0.55 0.79 -3.48
C ILE A 76 0.22 -0.63 -3.92
N TYR A 77 0.40 -1.59 -3.00
CA TYR A 77 0.15 -2.99 -3.29
C TYR A 77 -0.64 -3.62 -2.14
N LYS A 78 -1.73 -4.30 -2.47
CA LYS A 78 -2.56 -4.97 -1.47
C LYS A 78 -2.71 -6.44 -1.82
N ILE A 79 -3.29 -7.22 -0.91
CA ILE A 79 -3.56 -8.64 -1.16
C ILE A 79 -4.94 -8.98 -0.61
N ASN A 80 -5.58 -10.00 -1.19
CA ASN A 80 -6.82 -10.54 -0.64
C ASN A 80 -6.48 -11.42 0.55
N ILE A 81 -6.02 -10.78 1.62
CA ILE A 81 -5.60 -11.49 2.83
C ILE A 81 -6.81 -11.95 3.62
N GLU A 82 -7.03 -13.26 3.64
CA GLU A 82 -8.09 -13.85 4.44
C GLU A 82 -7.57 -14.04 5.87
N ASP A 83 -6.68 -15.00 6.05
CA ASP A 83 -5.98 -15.21 7.33
C ASP A 83 -4.48 -15.22 7.12
N ASN A 84 -4.06 -15.19 5.85
CA ASN A 84 -2.65 -15.34 5.50
C ASN A 84 -1.88 -14.02 5.66
N GLN A 85 -1.73 -13.59 6.90
CA GLN A 85 -0.87 -12.46 7.23
C GLN A 85 -0.22 -12.69 8.59
N ASP A 86 1.10 -12.66 8.62
CA ASP A 86 1.82 -12.73 9.89
C ASP A 86 2.05 -11.33 10.44
N VAL A 87 2.04 -10.36 9.54
CA VAL A 87 2.47 -8.99 9.85
C VAL A 87 1.60 -8.32 10.93
N ALA A 88 0.29 -8.27 10.71
CA ALA A 88 -0.60 -7.54 11.62
C ALA A 88 -0.60 -8.19 13.00
N THR A 89 -0.67 -9.51 13.01
CA THR A 89 -0.67 -10.27 14.26
C THR A 89 0.65 -10.06 15.01
N GLN A 90 1.75 -10.08 14.27
CA GLN A 90 3.09 -9.96 14.86
C GLN A 90 3.27 -8.59 15.51
N TYR A 91 2.95 -7.52 14.77
CA TYR A 91 3.08 -6.16 15.29
C TYR A 91 1.95 -5.86 16.28
N GLY A 92 0.89 -6.67 16.26
CA GLY A 92 -0.23 -6.49 17.16
C GLY A 92 -1.10 -5.32 16.77
N VAL A 93 -1.48 -5.27 15.49
CA VAL A 93 -2.32 -4.21 14.97
C VAL A 93 -3.80 -4.60 15.09
N SER A 94 -4.65 -3.63 15.40
CA SER A 94 -6.08 -3.86 15.57
C SER A 94 -6.89 -3.08 14.52
N ALA A 95 -6.72 -1.77 14.51
CA ALA A 95 -7.45 -0.89 13.60
C ALA A 95 -7.03 -1.13 12.14
N ILE A 96 -7.91 -1.75 11.37
CA ILE A 96 -7.68 -1.98 9.95
C ILE A 96 -8.57 -1.04 9.11
N PRO A 97 -8.22 -0.76 7.83
CA PRO A 97 -7.06 -1.35 7.15
C PRO A 97 -5.73 -0.82 7.68
N THR A 98 -4.69 -1.64 7.53
CA THR A 98 -3.35 -1.30 7.99
C THR A 98 -2.39 -1.30 6.80
N ILE A 99 -1.54 -0.28 6.74
CA ILE A 99 -0.58 -0.15 5.65
C ILE A 99 0.84 -0.18 6.21
N LEU A 100 1.74 -0.89 5.54
CA LEU A 100 3.14 -0.92 5.94
C LEU A 100 4.01 -0.43 4.78
N MET A 101 5.00 0.40 5.11
CA MET A 101 5.83 1.07 4.11
C MET A 101 7.18 0.37 3.97
N PHE A 102 7.47 -0.15 2.79
CA PHE A 102 8.74 -0.81 2.51
C PHE A 102 9.47 -0.12 1.36
N LYS A 103 10.80 -0.12 1.43
CA LYS A 103 11.63 0.43 0.35
C LYS A 103 13.05 -0.15 0.44
N ASN A 104 13.43 -0.90 -0.60
CA ASN A 104 14.76 -1.49 -0.70
C ASN A 104 15.16 -2.22 0.58
N GLY A 105 14.32 -3.14 1.01
CA GLY A 105 14.61 -3.98 2.16
C GLY A 105 14.34 -3.31 3.49
N LYS A 106 14.13 -2.00 3.49
CA LYS A 106 13.92 -1.25 4.73
C LYS A 106 12.43 -0.96 4.93
N LYS A 107 11.93 -1.25 6.14
CA LYS A 107 10.56 -0.89 6.51
C LYS A 107 10.57 0.50 7.16
N LEU A 108 9.98 1.47 6.47
CA LEU A 108 10.09 2.87 6.86
C LEU A 108 9.12 3.21 7.99
N SER A 109 7.85 2.90 7.78
CA SER A 109 6.78 3.31 8.68
C SER A 109 5.54 2.45 8.46
N GLN A 110 4.54 2.60 9.34
CA GLN A 110 3.33 1.79 9.27
C GLN A 110 2.10 2.63 9.60
N VAL A 111 1.10 2.62 8.72
CA VAL A 111 -0.15 3.35 8.92
C VAL A 111 -1.18 2.45 9.60
N ILE A 112 -1.73 2.93 10.72
CA ILE A 112 -2.79 2.21 11.43
C ILE A 112 -3.99 3.13 11.64
N GLY A 113 -5.06 2.90 10.90
CA GLY A 113 -6.27 3.70 11.04
C GLY A 113 -6.39 4.77 9.96
N ALA A 114 -6.89 5.94 10.34
CA ALA A 114 -7.12 7.02 9.38
C ALA A 114 -6.45 8.32 9.85
N ASP A 115 -5.15 8.24 10.08
CA ASP A 115 -4.37 9.42 10.52
C ASP A 115 -3.77 10.13 9.31
N ILE A 116 -4.62 10.78 8.53
CA ILE A 116 -4.18 11.47 7.30
C ILE A 116 -3.04 12.46 7.60
N SER A 117 -3.20 13.23 8.67
CA SER A 117 -2.21 14.23 9.06
C SER A 117 -0.88 13.59 9.43
N LYS A 118 -0.95 12.36 9.92
CA LYS A 118 0.25 11.60 10.28
C LYS A 118 0.89 10.97 9.03
N ILE A 119 0.06 10.38 8.17
CA ILE A 119 0.56 9.67 6.99
C ILE A 119 1.26 10.64 6.02
N ILE A 120 0.72 11.85 5.88
CA ILE A 120 1.36 12.85 5.03
C ILE A 120 2.75 13.16 5.56
N SER A 121 2.92 13.06 6.88
CA SER A 121 4.20 13.27 7.52
C SER A 121 5.16 12.12 7.21
N GLU A 122 4.70 10.89 7.44
CA GLU A 122 5.58 9.72 7.31
C GLU A 122 5.92 9.40 5.85
N ILE A 123 4.93 9.47 4.96
CA ILE A 123 5.18 9.18 3.54
C ILE A 123 6.16 10.19 2.94
N ASN A 124 5.77 11.46 3.00
CA ASN A 124 6.59 12.54 2.43
C ASN A 124 7.97 12.57 3.07
N ASN A 125 8.09 11.98 4.25
CA ASN A 125 9.35 11.87 4.96
C ASN A 125 10.28 10.88 4.27
N ASN A 126 9.72 9.78 3.77
CA ASN A 126 10.51 8.69 3.20
C ASN A 126 10.49 8.67 1.67
N ILE A 127 9.73 9.59 1.05
CA ILE A 127 9.80 9.79 -0.39
C ILE A 127 10.47 11.11 -0.71
N ASN A 128 10.81 11.29 -1.98
CA ASN A 128 11.57 12.47 -2.43
C ASN A 128 10.72 13.74 -2.27
N MET A 1 12.81 -4.24 24.60
CA MET A 1 11.47 -4.51 24.04
C MET A 1 11.47 -5.82 23.26
N ALA A 2 10.74 -6.80 23.76
CA ALA A 2 10.66 -8.12 23.14
C ALA A 2 10.06 -8.00 21.73
N HIS A 3 10.93 -8.04 20.72
CA HIS A 3 10.48 -7.97 19.32
C HIS A 3 10.12 -9.37 18.82
N HIS A 4 8.98 -9.47 18.13
CA HIS A 4 8.58 -10.72 17.49
C HIS A 4 8.38 -10.50 16.00
N HIS A 5 9.15 -11.21 15.19
CA HIS A 5 9.08 -11.08 13.73
C HIS A 5 8.92 -12.46 13.11
N HIS A 6 7.86 -12.64 12.32
CA HIS A 6 7.51 -13.93 11.76
C HIS A 6 6.36 -13.79 10.77
N HIS A 7 6.46 -14.49 9.64
CA HIS A 7 5.38 -14.56 8.67
C HIS A 7 5.63 -15.72 7.69
N HIS A 8 4.73 -16.69 7.69
CA HIS A 8 4.86 -17.86 6.84
C HIS A 8 4.53 -17.53 5.40
N MET A 9 5.03 -18.34 4.46
CA MET A 9 4.68 -18.19 3.05
C MET A 9 3.66 -19.26 2.69
N GLY A 10 2.55 -18.86 2.08
CA GLY A 10 1.52 -19.81 1.70
C GLY A 10 1.85 -20.48 0.37
N THR A 11 0.85 -20.60 -0.50
CA THR A 11 1.05 -21.18 -1.82
C THR A 11 0.03 -20.59 -2.80
N LEU A 12 0.17 -19.28 -3.05
CA LEU A 12 -0.72 -18.57 -3.96
C LEU A 12 0.00 -18.24 -5.26
N GLU A 13 -0.74 -17.66 -6.20
CA GLU A 13 -0.18 -17.19 -7.45
C GLU A 13 -1.02 -16.03 -7.97
N ALA A 14 -0.51 -14.83 -7.84
CA ALA A 14 -1.20 -13.64 -8.30
C ALA A 14 -0.42 -12.95 -9.42
N GLN A 15 -0.70 -13.36 -10.65
CA GLN A 15 -0.14 -12.71 -11.82
C GLN A 15 -1.02 -11.54 -12.22
N THR A 16 -0.41 -10.38 -12.48
CA THR A 16 -1.17 -9.17 -12.76
C THR A 16 -0.72 -8.53 -14.07
N GLN A 17 -1.42 -7.48 -14.48
CA GLN A 17 -1.14 -6.78 -15.73
C GLN A 17 -1.77 -5.39 -15.71
N GLY A 18 -0.93 -4.39 -15.50
CA GLY A 18 -1.38 -3.01 -15.44
C GLY A 18 -0.22 -2.06 -15.16
N PRO A 19 0.68 -1.88 -16.15
CA PRO A 19 1.91 -1.10 -15.98
C PRO A 19 1.66 0.33 -15.50
N GLY A 20 2.66 0.90 -14.82
CA GLY A 20 2.51 2.21 -14.21
C GLY A 20 2.01 2.07 -12.78
N SER A 21 0.76 1.60 -12.67
CA SER A 21 0.17 1.21 -11.40
C SER A 21 0.04 2.37 -10.40
N MET A 22 -0.92 2.24 -9.50
CA MET A 22 -1.07 3.13 -8.36
C MET A 22 -1.53 2.31 -7.15
N ILE A 23 -2.57 1.52 -7.36
CA ILE A 23 -3.07 0.57 -6.37
C ILE A 23 -3.02 -0.83 -7.00
N GLU A 24 -1.86 -1.47 -6.93
CA GLU A 24 -1.62 -2.73 -7.63
C GLU A 24 -2.08 -3.93 -6.79
N GLN A 25 -2.41 -5.03 -7.46
CA GLN A 25 -2.88 -6.24 -6.80
C GLN A 25 -1.77 -7.28 -6.71
N ILE A 26 -1.52 -7.77 -5.50
CA ILE A 26 -0.54 -8.85 -5.29
C ILE A 26 -1.14 -9.94 -4.42
N GLY A 27 -0.39 -11.03 -4.26
CA GLY A 27 -0.86 -12.16 -3.48
C GLY A 27 0.07 -12.47 -2.31
N ASP A 28 -0.14 -13.64 -1.72
CA ASP A 28 0.61 -14.06 -0.54
C ASP A 28 2.08 -14.33 -0.86
N SER A 29 2.33 -15.11 -1.90
CA SER A 29 3.68 -15.62 -2.17
C SER A 29 4.58 -14.56 -2.79
N GLU A 30 3.97 -13.65 -3.55
CA GLU A 30 4.71 -12.59 -4.22
C GLU A 30 4.81 -11.35 -3.34
N PHE A 31 3.99 -11.30 -2.29
CA PHE A 31 4.01 -10.19 -1.34
C PHE A 31 5.44 -9.91 -0.89
N ASP A 32 6.00 -10.81 -0.10
CA ASP A 32 7.37 -10.66 0.39
C ASP A 32 8.32 -10.52 -0.80
N ASN A 33 8.07 -11.36 -1.80
CA ASN A 33 8.96 -11.53 -2.96
C ASN A 33 9.29 -10.20 -3.63
N LYS A 34 8.30 -9.32 -3.77
CA LYS A 34 8.52 -8.05 -4.46
C LYS A 34 8.41 -6.85 -3.52
N VAL A 35 7.78 -7.02 -2.37
CA VAL A 35 7.61 -5.92 -1.42
C VAL A 35 8.87 -5.73 -0.58
N THR A 36 9.39 -6.81 -0.01
CA THR A 36 10.57 -6.70 0.85
C THR A 36 11.85 -6.80 0.02
N SER A 37 11.80 -7.63 -1.01
CA SER A 37 12.94 -7.80 -1.91
C SER A 37 12.92 -6.73 -3.00
N CYS A 38 12.09 -5.70 -2.82
CA CYS A 38 11.98 -4.61 -3.79
C CYS A 38 13.35 -3.99 -4.09
N ASN A 39 13.90 -4.33 -5.24
CA ASN A 39 15.17 -3.76 -5.70
C ASN A 39 14.94 -2.41 -6.35
N ASP A 40 13.66 -2.06 -6.57
CA ASP A 40 13.28 -0.80 -7.20
C ASP A 40 13.71 0.38 -6.35
N ASN A 41 13.73 0.16 -5.02
CA ASN A 41 14.10 1.19 -4.05
C ASN A 41 13.02 2.27 -3.94
N ILE A 42 11.85 1.98 -4.50
CA ILE A 42 10.70 2.88 -4.42
C ILE A 42 9.90 2.56 -3.15
N LEU A 43 9.06 3.49 -2.71
CA LEU A 43 8.25 3.26 -1.51
C LEU A 43 7.04 2.39 -1.85
N ILE A 44 7.08 1.15 -1.37
CA ILE A 44 5.97 0.23 -1.53
C ILE A 44 5.06 0.28 -0.29
N LEU A 45 3.89 0.88 -0.45
CA LEU A 45 2.90 0.97 0.61
C LEU A 45 1.88 -0.15 0.47
N VAL A 46 1.95 -1.14 1.35
CA VAL A 46 1.00 -2.24 1.31
C VAL A 46 -0.15 -1.99 2.27
N ASP A 47 -1.38 -2.13 1.78
CA ASP A 47 -2.56 -1.89 2.60
C ASP A 47 -3.19 -3.21 3.03
N PHE A 48 -3.64 -3.27 4.27
CA PHE A 48 -4.32 -4.44 4.79
C PHE A 48 -5.84 -4.26 4.62
N TRP A 49 -6.26 -4.27 3.36
CA TRP A 49 -7.66 -4.28 2.98
C TRP A 49 -8.36 -2.95 3.26
N ALA A 50 -8.29 -2.06 2.28
CA ALA A 50 -9.12 -0.86 2.24
C ALA A 50 -10.10 -0.97 1.06
N PRO A 51 -11.21 -1.70 1.24
CA PRO A 51 -12.14 -2.04 0.16
C PRO A 51 -13.17 -0.95 -0.10
N TRP A 52 -13.03 0.20 0.56
CA TRP A 52 -13.90 1.36 0.36
C TRP A 52 -15.37 1.04 0.67
N CYS A 53 -15.63 -0.15 1.21
CA CYS A 53 -17.01 -0.60 1.47
C CYS A 53 -17.46 -0.22 2.88
N GLY A 54 -16.51 0.18 3.72
CA GLY A 54 -16.81 0.51 5.11
C GLY A 54 -17.57 1.83 5.23
N PRO A 55 -18.00 2.18 6.46
CA PRO A 55 -18.75 3.43 6.72
C PRO A 55 -17.83 4.65 6.77
N CYS A 56 -16.82 4.67 5.91
CA CYS A 56 -15.86 5.75 5.85
C CYS A 56 -16.55 7.04 5.38
N ARG A 57 -16.50 8.07 6.21
CA ARG A 57 -17.18 9.34 5.93
C ARG A 57 -16.32 10.23 5.03
N SER A 58 -15.68 9.61 4.03
CA SER A 58 -14.82 10.33 3.11
C SER A 58 -15.06 9.86 1.68
N LEU A 59 -14.42 10.52 0.73
CA LEU A 59 -14.51 10.15 -0.68
C LEU A 59 -13.26 9.39 -1.09
N GLU A 60 -12.22 9.47 -0.26
CA GLU A 60 -10.93 8.86 -0.56
C GLU A 60 -10.06 8.79 0.71
N PRO A 61 -9.35 7.67 0.93
CA PRO A 61 -8.45 7.52 2.07
C PRO A 61 -7.10 8.21 1.85
N GLN A 62 -6.18 8.01 2.79
CA GLN A 62 -4.89 8.70 2.79
C GLN A 62 -4.08 8.30 1.54
N LEU A 63 -4.02 6.99 1.31
CA LEU A 63 -3.22 6.43 0.23
C LEU A 63 -3.64 7.01 -1.12
N GLU A 64 -4.94 7.20 -1.34
CA GLU A 64 -5.41 7.81 -2.58
C GLU A 64 -5.05 9.29 -2.61
N LYS A 65 -5.24 9.96 -1.48
CA LYS A 65 -4.93 11.38 -1.36
C LYS A 65 -3.52 11.70 -1.85
N LEU A 66 -2.52 10.98 -1.33
CA LEU A 66 -1.13 11.28 -1.70
C LEU A 66 -0.69 10.56 -2.98
N ALA A 67 -1.04 9.29 -3.14
CA ALA A 67 -0.52 8.47 -4.24
C ALA A 67 -0.91 9.05 -5.61
N GLN A 68 -2.10 9.66 -5.68
CA GLN A 68 -2.57 10.26 -6.93
C GLN A 68 -1.53 11.22 -7.51
N GLN A 69 -0.79 11.88 -6.61
CA GLN A 69 0.29 12.78 -7.01
C GLN A 69 1.63 12.04 -7.01
N TYR A 70 1.95 11.41 -5.88
CA TYR A 70 3.28 10.85 -5.64
C TYR A 70 3.45 9.44 -6.20
N THR A 71 2.55 8.99 -7.08
CA THR A 71 2.62 7.64 -7.63
C THR A 71 4.01 7.35 -8.23
N GLU A 72 4.65 8.38 -8.76
CA GLU A 72 5.97 8.24 -9.39
C GLU A 72 7.04 7.87 -8.36
N ASN A 73 6.73 8.06 -7.08
CA ASN A 73 7.70 7.82 -5.99
C ASN A 73 7.11 6.85 -4.96
N VAL A 74 5.83 6.50 -5.10
CA VAL A 74 5.17 5.58 -4.17
C VAL A 74 4.22 4.66 -4.93
N LYS A 75 4.02 3.46 -4.41
CA LYS A 75 3.14 2.48 -5.05
C LYS A 75 2.42 1.66 -3.99
N ILE A 76 1.09 1.61 -4.09
CA ILE A 76 0.28 0.87 -3.11
C ILE A 76 -0.02 -0.53 -3.63
N TYR A 77 -0.03 -1.52 -2.73
CA TYR A 77 -0.30 -2.90 -3.08
C TYR A 77 -1.26 -3.53 -2.06
N LYS A 78 -2.30 -4.19 -2.55
CA LYS A 78 -3.26 -4.87 -1.68
C LYS A 78 -2.79 -6.30 -1.37
N ILE A 79 -2.88 -6.67 -0.09
CA ILE A 79 -2.45 -7.98 0.38
C ILE A 79 -3.62 -8.97 0.37
N ASN A 80 -3.30 -10.27 0.37
CA ASN A 80 -4.30 -11.32 0.50
C ASN A 80 -4.96 -11.26 1.89
N ILE A 81 -5.92 -12.15 2.17
CA ILE A 81 -6.66 -12.14 3.42
C ILE A 81 -5.73 -11.96 4.63
N GLU A 82 -6.06 -10.96 5.45
CA GLU A 82 -5.20 -10.49 6.55
C GLU A 82 -4.57 -11.63 7.36
N ASP A 83 -5.39 -12.58 7.80
CA ASP A 83 -4.96 -13.59 8.78
C ASP A 83 -4.08 -14.67 8.13
N ASN A 84 -3.79 -14.53 6.84
CA ASN A 84 -2.94 -15.50 6.14
C ASN A 84 -1.49 -15.05 6.14
N GLN A 85 -1.25 -13.86 6.66
CA GLN A 85 0.10 -13.33 6.80
C GLN A 85 0.31 -12.83 8.23
N ASP A 86 1.27 -13.46 8.91
CA ASP A 86 1.55 -13.16 10.31
C ASP A 86 2.12 -11.76 10.48
N VAL A 87 2.36 -11.07 9.35
CA VAL A 87 2.85 -9.70 9.37
C VAL A 87 1.96 -8.81 10.25
N ALA A 88 0.65 -9.00 10.11
CA ALA A 88 -0.32 -8.26 10.92
C ALA A 88 -0.11 -8.56 12.39
N THR A 89 0.10 -9.84 12.69
CA THR A 89 0.34 -10.29 14.06
C THR A 89 1.69 -9.77 14.55
N GLN A 90 2.63 -9.62 13.62
CA GLN A 90 3.98 -9.16 13.92
C GLN A 90 3.94 -7.72 14.42
N TYR A 91 3.38 -6.83 13.63
CA TYR A 91 3.29 -5.41 13.98
C TYR A 91 2.15 -5.15 14.96
N GLY A 92 1.32 -6.17 15.18
CA GLY A 92 0.25 -6.07 16.15
C GLY A 92 -0.89 -5.19 15.68
N VAL A 93 -1.32 -5.42 14.44
CA VAL A 93 -2.45 -4.68 13.87
C VAL A 93 -3.74 -4.99 14.62
N SER A 94 -4.18 -4.03 15.44
CA SER A 94 -5.39 -4.18 16.22
C SER A 94 -6.53 -3.31 15.66
N ALA A 95 -6.25 -2.59 14.58
CA ALA A 95 -7.22 -1.68 13.99
C ALA A 95 -7.01 -1.58 12.48
N ILE A 96 -8.08 -1.82 11.73
CA ILE A 96 -8.05 -1.70 10.27
C ILE A 96 -8.68 -0.37 9.84
N PRO A 97 -8.24 0.21 8.69
CA PRO A 97 -7.20 -0.37 7.83
C PRO A 97 -5.79 -0.12 8.36
N THR A 98 -4.79 -0.65 7.66
CA THR A 98 -3.39 -0.50 8.05
C THR A 98 -2.49 -0.45 6.82
N ILE A 99 -1.58 0.52 6.79
CA ILE A 99 -0.65 0.67 5.66
C ILE A 99 0.79 0.52 6.15
N LEU A 100 1.60 -0.25 5.45
CA LEU A 100 3.01 -0.40 5.80
C LEU A 100 3.91 0.11 4.68
N MET A 101 4.88 0.94 5.05
CA MET A 101 5.82 1.52 4.10
C MET A 101 7.10 0.68 4.04
N PHE A 102 7.31 -0.04 2.94
CA PHE A 102 8.51 -0.86 2.75
C PHE A 102 9.40 -0.25 1.67
N LYS A 103 10.71 -0.43 1.85
CA LYS A 103 11.69 -0.02 0.85
C LYS A 103 12.95 -0.88 0.99
N ASN A 104 13.16 -1.78 0.04
CA ASN A 104 14.35 -2.65 -0.01
C ASN A 104 14.40 -3.54 1.24
N GLY A 105 13.23 -3.87 1.78
CA GLY A 105 13.15 -4.74 2.96
C GLY A 105 13.15 -3.95 4.25
N LYS A 106 13.44 -2.66 4.17
CA LYS A 106 13.42 -1.79 5.34
C LYS A 106 12.09 -1.07 5.41
N LYS A 107 11.35 -1.28 6.50
CA LYS A 107 10.08 -0.59 6.69
C LYS A 107 10.34 0.77 7.31
N LEU A 108 9.78 1.81 6.69
CA LEU A 108 9.99 3.19 7.14
C LEU A 108 8.97 3.57 8.19
N SER A 109 7.71 3.27 7.93
CA SER A 109 6.63 3.67 8.81
C SER A 109 5.39 2.82 8.55
N GLN A 110 4.38 2.98 9.41
CA GLN A 110 3.17 2.18 9.36
C GLN A 110 1.96 2.98 9.86
N VAL A 111 0.89 2.97 9.07
CA VAL A 111 -0.36 3.66 9.40
C VAL A 111 -1.34 2.68 10.03
N ILE A 112 -1.62 2.84 11.32
CA ILE A 112 -2.59 1.97 12.00
C ILE A 112 -3.88 2.76 12.27
N GLY A 113 -4.93 2.46 11.53
CA GLY A 113 -6.17 3.19 11.64
C GLY A 113 -6.39 4.14 10.48
N ALA A 114 -6.34 5.44 10.73
CA ALA A 114 -6.48 6.44 9.68
C ALA A 114 -5.86 7.77 10.12
N ASP A 115 -4.58 7.73 10.46
CA ASP A 115 -3.85 8.90 10.92
C ASP A 115 -3.31 9.70 9.74
N ILE A 116 -4.20 10.42 9.05
CA ILE A 116 -3.83 11.22 7.87
C ILE A 116 -2.65 12.16 8.18
N SER A 117 -2.69 12.78 9.35
CA SER A 117 -1.63 13.69 9.78
C SER A 117 -0.29 12.97 9.90
N LYS A 118 -0.35 11.67 10.21
CA LYS A 118 0.86 10.86 10.33
C LYS A 118 1.34 10.46 8.93
N ILE A 119 0.40 10.09 8.06
CA ILE A 119 0.73 9.57 6.73
C ILE A 119 1.41 10.65 5.89
N ILE A 120 0.89 11.87 5.94
CA ILE A 120 1.47 12.96 5.17
C ILE A 120 2.89 13.24 5.64
N SER A 121 3.13 13.04 6.93
CA SER A 121 4.45 13.23 7.51
C SER A 121 5.42 12.13 7.05
N GLU A 122 4.99 10.87 7.21
CA GLU A 122 5.87 9.72 6.99
C GLU A 122 6.21 9.55 5.51
N ILE A 123 5.23 9.75 4.64
CA ILE A 123 5.45 9.63 3.20
C ILE A 123 6.36 10.74 2.70
N ASN A 124 5.95 11.99 2.93
CA ASN A 124 6.73 13.16 2.49
C ASN A 124 8.12 13.15 3.13
N ASN A 125 8.24 12.47 4.26
CA ASN A 125 9.51 12.36 4.97
C ASN A 125 10.53 11.52 4.17
N ASN A 126 10.01 10.59 3.37
CA ASN A 126 10.87 9.66 2.65
C ASN A 126 10.84 9.89 1.13
N ILE A 127 10.05 10.87 0.68
CA ILE A 127 10.00 11.22 -0.75
C ILE A 127 10.13 12.72 -0.96
N ASN A 128 10.33 13.10 -2.21
CA ASN A 128 10.52 14.50 -2.60
C ASN A 128 9.21 15.26 -2.48
N MET A 1 -4.42 -8.06 -39.44
CA MET A 1 -5.70 -7.98 -38.69
C MET A 1 -6.65 -7.00 -39.38
N ALA A 2 -7.59 -7.53 -40.15
CA ALA A 2 -8.65 -6.73 -40.75
C ALA A 2 -9.70 -6.40 -39.69
N HIS A 3 -10.04 -7.41 -38.88
CA HIS A 3 -11.01 -7.24 -37.81
C HIS A 3 -10.30 -6.75 -36.55
N HIS A 4 -10.41 -5.45 -36.30
CA HIS A 4 -9.79 -4.84 -35.13
C HIS A 4 -10.74 -4.91 -33.94
N HIS A 5 -10.33 -5.58 -32.88
CA HIS A 5 -11.18 -5.76 -31.69
C HIS A 5 -11.67 -4.41 -31.16
N HIS A 6 -12.98 -4.30 -30.97
CA HIS A 6 -13.59 -3.09 -30.41
C HIS A 6 -13.94 -3.31 -28.94
N HIS A 7 -13.48 -2.41 -28.08
CA HIS A 7 -13.73 -2.51 -26.66
C HIS A 7 -15.22 -2.33 -26.36
N HIS A 8 -15.71 -3.07 -25.37
CA HIS A 8 -17.10 -2.93 -24.93
C HIS A 8 -17.26 -1.60 -24.18
N MET A 9 -18.47 -1.04 -24.22
CA MET A 9 -18.74 0.25 -23.58
C MET A 9 -19.24 0.06 -22.15
N GLY A 10 -19.87 -1.08 -21.90
CA GLY A 10 -20.42 -1.36 -20.58
C GLY A 10 -19.97 -2.71 -20.05
N THR A 11 -20.71 -3.75 -20.41
CA THR A 11 -20.39 -5.11 -19.98
C THR A 11 -19.14 -5.62 -20.70
N LEU A 12 -18.06 -5.80 -19.95
CA LEU A 12 -16.78 -6.28 -20.50
C LEU A 12 -16.82 -7.77 -20.79
N GLU A 13 -15.67 -8.34 -21.15
CA GLU A 13 -15.56 -9.76 -21.47
C GLU A 13 -14.09 -10.19 -21.41
N ALA A 14 -13.29 -9.61 -22.29
CA ALA A 14 -11.85 -9.89 -22.35
C ALA A 14 -11.06 -8.89 -21.51
N GLN A 15 -9.74 -9.05 -21.51
CA GLN A 15 -8.87 -8.18 -20.73
C GLN A 15 -8.81 -6.78 -21.34
N THR A 16 -9.54 -5.86 -20.74
CA THR A 16 -9.52 -4.46 -21.13
C THR A 16 -8.14 -3.85 -20.83
N GLN A 17 -7.78 -2.79 -21.57
CA GLN A 17 -6.54 -2.07 -21.32
C GLN A 17 -6.48 -1.62 -19.85
N GLY A 18 -5.35 -1.90 -19.20
CA GLY A 18 -5.21 -1.61 -17.79
C GLY A 18 -3.76 -1.68 -17.35
N PRO A 19 -2.99 -0.60 -17.59
CA PRO A 19 -1.57 -0.54 -17.24
C PRO A 19 -1.33 -0.52 -15.73
N GLY A 20 -0.05 -0.45 -15.34
CA GLY A 20 0.33 -0.45 -13.94
C GLY A 20 -0.40 0.60 -13.13
N SER A 21 -1.13 0.17 -12.11
CA SER A 21 -1.95 1.06 -11.29
C SER A 21 -1.19 1.52 -10.04
N MET A 22 -1.53 2.70 -9.54
CA MET A 22 -0.97 3.22 -8.29
C MET A 22 -1.39 2.33 -7.12
N ILE A 23 -2.69 2.04 -7.05
CA ILE A 23 -3.24 1.14 -6.05
C ILE A 23 -3.48 -0.22 -6.70
N GLU A 24 -2.49 -1.09 -6.59
CA GLU A 24 -2.45 -2.34 -7.34
C GLU A 24 -2.58 -3.55 -6.41
N GLN A 25 -3.20 -4.63 -6.89
CA GLN A 25 -3.36 -5.84 -6.07
C GLN A 25 -2.29 -6.87 -6.43
N ILE A 26 -1.87 -7.66 -5.45
CA ILE A 26 -0.79 -8.63 -5.65
C ILE A 26 -1.11 -9.96 -4.98
N GLY A 27 -0.39 -10.99 -5.39
CA GLY A 27 -0.53 -12.31 -4.81
C GLY A 27 0.62 -12.63 -3.86
N ASP A 28 0.51 -13.74 -3.13
CA ASP A 28 1.53 -14.13 -2.15
C ASP A 28 2.84 -14.52 -2.82
N SER A 29 2.75 -15.05 -4.05
CA SER A 29 3.93 -15.50 -4.78
C SER A 29 4.81 -14.32 -5.19
N GLU A 30 4.19 -13.21 -5.54
CA GLU A 30 4.90 -12.01 -5.98
C GLU A 30 5.04 -11.00 -4.84
N PHE A 31 4.33 -11.26 -3.73
CA PHE A 31 4.31 -10.34 -2.58
C PHE A 31 5.70 -9.86 -2.22
N ASP A 32 6.52 -10.74 -1.66
CA ASP A 32 7.88 -10.40 -1.28
C ASP A 32 8.69 -10.09 -2.54
N ASN A 33 8.39 -10.84 -3.59
CA ASN A 33 9.13 -10.78 -4.85
C ASN A 33 9.23 -9.35 -5.39
N LYS A 34 8.21 -8.55 -5.16
CA LYS A 34 8.20 -7.17 -5.64
C LYS A 34 8.20 -6.17 -4.47
N VAL A 35 7.82 -6.62 -3.28
CA VAL A 35 7.81 -5.74 -2.10
C VAL A 35 9.17 -5.72 -1.38
N THR A 36 9.65 -6.91 -0.97
CA THR A 36 10.88 -6.97 -0.17
C THR A 36 12.10 -6.78 -1.08
N SER A 37 11.92 -7.07 -2.36
CA SER A 37 12.98 -6.93 -3.35
C SER A 37 13.03 -5.50 -3.91
N CYS A 38 12.31 -4.58 -3.25
CA CYS A 38 12.30 -3.18 -3.64
C CYS A 38 13.70 -2.59 -3.62
N ASN A 39 14.38 -2.66 -4.75
CA ASN A 39 15.74 -2.14 -4.90
C ASN A 39 15.71 -0.79 -5.60
N ASP A 40 14.52 -0.41 -6.06
CA ASP A 40 14.34 0.78 -6.88
C ASP A 40 14.33 2.05 -6.02
N ASN A 41 14.39 1.88 -4.69
CA ASN A 41 14.32 2.99 -3.74
C ASN A 41 12.94 3.64 -3.78
N ILE A 42 11.97 2.95 -4.35
CA ILE A 42 10.60 3.42 -4.41
C ILE A 42 9.86 3.00 -3.14
N LEU A 43 8.99 3.86 -2.62
CA LEU A 43 8.26 3.57 -1.40
C LEU A 43 7.04 2.70 -1.71
N ILE A 44 7.04 1.49 -1.16
CA ILE A 44 5.96 0.55 -1.37
C ILE A 44 5.04 0.49 -0.14
N LEU A 45 3.79 0.86 -0.35
CA LEU A 45 2.78 0.88 0.72
C LEU A 45 1.82 -0.30 0.55
N VAL A 46 1.99 -1.34 1.36
CA VAL A 46 1.16 -2.54 1.24
C VAL A 46 0.18 -2.67 2.41
N ASP A 47 -1.11 -2.75 2.09
CA ASP A 47 -2.13 -3.08 3.08
C ASP A 47 -2.34 -4.58 3.10
N PHE A 48 -2.70 -5.12 4.25
CA PHE A 48 -2.87 -6.58 4.41
C PHE A 48 -4.01 -7.09 3.54
N TRP A 49 -5.14 -6.37 3.54
CA TRP A 49 -6.36 -6.76 2.82
C TRP A 49 -7.54 -5.91 3.29
N ALA A 50 -7.44 -5.43 4.53
CA ALA A 50 -8.52 -4.70 5.19
C ALA A 50 -9.70 -5.63 5.49
N PRO A 51 -9.69 -6.27 6.68
CA PRO A 51 -10.72 -7.26 7.08
C PRO A 51 -12.15 -6.79 6.83
N TRP A 52 -12.37 -5.48 6.98
CA TRP A 52 -13.70 -4.91 6.75
C TRP A 52 -13.59 -3.41 6.49
N CYS A 53 -12.96 -2.68 7.42
CA CYS A 53 -12.76 -1.24 7.25
C CYS A 53 -11.51 -0.98 6.44
N GLY A 54 -11.69 -0.67 5.17
CA GLY A 54 -10.57 -0.39 4.29
C GLY A 54 -10.62 1.02 3.72
N PRO A 55 -9.89 1.28 2.62
CA PRO A 55 -9.85 2.61 1.99
C PRO A 55 -11.11 2.91 1.17
N CYS A 56 -12.21 2.26 1.51
CA CYS A 56 -13.48 2.45 0.80
C CYS A 56 -14.01 3.86 1.03
N ARG A 57 -13.71 4.75 0.09
CA ARG A 57 -14.13 6.15 0.16
C ARG A 57 -14.40 6.69 -1.24
N SER A 58 -15.13 7.79 -1.32
CA SER A 58 -15.41 8.44 -2.59
C SER A 58 -14.51 9.66 -2.76
N LEU A 59 -14.34 10.43 -1.69
CA LEU A 59 -13.52 11.64 -1.74
C LEU A 59 -12.08 11.33 -1.31
N GLU A 60 -11.35 10.65 -2.19
CA GLU A 60 -9.91 10.40 -2.06
C GLU A 60 -9.46 10.05 -0.63
N PRO A 61 -9.28 8.75 -0.31
CA PRO A 61 -8.63 8.33 0.93
C PRO A 61 -7.14 8.69 0.91
N GLN A 62 -6.47 8.51 2.05
CA GLN A 62 -5.07 8.92 2.23
C GLN A 62 -4.19 8.45 1.08
N LEU A 63 -4.18 7.13 0.88
CA LEU A 63 -3.31 6.51 -0.11
C LEU A 63 -3.61 6.98 -1.52
N GLU A 64 -4.89 7.17 -1.85
CA GLU A 64 -5.26 7.66 -3.17
C GLU A 64 -4.88 9.14 -3.29
N LYS A 65 -5.00 9.87 -2.19
CA LYS A 65 -4.66 11.28 -2.15
C LYS A 65 -3.20 11.49 -2.56
N LEU A 66 -2.29 10.83 -1.86
CA LEU A 66 -0.86 11.04 -2.11
C LEU A 66 -0.36 10.26 -3.32
N ALA A 67 -0.96 9.10 -3.60
CA ALA A 67 -0.51 8.26 -4.72
C ALA A 67 -0.67 8.98 -6.05
N GLN A 68 -1.70 9.82 -6.17
CA GLN A 68 -1.94 10.56 -7.41
C GLN A 68 -0.80 11.54 -7.68
N GLN A 69 -0.18 12.03 -6.61
CA GLN A 69 0.88 13.02 -6.72
C GLN A 69 2.25 12.34 -6.85
N TYR A 70 2.59 11.53 -5.85
CA TYR A 70 3.91 10.91 -5.74
C TYR A 70 3.97 9.57 -6.48
N THR A 71 3.10 9.38 -7.46
CA THR A 71 2.89 8.06 -8.07
C THR A 71 4.20 7.38 -8.53
N GLU A 72 5.12 8.16 -9.08
CA GLU A 72 6.37 7.59 -9.60
C GLU A 72 7.30 7.17 -8.46
N ASN A 73 7.03 7.67 -7.26
CA ASN A 73 7.88 7.39 -6.10
C ASN A 73 7.12 6.55 -5.06
N VAL A 74 5.84 6.27 -5.31
CA VAL A 74 5.05 5.44 -4.39
C VAL A 74 4.28 4.37 -5.14
N LYS A 75 4.27 3.17 -4.59
CA LYS A 75 3.52 2.05 -5.15
C LYS A 75 2.68 1.42 -4.05
N ILE A 76 1.36 1.50 -4.18
CA ILE A 76 0.45 0.97 -3.16
C ILE A 76 -0.05 -0.40 -3.59
N TYR A 77 -0.04 -1.35 -2.67
CA TYR A 77 -0.47 -2.71 -2.95
C TYR A 77 -1.43 -3.19 -1.86
N LYS A 78 -2.26 -4.15 -2.22
CA LYS A 78 -3.10 -4.86 -1.26
C LYS A 78 -3.21 -6.31 -1.69
N ILE A 79 -2.93 -7.22 -0.77
CA ILE A 79 -2.91 -8.65 -1.07
C ILE A 79 -4.16 -9.32 -0.51
N ASN A 80 -4.60 -10.39 -1.15
CA ASN A 80 -5.84 -11.07 -0.76
C ASN A 80 -5.58 -12.07 0.36
N ILE A 81 -5.24 -11.57 1.54
CA ILE A 81 -5.05 -12.40 2.74
C ILE A 81 -5.91 -11.86 3.88
N GLU A 82 -6.95 -12.60 4.23
CA GLU A 82 -7.96 -12.11 5.17
C GLU A 82 -7.35 -11.76 6.54
N ASP A 83 -6.97 -12.79 7.29
CA ASP A 83 -6.44 -12.61 8.64
C ASP A 83 -5.07 -13.27 8.81
N ASN A 84 -4.76 -14.21 7.91
CA ASN A 84 -3.60 -15.09 8.06
C ASN A 84 -2.29 -14.33 7.84
N GLN A 85 -1.88 -13.56 8.84
CA GLN A 85 -0.65 -12.77 8.77
C GLN A 85 0.04 -12.71 10.14
N ASP A 86 1.16 -13.42 10.28
CA ASP A 86 1.97 -13.34 11.49
C ASP A 86 2.38 -11.91 11.76
N VAL A 87 2.64 -11.18 10.67
CA VAL A 87 3.05 -9.79 10.71
C VAL A 87 2.07 -8.96 11.55
N ALA A 88 0.79 -9.18 11.33
CA ALA A 88 -0.26 -8.42 12.01
C ALA A 88 -0.16 -8.59 13.52
N THR A 89 0.02 -9.84 13.95
CA THR A 89 0.14 -10.16 15.37
C THR A 89 1.51 -9.72 15.90
N GLN A 90 2.52 -9.76 15.03
CA GLN A 90 3.88 -9.40 15.40
C GLN A 90 3.96 -7.93 15.80
N TYR A 91 3.31 -7.07 15.01
CA TYR A 91 3.24 -5.64 15.34
C TYR A 91 2.05 -5.37 16.27
N GLY A 92 1.16 -6.35 16.39
CA GLY A 92 0.02 -6.22 17.27
C GLY A 92 -0.93 -5.13 16.82
N VAL A 93 -1.39 -5.22 15.58
CA VAL A 93 -2.31 -4.22 15.02
C VAL A 93 -3.71 -4.39 15.61
N SER A 94 -4.29 -3.28 16.06
CA SER A 94 -5.62 -3.30 16.65
C SER A 94 -6.58 -2.38 15.89
N ALA A 95 -6.08 -1.71 14.86
CA ALA A 95 -6.88 -0.77 14.08
C ALA A 95 -6.65 -0.95 12.58
N ILE A 96 -7.74 -1.09 11.84
CA ILE A 96 -7.69 -1.27 10.39
C ILE A 96 -8.29 -0.04 9.69
N PRO A 97 -7.90 0.24 8.43
CA PRO A 97 -6.94 -0.57 7.65
C PRO A 97 -5.51 -0.46 8.20
N THR A 98 -4.59 -1.20 7.58
CA THR A 98 -3.22 -1.24 8.07
C THR A 98 -2.25 -1.41 6.91
N ILE A 99 -1.42 -0.38 6.71
CA ILE A 99 -0.47 -0.35 5.60
C ILE A 99 0.97 -0.31 6.13
N LEU A 100 1.81 -1.19 5.63
CA LEU A 100 3.23 -1.16 5.97
C LEU A 100 4.04 -0.59 4.82
N MET A 101 4.94 0.34 5.12
CA MET A 101 5.73 1.03 4.11
C MET A 101 7.14 0.45 4.05
N PHE A 102 7.46 -0.20 2.92
CA PHE A 102 8.78 -0.79 2.72
C PHE A 102 9.55 -0.06 1.61
N LYS A 103 10.86 -0.01 1.75
CA LYS A 103 11.74 0.59 0.75
C LYS A 103 13.18 0.10 0.97
N ASN A 104 13.83 -0.35 -0.10
CA ASN A 104 15.21 -0.87 -0.03
C ASN A 104 15.28 -2.05 0.93
N GLY A 105 14.19 -2.81 0.99
CA GLY A 105 14.12 -3.98 1.86
C GLY A 105 14.10 -3.62 3.33
N LYS A 106 13.70 -2.38 3.63
CA LYS A 106 13.60 -1.92 5.00
C LYS A 106 12.31 -1.13 5.18
N LYS A 107 11.56 -1.41 6.25
CA LYS A 107 10.29 -0.74 6.48
C LYS A 107 10.55 0.61 7.15
N LEU A 108 9.83 1.63 6.68
CA LEU A 108 10.01 2.99 7.18
C LEU A 108 8.93 3.33 8.20
N SER A 109 7.68 3.12 7.81
CA SER A 109 6.54 3.58 8.59
C SER A 109 5.33 2.67 8.38
N GLN A 110 4.27 2.89 9.16
CA GLN A 110 3.10 2.03 9.17
C GLN A 110 1.83 2.84 9.41
N VAL A 111 0.90 2.75 8.47
CA VAL A 111 -0.40 3.40 8.60
C VAL A 111 -1.36 2.52 9.39
N ILE A 112 -1.64 2.92 10.62
CA ILE A 112 -2.57 2.18 11.47
C ILE A 112 -3.90 2.94 11.59
N GLY A 113 -4.93 2.42 10.92
CA GLY A 113 -6.24 3.04 10.95
C GLY A 113 -6.39 4.09 9.87
N ALA A 114 -6.95 5.24 10.23
CA ALA A 114 -7.18 6.32 9.27
C ALA A 114 -6.70 7.66 9.82
N ASP A 115 -5.39 7.89 9.71
CA ASP A 115 -4.78 9.13 10.20
C ASP A 115 -4.06 9.85 9.05
N ILE A 116 -4.74 10.79 8.42
CA ILE A 116 -4.19 11.55 7.31
C ILE A 116 -2.96 12.37 7.76
N SER A 117 -3.06 12.96 8.95
CA SER A 117 -1.98 13.79 9.49
C SER A 117 -0.75 12.94 9.77
N LYS A 118 -0.98 11.67 10.08
CA LYS A 118 0.12 10.73 10.30
C LYS A 118 0.77 10.40 8.97
N ILE A 119 -0.04 9.94 8.02
CA ILE A 119 0.47 9.42 6.75
C ILE A 119 1.23 10.48 5.96
N ILE A 120 0.77 11.73 5.99
CA ILE A 120 1.47 12.79 5.27
C ILE A 120 2.85 13.03 5.89
N SER A 121 2.95 12.84 7.20
CA SER A 121 4.24 13.00 7.87
C SER A 121 5.17 11.85 7.51
N GLU A 122 4.69 10.61 7.66
CA GLU A 122 5.54 9.43 7.55
C GLU A 122 5.95 9.17 6.10
N ILE A 123 5.07 9.45 5.15
CA ILE A 123 5.40 9.28 3.74
C ILE A 123 6.39 10.34 3.28
N ASN A 124 6.06 11.60 3.52
CA ASN A 124 6.90 12.72 3.07
C ASN A 124 8.28 12.67 3.73
N ASN A 125 8.37 12.00 4.88
CA ASN A 125 9.65 11.83 5.57
C ASN A 125 10.64 11.02 4.72
N ASN A 126 10.18 9.89 4.20
CA ASN A 126 11.08 8.94 3.54
C ASN A 126 11.26 9.24 2.05
N ILE A 127 10.23 9.81 1.41
CA ILE A 127 10.34 10.18 -0.01
C ILE A 127 10.46 11.70 -0.15
N ASN A 128 10.80 12.14 -1.36
CA ASN A 128 10.97 13.55 -1.65
C ASN A 128 9.62 14.27 -1.74
N MET A 1 43.53 -31.88 -27.74
CA MET A 1 42.15 -31.43 -27.43
C MET A 1 41.25 -32.65 -27.22
N ALA A 2 40.50 -32.67 -26.11
CA ALA A 2 39.67 -33.83 -25.78
C ALA A 2 38.58 -33.48 -24.77
N HIS A 3 37.47 -32.96 -25.26
CA HIS A 3 36.24 -32.85 -24.48
C HIS A 3 35.07 -33.23 -25.38
N HIS A 4 34.30 -34.23 -24.98
CA HIS A 4 33.34 -34.89 -25.86
C HIS A 4 32.18 -33.98 -26.26
N HIS A 5 32.47 -33.07 -27.19
CA HIS A 5 31.49 -32.19 -27.86
C HIS A 5 30.61 -31.38 -26.89
N HIS A 6 30.83 -31.53 -25.59
CA HIS A 6 30.04 -30.82 -24.59
C HIS A 6 30.68 -29.48 -24.27
N HIS A 7 29.88 -28.42 -24.35
CA HIS A 7 30.33 -27.07 -24.02
C HIS A 7 29.36 -26.44 -23.01
N HIS A 8 29.90 -25.64 -22.11
CA HIS A 8 29.09 -25.04 -21.05
C HIS A 8 28.59 -23.65 -21.45
N MET A 9 27.37 -23.62 -21.99
CA MET A 9 26.71 -22.36 -22.31
C MET A 9 25.82 -21.94 -21.15
N GLY A 10 25.36 -20.70 -21.18
CA GLY A 10 24.49 -20.19 -20.13
C GLY A 10 23.67 -19.01 -20.61
N THR A 11 23.11 -18.25 -19.66
CA THR A 11 22.33 -17.06 -19.98
C THR A 11 22.12 -16.21 -18.73
N LEU A 12 22.32 -14.90 -18.89
CA LEU A 12 22.07 -13.95 -17.81
C LEU A 12 20.60 -13.52 -17.86
N GLU A 13 19.81 -14.06 -16.94
CA GLU A 13 18.37 -13.82 -16.93
C GLU A 13 17.91 -13.44 -15.52
N ALA A 14 17.31 -12.27 -15.40
CA ALA A 14 16.84 -11.76 -14.11
C ALA A 14 15.45 -11.16 -14.25
N GLN A 15 14.51 -11.68 -13.46
CA GLN A 15 13.13 -11.22 -13.51
C GLN A 15 12.94 -9.99 -12.62
N THR A 16 12.94 -8.82 -13.24
CA THR A 16 12.65 -7.57 -12.55
C THR A 16 11.38 -6.94 -13.14
N GLN A 17 10.25 -7.16 -12.47
CA GLN A 17 8.94 -6.72 -12.96
C GLN A 17 8.80 -5.19 -12.83
N GLY A 18 7.71 -4.65 -13.38
CA GLY A 18 7.48 -3.22 -13.35
C GLY A 18 6.11 -2.84 -13.88
N PRO A 19 5.05 -2.93 -13.05
CA PRO A 19 3.69 -2.58 -13.46
C PRO A 19 3.46 -1.07 -13.51
N GLY A 20 2.97 -0.59 -14.64
CA GLY A 20 2.70 0.83 -14.79
C GLY A 20 1.38 1.24 -14.14
N SER A 21 1.34 1.15 -12.81
CA SER A 21 0.14 1.47 -12.06
C SER A 21 0.51 2.25 -10.79
N MET A 22 -0.50 2.62 -10.00
CA MET A 22 -0.28 3.31 -8.73
C MET A 22 -0.69 2.40 -7.57
N ILE A 23 -1.72 1.60 -7.78
CA ILE A 23 -2.23 0.67 -6.76
C ILE A 23 -2.49 -0.70 -7.39
N GLU A 24 -1.78 -1.72 -6.90
CA GLU A 24 -1.92 -3.07 -7.44
C GLU A 24 -2.09 -4.08 -6.32
N GLN A 25 -2.72 -5.22 -6.65
CA GLN A 25 -2.87 -6.33 -5.71
C GLN A 25 -1.99 -7.49 -6.18
N ILE A 26 -1.19 -8.02 -5.26
CA ILE A 26 -0.23 -9.07 -5.60
C ILE A 26 -0.46 -10.34 -4.75
N GLY A 27 0.28 -11.39 -5.08
CA GLY A 27 0.12 -12.67 -4.41
C GLY A 27 1.30 -13.05 -3.55
N ASP A 28 1.23 -14.24 -2.97
CA ASP A 28 2.24 -14.75 -2.03
C ASP A 28 3.64 -14.80 -2.64
N SER A 29 3.75 -15.40 -3.82
CA SER A 29 5.04 -15.74 -4.42
C SER A 29 5.79 -14.52 -4.95
N GLU A 30 5.06 -13.41 -5.14
CA GLU A 30 5.66 -12.17 -5.64
C GLU A 30 5.63 -11.07 -4.59
N PHE A 31 4.95 -11.34 -3.48
CA PHE A 31 4.85 -10.37 -2.37
C PHE A 31 6.23 -9.84 -2.00
N ASP A 32 7.04 -10.69 -1.40
CA ASP A 32 8.39 -10.29 -0.99
C ASP A 32 9.21 -9.92 -2.24
N ASN A 33 8.97 -10.69 -3.30
CA ASN A 33 9.75 -10.58 -4.53
C ASN A 33 9.82 -9.15 -5.06
N LYS A 34 8.69 -8.44 -5.03
CA LYS A 34 8.65 -7.08 -5.57
C LYS A 34 8.46 -6.03 -4.46
N VAL A 35 8.04 -6.46 -3.27
CA VAL A 35 7.90 -5.53 -2.14
C VAL A 35 9.19 -5.39 -1.35
N THR A 36 9.73 -6.51 -0.86
CA THR A 36 10.89 -6.46 0.03
C THR A 36 12.18 -6.37 -0.76
N SER A 37 12.19 -6.98 -1.94
CA SER A 37 13.38 -7.03 -2.78
C SER A 37 13.52 -5.77 -3.63
N CYS A 38 12.69 -4.75 -3.37
CA CYS A 38 12.74 -3.52 -4.14
C CYS A 38 13.98 -2.71 -3.79
N ASN A 39 15.03 -2.89 -4.60
CA ASN A 39 16.30 -2.19 -4.38
C ASN A 39 16.20 -0.73 -4.83
N ASP A 40 15.10 -0.39 -5.50
CA ASP A 40 14.85 0.96 -5.99
C ASP A 40 14.85 1.98 -4.85
N ASN A 41 14.54 1.50 -3.66
CA ASN A 41 14.41 2.35 -2.47
C ASN A 41 13.24 3.31 -2.62
N ILE A 42 12.35 3.03 -3.57
CA ILE A 42 11.11 3.78 -3.72
C ILE A 42 10.23 3.53 -2.48
N LEU A 43 9.18 4.32 -2.28
CA LEU A 43 8.32 4.10 -1.14
C LEU A 43 7.15 3.19 -1.51
N ILE A 44 7.27 1.93 -1.11
CA ILE A 44 6.19 0.97 -1.30
C ILE A 44 5.24 1.03 -0.10
N LEU A 45 3.94 1.10 -0.39
CA LEU A 45 2.92 1.15 0.65
C LEU A 45 2.02 -0.09 0.53
N VAL A 46 2.20 -1.04 1.44
CA VAL A 46 1.38 -2.26 1.42
C VAL A 46 0.20 -2.12 2.37
N ASP A 47 -1.01 -2.22 1.82
CA ASP A 47 -2.25 -2.08 2.60
C ASP A 47 -2.82 -3.47 2.93
N PHE A 48 -3.69 -3.52 3.92
CA PHE A 48 -4.23 -4.77 4.43
C PHE A 48 -5.09 -5.51 3.39
N TRP A 49 -5.77 -6.55 3.85
CA TRP A 49 -6.58 -7.42 2.98
C TRP A 49 -7.77 -6.66 2.37
N ALA A 50 -8.71 -7.42 1.80
CA ALA A 50 -9.90 -6.87 1.17
C ALA A 50 -9.50 -5.97 -0.01
N PRO A 51 -9.53 -6.51 -1.24
CA PRO A 51 -9.11 -5.77 -2.44
C PRO A 51 -9.95 -4.52 -2.71
N TRP A 52 -11.06 -4.39 -1.99
CA TRP A 52 -11.95 -3.24 -2.12
C TRP A 52 -11.99 -2.46 -0.81
N CYS A 53 -11.27 -1.34 -0.77
CA CYS A 53 -11.24 -0.47 0.41
C CYS A 53 -12.44 0.48 0.39
N GLY A 54 -13.34 0.32 1.37
CA GLY A 54 -14.57 1.09 1.39
C GLY A 54 -14.47 2.40 2.15
N PRO A 55 -14.24 2.36 3.49
CA PRO A 55 -14.25 3.56 4.35
C PRO A 55 -13.35 4.69 3.84
N CYS A 56 -13.96 5.68 3.19
CA CYS A 56 -13.24 6.87 2.75
C CYS A 56 -13.52 8.02 3.71
N ARG A 57 -12.63 8.18 4.69
CA ARG A 57 -12.77 9.22 5.71
C ARG A 57 -12.63 10.62 5.10
N SER A 58 -11.59 10.80 4.31
CA SER A 58 -11.32 12.06 3.64
C SER A 58 -11.70 11.96 2.16
N LEU A 59 -11.30 12.95 1.36
CA LEU A 59 -11.43 12.86 -0.09
C LEU A 59 -10.47 11.77 -0.57
N GLU A 60 -11.04 10.61 -0.90
CA GLU A 60 -10.26 9.40 -1.18
C GLU A 60 -9.53 8.94 0.09
N PRO A 61 -9.15 7.64 0.18
CA PRO A 61 -8.31 7.16 1.28
C PRO A 61 -6.92 7.78 1.20
N GLN A 62 -6.19 7.76 2.31
CA GLN A 62 -4.90 8.45 2.39
C GLN A 62 -4.00 8.03 1.22
N LEU A 63 -4.00 6.72 0.97
CA LEU A 63 -3.14 6.11 -0.04
C LEU A 63 -3.37 6.75 -1.40
N GLU A 64 -4.64 6.87 -1.78
CA GLU A 64 -4.98 7.47 -3.07
C GLU A 64 -4.73 8.97 -3.04
N LYS A 65 -5.11 9.59 -1.93
CA LYS A 65 -4.98 11.04 -1.77
C LYS A 65 -3.56 11.49 -2.13
N LEU A 66 -2.56 10.77 -1.61
CA LEU A 66 -1.17 11.09 -1.95
C LEU A 66 -0.70 10.40 -3.24
N ALA A 67 -1.07 9.14 -3.44
CA ALA A 67 -0.57 8.34 -4.57
C ALA A 67 -0.89 8.99 -5.91
N GLN A 68 -2.09 9.56 -6.02
CA GLN A 68 -2.51 10.22 -7.25
C GLN A 68 -1.50 11.28 -7.66
N GLN A 69 -0.87 11.90 -6.66
CA GLN A 69 0.10 12.97 -6.88
C GLN A 69 1.52 12.43 -6.94
N TYR A 70 1.84 11.48 -6.05
CA TYR A 70 3.22 11.04 -5.83
C TYR A 70 3.49 9.64 -6.40
N THR A 71 2.67 9.20 -7.36
CA THR A 71 2.79 7.84 -7.91
C THR A 71 4.22 7.53 -8.37
N GLU A 72 4.93 8.53 -8.88
CA GLU A 72 6.28 8.34 -9.39
C GLU A 72 7.27 8.03 -8.26
N ASN A 73 6.88 8.29 -7.02
CA ASN A 73 7.76 8.10 -5.88
C ASN A 73 7.13 7.13 -4.85
N VAL A 74 5.87 6.72 -5.10
CA VAL A 74 5.19 5.78 -4.19
C VAL A 74 4.44 4.72 -4.99
N LYS A 75 4.37 3.51 -4.44
CA LYS A 75 3.67 2.42 -5.12
C LYS A 75 2.92 1.57 -4.10
N ILE A 76 1.59 1.55 -4.22
CA ILE A 76 0.74 0.86 -3.26
C ILE A 76 0.44 -0.56 -3.73
N TYR A 77 0.56 -1.51 -2.81
CA TYR A 77 0.21 -2.90 -3.06
C TYR A 77 -0.73 -3.41 -1.97
N LYS A 78 -1.86 -3.99 -2.36
CA LYS A 78 -2.78 -4.57 -1.39
C LYS A 78 -2.64 -6.08 -1.39
N ILE A 79 -2.77 -6.67 -0.22
CA ILE A 79 -2.57 -8.11 -0.05
C ILE A 79 -3.90 -8.86 -0.08
N ASN A 80 -3.96 -9.92 -0.86
CA ASN A 80 -5.13 -10.80 -0.92
C ASN A 80 -5.40 -11.40 0.47
N ILE A 81 -6.67 -11.64 0.79
CA ILE A 81 -7.06 -12.14 2.11
C ILE A 81 -6.52 -13.55 2.33
N GLU A 82 -6.29 -14.28 1.24
CA GLU A 82 -5.81 -15.66 1.29
C GLU A 82 -4.48 -15.75 2.04
N ASP A 83 -3.73 -14.65 2.05
CA ASP A 83 -2.37 -14.65 2.58
C ASP A 83 -2.35 -14.68 4.10
N ASN A 84 -3.43 -14.18 4.74
CA ASN A 84 -3.57 -14.06 6.21
C ASN A 84 -2.32 -14.51 6.97
N GLN A 85 -1.53 -13.55 7.44
CA GLN A 85 -0.21 -13.83 7.96
C GLN A 85 -0.07 -13.33 9.40
N ASP A 86 0.73 -14.06 10.17
CA ASP A 86 1.01 -13.75 11.58
C ASP A 86 1.52 -12.32 11.76
N VAL A 87 2.18 -11.81 10.72
CA VAL A 87 2.73 -10.45 10.71
C VAL A 87 1.67 -9.43 11.15
N ALA A 88 0.41 -9.69 10.78
CA ALA A 88 -0.70 -8.82 11.14
C ALA A 88 -0.86 -8.75 12.66
N THR A 89 -0.91 -9.90 13.30
CA THR A 89 -1.03 -9.97 14.76
C THR A 89 0.24 -9.45 15.43
N GLN A 90 1.38 -9.63 14.76
CA GLN A 90 2.66 -9.15 15.25
C GLN A 90 2.63 -7.64 15.44
N TYR A 91 2.30 -6.92 14.38
CA TYR A 91 2.20 -5.46 14.43
C TYR A 91 0.92 -5.02 15.15
N GLY A 92 -0.01 -5.96 15.30
CA GLY A 92 -1.22 -5.70 16.04
C GLY A 92 -2.25 -4.91 15.25
N VAL A 93 -2.70 -5.50 14.14
CA VAL A 93 -3.74 -4.89 13.31
C VAL A 93 -5.08 -4.92 14.04
N SER A 94 -5.29 -3.91 14.89
CA SER A 94 -6.51 -3.80 15.66
C SER A 94 -7.30 -2.54 15.25
N ALA A 95 -6.86 -1.92 14.16
CA ALA A 95 -7.51 -0.72 13.64
C ALA A 95 -7.27 -0.62 12.13
N ILE A 96 -8.28 -0.16 11.40
CA ILE A 96 -8.21 -0.06 9.94
C ILE A 96 -8.24 1.39 9.49
N PRO A 97 -7.59 1.73 8.35
CA PRO A 97 -6.83 0.77 7.52
C PRO A 97 -5.46 0.42 8.14
N THR A 98 -4.69 -0.37 7.42
CA THR A 98 -3.36 -0.77 7.87
C THR A 98 -2.39 -0.83 6.70
N ILE A 99 -1.39 0.05 6.73
CA ILE A 99 -0.41 0.16 5.65
C ILE A 99 1.00 0.11 6.23
N LEU A 100 1.92 -0.54 5.53
CA LEU A 100 3.33 -0.55 5.93
C LEU A 100 4.19 0.07 4.83
N MET A 101 5.20 0.83 5.26
CA MET A 101 6.10 1.53 4.34
C MET A 101 7.39 0.71 4.13
N PHE A 102 7.60 0.22 2.92
CA PHE A 102 8.78 -0.61 2.59
C PHE A 102 9.70 0.08 1.58
N LYS A 103 11.00 -0.12 1.75
CA LYS A 103 11.99 0.15 0.71
C LYS A 103 13.25 -0.68 0.98
N ASN A 104 13.61 -1.55 0.05
CA ASN A 104 14.75 -2.48 0.22
C ASN A 104 14.53 -3.36 1.47
N GLY A 105 13.26 -3.55 1.82
CA GLY A 105 12.92 -4.35 2.98
C GLY A 105 12.89 -3.54 4.27
N LYS A 106 13.32 -2.28 4.18
CA LYS A 106 13.31 -1.38 5.33
C LYS A 106 11.88 -0.88 5.56
N LYS A 107 11.41 -1.00 6.81
CA LYS A 107 10.11 -0.45 7.19
C LYS A 107 10.29 0.98 7.69
N LEU A 108 9.82 1.94 6.89
CA LEU A 108 10.00 3.35 7.22
C LEU A 108 9.01 3.80 8.29
N SER A 109 7.80 3.24 8.21
CA SER A 109 6.72 3.61 9.11
C SER A 109 5.49 2.77 8.78
N GLN A 110 4.47 2.86 9.61
CA GLN A 110 3.23 2.12 9.40
C GLN A 110 2.00 2.97 9.74
N VAL A 111 0.97 2.82 8.93
CA VAL A 111 -0.31 3.49 9.14
C VAL A 111 -1.33 2.50 9.69
N ILE A 112 -1.65 2.63 10.97
CA ILE A 112 -2.72 1.83 11.56
C ILE A 112 -3.80 2.79 12.06
N GLY A 113 -4.92 2.84 11.35
CA GLY A 113 -5.94 3.83 11.60
C GLY A 113 -5.98 4.87 10.48
N ALA A 114 -6.96 5.78 10.53
CA ALA A 114 -7.12 6.78 9.49
C ALA A 114 -6.46 8.10 9.88
N ASP A 115 -5.17 8.04 10.17
CA ASP A 115 -4.39 9.21 10.58
C ASP A 115 -3.78 9.91 9.37
N ILE A 116 -4.63 10.61 8.60
CA ILE A 116 -4.17 11.33 7.41
C ILE A 116 -3.03 12.31 7.78
N SER A 117 -3.18 12.97 8.92
CA SER A 117 -2.19 13.92 9.41
C SER A 117 -0.85 13.25 9.67
N LYS A 118 -0.89 11.97 10.02
CA LYS A 118 0.31 11.17 10.24
C LYS A 118 0.89 10.75 8.89
N ILE A 119 0.04 10.22 8.02
CA ILE A 119 0.49 9.62 6.76
C ILE A 119 1.19 10.65 5.87
N ILE A 120 0.64 11.87 5.81
CA ILE A 120 1.25 12.92 5.00
C ILE A 120 2.64 13.25 5.53
N SER A 121 2.82 13.13 6.85
CA SER A 121 4.09 13.38 7.49
C SER A 121 5.11 12.29 7.14
N GLU A 122 4.71 11.03 7.34
CA GLU A 122 5.62 9.89 7.18
C GLU A 122 5.99 9.66 5.72
N ILE A 123 4.99 9.73 4.83
CA ILE A 123 5.22 9.50 3.41
C ILE A 123 6.13 10.59 2.83
N ASN A 124 5.75 11.85 3.02
CA ASN A 124 6.52 12.98 2.48
C ASN A 124 7.94 13.00 3.00
N ASN A 125 8.14 12.43 4.20
CA ASN A 125 9.48 12.36 4.81
C ASN A 125 10.33 11.26 4.17
N ASN A 126 9.70 10.35 3.43
CA ASN A 126 10.41 9.24 2.78
C ASN A 126 10.29 9.31 1.25
N ILE A 127 9.76 10.42 0.74
CA ILE A 127 9.71 10.68 -0.70
C ILE A 127 10.14 12.11 -0.99
N ASN A 128 10.37 12.41 -2.26
CA ASN A 128 10.88 13.72 -2.68
C ASN A 128 9.84 14.81 -2.38
N MET A 1 -15.28 2.66 17.45
CA MET A 1 -16.18 1.58 16.99
C MET A 1 -15.57 0.87 15.79
N ALA A 2 -15.66 -0.45 15.75
CA ALA A 2 -15.06 -1.23 14.68
C ALA A 2 -15.70 -2.62 14.60
N HIS A 3 -15.66 -3.21 13.42
CA HIS A 3 -16.22 -4.55 13.20
C HIS A 3 -15.26 -5.60 13.77
N HIS A 4 -15.81 -6.74 14.18
CA HIS A 4 -15.02 -7.86 14.68
C HIS A 4 -13.82 -8.11 13.77
N HIS A 5 -12.62 -8.12 14.36
CA HIS A 5 -11.38 -8.24 13.61
C HIS A 5 -11.35 -9.57 12.83
N HIS A 6 -11.16 -9.48 11.52
CA HIS A 6 -11.30 -10.61 10.61
C HIS A 6 -10.12 -10.64 9.63
N HIS A 7 -9.60 -11.83 9.35
CA HIS A 7 -8.49 -11.99 8.42
C HIS A 7 -8.99 -12.16 6.99
N HIS A 8 -8.06 -12.19 6.03
CA HIS A 8 -8.40 -12.29 4.62
C HIS A 8 -8.38 -13.74 4.14
N MET A 9 -9.11 -14.00 3.07
CA MET A 9 -9.02 -15.25 2.33
C MET A 9 -8.84 -14.94 0.84
N GLY A 10 -9.93 -14.51 0.20
CA GLY A 10 -9.86 -14.01 -1.17
C GLY A 10 -9.80 -15.12 -2.21
N THR A 11 -8.89 -16.07 -2.00
CA THR A 11 -8.67 -17.18 -2.94
C THR A 11 -8.51 -16.68 -4.37
N LEU A 12 -7.32 -16.13 -4.66
CA LEU A 12 -6.98 -15.64 -5.99
C LEU A 12 -5.46 -15.52 -6.11
N GLU A 13 -4.95 -15.70 -7.32
CA GLU A 13 -3.51 -15.61 -7.58
C GLU A 13 -3.28 -15.03 -8.98
N ALA A 14 -2.79 -13.80 -9.03
CA ALA A 14 -2.58 -13.10 -10.29
C ALA A 14 -1.18 -12.49 -10.34
N GLN A 15 -0.41 -12.86 -11.37
CA GLN A 15 0.93 -12.34 -11.57
C GLN A 15 0.86 -10.98 -12.26
N THR A 16 1.15 -9.93 -11.50
CA THR A 16 0.99 -8.56 -11.95
C THR A 16 2.28 -7.98 -12.52
N GLN A 17 2.15 -7.10 -13.50
CA GLN A 17 3.29 -6.45 -14.14
C GLN A 17 3.93 -5.43 -13.18
N GLY A 18 4.77 -4.56 -13.75
CA GLY A 18 5.36 -3.48 -12.99
C GLY A 18 4.63 -2.17 -13.19
N PRO A 19 4.75 -1.55 -14.39
CA PRO A 19 4.07 -0.29 -14.69
C PRO A 19 2.56 -0.46 -14.85
N GLY A 20 1.86 -0.37 -13.73
CA GLY A 20 0.40 -0.45 -13.75
C GLY A 20 -0.24 0.69 -12.99
N SER A 21 -1.31 0.39 -12.26
CA SER A 21 -2.00 1.39 -11.45
C SER A 21 -1.14 1.83 -10.27
N MET A 22 -1.40 3.03 -9.75
CA MET A 22 -0.72 3.53 -8.56
C MET A 22 -0.97 2.58 -7.38
N ILE A 23 -2.17 2.00 -7.37
CA ILE A 23 -2.55 0.98 -6.40
C ILE A 23 -3.06 -0.25 -7.15
N GLU A 24 -2.24 -1.27 -7.26
CA GLU A 24 -2.58 -2.45 -8.03
C GLU A 24 -2.48 -3.70 -7.15
N GLN A 25 -3.30 -4.70 -7.45
CA GLN A 25 -3.31 -5.94 -6.70
C GLN A 25 -2.20 -6.86 -7.21
N ILE A 26 -1.67 -7.70 -6.32
CA ILE A 26 -0.61 -8.65 -6.68
C ILE A 26 -0.96 -10.05 -6.18
N GLY A 27 -0.11 -11.01 -6.50
CA GLY A 27 -0.33 -12.39 -6.07
C GLY A 27 0.54 -12.76 -4.88
N ASP A 28 0.11 -13.80 -4.16
CA ASP A 28 0.83 -14.25 -2.97
C ASP A 28 2.25 -14.67 -3.32
N SER A 29 2.39 -15.32 -4.48
CA SER A 29 3.66 -15.85 -4.93
C SER A 29 4.69 -14.74 -5.15
N GLU A 30 4.23 -13.56 -5.58
CA GLU A 30 5.13 -12.47 -5.94
C GLU A 30 5.16 -11.37 -4.89
N PHE A 31 4.37 -11.52 -3.81
CA PHE A 31 4.29 -10.52 -2.76
C PHE A 31 5.69 -10.06 -2.32
N ASP A 32 6.41 -10.93 -1.63
CA ASP A 32 7.75 -10.61 -1.17
C ASP A 32 8.67 -10.40 -2.37
N ASN A 33 8.42 -11.21 -3.39
CA ASN A 33 9.25 -11.28 -4.58
C ASN A 33 9.49 -9.90 -5.20
N LYS A 34 8.44 -9.06 -5.20
CA LYS A 34 8.53 -7.73 -5.81
C LYS A 34 8.42 -6.60 -4.77
N VAL A 35 7.90 -6.91 -3.58
CA VAL A 35 7.75 -5.89 -2.54
C VAL A 35 9.03 -5.72 -1.72
N THR A 36 9.61 -6.82 -1.24
CA THR A 36 10.76 -6.73 -0.34
C THR A 36 12.06 -6.54 -1.13
N SER A 37 12.08 -7.06 -2.35
CA SER A 37 13.26 -7.02 -3.20
C SER A 37 13.43 -5.66 -3.89
N CYS A 38 12.65 -4.66 -3.45
CA CYS A 38 12.68 -3.35 -4.10
C CYS A 38 13.91 -2.53 -3.69
N ASN A 39 15.01 -2.72 -4.43
CA ASN A 39 16.25 -1.98 -4.17
C ASN A 39 16.12 -0.53 -4.67
N ASP A 40 15.00 -0.25 -5.33
CA ASP A 40 14.74 1.06 -5.94
C ASP A 40 14.90 2.20 -4.93
N ASN A 41 14.64 1.90 -3.65
CA ASN A 41 14.56 2.92 -2.59
C ASN A 41 13.27 3.72 -2.69
N ILE A 42 12.36 3.23 -3.53
CA ILE A 42 11.04 3.83 -3.69
C ILE A 42 10.13 3.33 -2.55
N LEU A 43 9.05 4.05 -2.26
CA LEU A 43 8.13 3.63 -1.20
C LEU A 43 7.11 2.65 -1.75
N ILE A 44 7.19 1.41 -1.29
CA ILE A 44 6.18 0.41 -1.64
C ILE A 44 5.23 0.20 -0.46
N LEU A 45 4.02 0.73 -0.60
CA LEU A 45 2.99 0.58 0.41
C LEU A 45 2.13 -0.64 0.06
N VAL A 46 1.81 -1.44 1.06
CA VAL A 46 0.96 -2.61 0.86
C VAL A 46 -0.16 -2.62 1.89
N ASP A 47 -1.37 -2.98 1.47
CA ASP A 47 -2.51 -3.08 2.40
C ASP A 47 -2.94 -4.53 2.57
N PHE A 48 -3.36 -4.89 3.79
CA PHE A 48 -3.86 -6.23 4.05
C PHE A 48 -5.26 -6.38 3.45
N TRP A 49 -5.57 -7.56 2.93
CA TRP A 49 -6.83 -7.79 2.26
C TRP A 49 -7.92 -8.15 3.27
N ALA A 50 -9.17 -7.97 2.85
CA ALA A 50 -10.33 -8.31 3.67
C ALA A 50 -11.43 -8.88 2.77
N PRO A 51 -12.30 -9.77 3.31
CA PRO A 51 -13.40 -10.35 2.53
C PRO A 51 -14.37 -9.27 2.04
N TRP A 52 -15.05 -8.63 3.00
CA TRP A 52 -15.98 -7.54 2.71
C TRP A 52 -15.97 -6.55 3.86
N CYS A 53 -16.27 -7.06 5.05
CA CYS A 53 -16.27 -6.26 6.29
C CYS A 53 -17.42 -5.24 6.31
N GLY A 54 -17.33 -4.23 5.44
CA GLY A 54 -18.35 -3.19 5.40
C GLY A 54 -18.38 -2.49 4.05
N PRO A 55 -19.46 -1.75 3.77
CA PRO A 55 -19.60 -1.01 2.50
C PRO A 55 -18.53 0.07 2.35
N CYS A 56 -17.81 0.03 1.22
CA CYS A 56 -16.76 1.01 0.94
C CYS A 56 -17.34 2.42 0.83
N ARG A 57 -17.31 3.15 1.94
CA ARG A 57 -17.76 4.54 1.97
C ARG A 57 -16.57 5.47 2.00
N SER A 58 -16.81 6.75 1.71
CA SER A 58 -15.76 7.76 1.65
C SER A 58 -14.73 7.40 0.57
N LEU A 59 -14.98 7.90 -0.65
CA LEU A 59 -14.14 7.57 -1.80
C LEU A 59 -12.91 8.49 -1.86
N GLU A 60 -12.39 8.85 -0.69
CA GLU A 60 -11.24 9.74 -0.59
C GLU A 60 -10.36 9.33 0.60
N PRO A 61 -9.61 8.22 0.48
CA PRO A 61 -8.71 7.74 1.52
C PRO A 61 -7.32 8.36 1.41
N GLN A 62 -6.50 8.14 2.44
CA GLN A 62 -5.19 8.78 2.55
C GLN A 62 -4.28 8.38 1.39
N LEU A 63 -4.07 7.07 1.26
CA LEU A 63 -3.13 6.52 0.28
C LEU A 63 -3.44 7.01 -1.13
N GLU A 64 -4.71 6.96 -1.54
CA GLU A 64 -5.09 7.44 -2.87
C GLU A 64 -4.86 8.94 -2.99
N LYS A 65 -5.26 9.66 -1.94
CA LYS A 65 -5.16 11.12 -1.93
C LYS A 65 -3.73 11.56 -2.25
N LEU A 66 -2.75 10.96 -1.58
CA LEU A 66 -1.35 11.32 -1.81
C LEU A 66 -0.79 10.67 -3.07
N ALA A 67 -1.18 9.43 -3.34
CA ALA A 67 -0.65 8.67 -4.48
C ALA A 67 -0.93 9.39 -5.79
N GLN A 68 -2.06 10.11 -5.85
CA GLN A 68 -2.41 10.88 -7.05
C GLN A 68 -1.29 11.84 -7.43
N GLN A 69 -0.60 12.37 -6.43
CA GLN A 69 0.51 13.30 -6.66
C GLN A 69 1.85 12.55 -6.68
N TYR A 70 2.02 11.66 -5.72
CA TYR A 70 3.32 11.01 -5.49
C TYR A 70 3.43 9.68 -6.24
N THR A 71 2.55 9.44 -7.20
CA THR A 71 2.49 8.14 -7.89
C THR A 71 3.86 7.75 -8.45
N GLU A 72 4.61 8.75 -8.91
CA GLU A 72 5.93 8.54 -9.48
C GLU A 72 6.93 7.98 -8.46
N ASN A 73 6.71 8.30 -7.18
CA ASN A 73 7.65 7.96 -6.12
C ASN A 73 7.03 6.97 -5.12
N VAL A 74 5.80 6.54 -5.38
CA VAL A 74 5.13 5.57 -4.51
C VAL A 74 4.48 4.48 -5.34
N LYS A 75 4.56 3.25 -4.84
CA LYS A 75 3.90 2.10 -5.44
C LYS A 75 3.10 1.38 -4.37
N ILE A 76 1.79 1.34 -4.55
CA ILE A 76 0.92 0.72 -3.56
C ILE A 76 0.34 -0.57 -4.11
N TYR A 77 0.37 -1.62 -3.30
CA TYR A 77 -0.16 -2.92 -3.67
C TYR A 77 -1.27 -3.33 -2.72
N LYS A 78 -2.36 -3.82 -3.30
CA LYS A 78 -3.51 -4.27 -2.53
C LYS A 78 -3.68 -5.77 -2.65
N ILE A 79 -4.44 -6.35 -1.72
CA ILE A 79 -4.61 -7.80 -1.62
C ILE A 79 -3.29 -8.45 -1.20
N ASN A 80 -2.87 -8.16 0.03
CA ASN A 80 -1.62 -8.72 0.56
C ASN A 80 -1.91 -9.64 1.74
N ILE A 81 -0.94 -10.49 2.06
CA ILE A 81 -1.05 -11.40 3.19
C ILE A 81 -0.51 -10.76 4.47
N GLU A 82 -0.54 -9.43 4.48
CA GLU A 82 -0.04 -8.63 5.60
C GLU A 82 -0.66 -9.05 6.92
N ASP A 83 -1.96 -9.33 6.90
CA ASP A 83 -2.71 -9.71 8.10
C ASP A 83 -2.39 -11.14 8.52
N ASN A 84 -1.83 -11.90 7.59
CA ASN A 84 -1.49 -13.30 7.84
C ASN A 84 -0.05 -13.39 8.36
N GLN A 85 0.50 -12.25 8.74
CA GLN A 85 1.86 -12.16 9.25
C GLN A 85 1.83 -11.84 10.74
N ASP A 86 2.61 -12.58 11.51
CA ASP A 86 2.78 -12.30 12.94
C ASP A 86 3.30 -10.88 13.13
N VAL A 87 4.05 -10.41 12.12
CA VAL A 87 4.59 -9.06 12.11
C VAL A 87 3.49 -8.02 12.30
N ALA A 88 2.33 -8.28 11.71
CA ALA A 88 1.18 -7.39 11.83
C ALA A 88 0.76 -7.29 13.30
N THR A 89 0.57 -8.43 13.94
CA THR A 89 0.22 -8.50 15.34
C THR A 89 1.32 -7.86 16.20
N GLN A 90 2.56 -7.97 15.73
CA GLN A 90 3.71 -7.38 16.41
C GLN A 90 3.62 -5.84 16.37
N TYR A 91 3.15 -5.31 15.24
CA TYR A 91 2.93 -3.87 15.10
C TYR A 91 1.66 -3.42 15.83
N GLY A 92 0.91 -4.40 16.34
CA GLY A 92 -0.34 -4.10 17.03
C GLY A 92 -1.48 -3.86 16.05
N VAL A 93 -1.32 -4.37 14.84
CA VAL A 93 -2.33 -4.26 13.80
C VAL A 93 -3.59 -5.05 14.20
N SER A 94 -4.60 -4.33 14.64
CA SER A 94 -5.87 -4.93 15.03
C SER A 94 -7.01 -4.00 14.65
N ALA A 95 -6.73 -3.11 13.69
CA ALA A 95 -7.69 -2.11 13.23
C ALA A 95 -7.79 -2.15 11.71
N ILE A 96 -8.89 -1.60 11.17
CA ILE A 96 -9.13 -1.59 9.74
C ILE A 96 -9.21 -0.15 9.22
N PRO A 97 -8.47 0.19 8.14
CA PRO A 97 -7.53 -0.71 7.48
C PRO A 97 -6.10 -0.57 8.05
N THR A 98 -5.14 -1.19 7.37
CA THR A 98 -3.73 -1.07 7.72
C THR A 98 -2.88 -1.17 6.45
N ILE A 99 -1.83 -0.34 6.38
CA ILE A 99 -0.96 -0.26 5.22
C ILE A 99 0.51 -0.19 5.66
N LEU A 100 1.30 -1.20 5.34
CA LEU A 100 2.73 -1.19 5.70
C LEU A 100 3.58 -0.59 4.59
N MET A 101 4.66 0.10 4.99
CA MET A 101 5.58 0.75 4.04
C MET A 101 6.91 0.00 3.97
N PHE A 102 7.25 -0.51 2.79
CA PHE A 102 8.49 -1.26 2.58
C PHE A 102 9.43 -0.52 1.61
N LYS A 103 10.73 -0.72 1.84
CA LYS A 103 11.78 -0.16 0.99
C LYS A 103 13.04 -1.02 1.12
N ASN A 104 13.39 -1.73 0.04
CA ASN A 104 14.59 -2.59 0.04
C ASN A 104 14.46 -3.68 1.11
N GLY A 105 13.21 -4.00 1.45
CA GLY A 105 12.94 -5.01 2.47
C GLY A 105 12.82 -4.41 3.86
N LYS A 106 13.28 -3.18 4.00
CA LYS A 106 13.23 -2.47 5.28
C LYS A 106 11.83 -1.89 5.49
N LYS A 107 11.39 -1.88 6.74
CA LYS A 107 10.04 -1.43 7.08
C LYS A 107 10.11 -0.03 7.68
N LEU A 108 9.51 0.94 6.99
CA LEU A 108 9.60 2.34 7.38
C LEU A 108 8.53 2.69 8.40
N SER A 109 7.28 2.40 8.05
CA SER A 109 6.14 2.82 8.85
C SER A 109 4.92 1.96 8.51
N GLN A 110 3.85 2.12 9.28
CA GLN A 110 2.61 1.40 9.07
C GLN A 110 1.40 2.28 9.38
N VAL A 111 0.52 2.43 8.41
CA VAL A 111 -0.74 3.15 8.58
C VAL A 111 -1.75 2.25 9.28
N ILE A 112 -2.02 2.51 10.54
CA ILE A 112 -3.00 1.75 11.30
C ILE A 112 -4.26 2.58 11.53
N GLY A 113 -5.32 2.24 10.81
CA GLY A 113 -6.57 2.97 10.92
C GLY A 113 -6.71 3.98 9.79
N ALA A 114 -7.09 5.21 10.14
CA ALA A 114 -7.28 6.27 9.15
C ALA A 114 -6.79 7.61 9.71
N ASP A 115 -5.47 7.77 9.75
CA ASP A 115 -4.85 8.98 10.30
C ASP A 115 -4.11 9.75 9.21
N ILE A 116 -4.76 10.77 8.67
CA ILE A 116 -4.18 11.55 7.57
C ILE A 116 -2.93 12.30 8.02
N SER A 117 -2.95 12.87 9.23
CA SER A 117 -1.81 13.61 9.76
C SER A 117 -0.62 12.67 9.96
N LYS A 118 -0.91 11.41 10.25
CA LYS A 118 0.10 10.39 10.44
C LYS A 118 0.72 10.00 9.10
N ILE A 119 -0.12 9.69 8.13
CA ILE A 119 0.33 9.19 6.84
C ILE A 119 1.13 10.24 6.09
N ILE A 120 0.68 11.50 6.11
CA ILE A 120 1.40 12.58 5.44
C ILE A 120 2.79 12.74 6.07
N SER A 121 2.88 12.45 7.36
CA SER A 121 4.15 12.54 8.07
C SER A 121 5.09 11.43 7.62
N GLU A 122 4.60 10.18 7.65
CA GLU A 122 5.46 9.02 7.42
C GLU A 122 5.83 8.87 5.93
N ILE A 123 4.92 9.27 5.04
CA ILE A 123 5.18 9.21 3.61
C ILE A 123 6.15 10.32 3.19
N ASN A 124 5.79 11.57 3.47
CA ASN A 124 6.62 12.72 3.12
C ASN A 124 7.96 12.66 3.86
N ASN A 125 7.98 11.90 4.95
CA ASN A 125 9.19 11.67 5.74
C ASN A 125 10.33 11.16 4.86
N ASN A 126 9.96 10.45 3.79
CA ASN A 126 10.93 9.82 2.89
C ASN A 126 10.97 10.54 1.55
N ILE A 127 9.80 10.84 1.00
CA ILE A 127 9.70 11.44 -0.34
C ILE A 127 9.35 12.93 -0.26
N ASN A 128 9.49 13.61 -1.39
CA ASN A 128 9.25 15.05 -1.48
C ASN A 128 7.84 15.44 -1.00
N MET A 1 -4.84 38.11 3.40
CA MET A 1 -5.35 37.13 4.40
C MET A 1 -6.46 36.28 3.80
N ALA A 2 -6.96 35.35 4.61
CA ALA A 2 -8.06 34.47 4.24
C ALA A 2 -7.69 33.56 3.07
N HIS A 3 -8.08 33.97 1.86
CA HIS A 3 -7.90 33.13 0.66
C HIS A 3 -8.51 31.73 0.90
N HIS A 4 -9.48 31.67 1.82
CA HIS A 4 -10.10 30.40 2.18
C HIS A 4 -11.55 30.35 1.72
N HIS A 5 -11.73 29.97 0.46
CA HIS A 5 -13.05 29.65 -0.09
C HIS A 5 -12.97 28.35 -0.87
N HIS A 6 -11.82 27.66 -0.74
CA HIS A 6 -11.52 26.46 -1.50
C HIS A 6 -11.42 25.26 -0.57
N HIS A 7 -12.40 24.37 -0.64
CA HIS A 7 -12.44 23.17 0.20
C HIS A 7 -13.14 22.05 -0.55
N HIS A 8 -12.86 20.80 -0.17
CA HIS A 8 -13.48 19.64 -0.80
C HIS A 8 -14.45 18.98 0.17
N MET A 9 -15.74 19.29 0.03
CA MET A 9 -16.79 18.69 0.85
C MET A 9 -17.50 17.58 0.07
N GLY A 10 -18.44 16.92 0.72
CA GLY A 10 -19.17 15.83 0.09
C GLY A 10 -18.78 14.48 0.66
N THR A 11 -19.50 13.44 0.28
CA THR A 11 -19.18 12.09 0.70
C THR A 11 -19.58 11.08 -0.39
N LEU A 12 -18.58 10.64 -1.15
CA LEU A 12 -18.81 9.64 -2.19
C LEU A 12 -18.86 8.25 -1.58
N GLU A 13 -19.95 7.55 -1.83
CA GLU A 13 -20.16 6.20 -1.28
C GLU A 13 -19.57 5.15 -2.22
N ALA A 14 -18.80 4.23 -1.64
CA ALA A 14 -18.23 3.09 -2.36
C ALA A 14 -17.27 3.51 -3.46
N GLN A 15 -15.98 3.52 -3.15
CA GLN A 15 -14.94 3.68 -4.16
C GLN A 15 -14.96 2.44 -5.05
N THR A 16 -15.21 2.63 -6.34
CA THR A 16 -15.47 1.53 -7.27
C THR A 16 -14.42 0.41 -7.17
N GLN A 17 -13.26 0.63 -7.79
CA GLN A 17 -12.18 -0.37 -7.81
C GLN A 17 -10.84 0.29 -8.09
N GLY A 18 -9.78 -0.51 -8.06
CA GLY A 18 -8.45 -0.01 -8.37
C GLY A 18 -7.51 -1.14 -8.75
N PRO A 19 -7.77 -1.84 -9.86
CA PRO A 19 -6.94 -2.95 -10.33
C PRO A 19 -5.87 -2.49 -11.32
N GLY A 20 -4.64 -3.00 -11.14
CA GLY A 20 -3.55 -2.67 -12.04
C GLY A 20 -3.35 -1.18 -12.24
N SER A 21 -3.23 -0.45 -11.14
CA SER A 21 -3.05 1.00 -11.17
C SER A 21 -2.06 1.43 -10.08
N MET A 22 -2.13 2.70 -9.66
CA MET A 22 -1.35 3.17 -8.51
C MET A 22 -1.53 2.22 -7.32
N ILE A 23 -2.75 1.70 -7.23
CA ILE A 23 -3.09 0.63 -6.30
C ILE A 23 -2.92 -0.72 -7.01
N GLU A 24 -2.18 -1.63 -6.40
CA GLU A 24 -1.90 -2.92 -7.02
C GLU A 24 -2.32 -4.06 -6.08
N GLN A 25 -2.64 -5.21 -6.67
CA GLN A 25 -3.03 -6.39 -5.91
C GLN A 25 -2.15 -7.56 -6.32
N ILE A 26 -1.49 -8.18 -5.35
CA ILE A 26 -0.50 -9.21 -5.60
C ILE A 26 -0.74 -10.42 -4.71
N GLY A 27 0.13 -11.42 -4.79
CA GLY A 27 0.01 -12.61 -3.96
C GLY A 27 1.12 -12.72 -2.93
N ASP A 28 0.98 -13.67 -2.01
CA ASP A 28 1.95 -13.87 -0.93
C ASP A 28 3.29 -14.36 -1.45
N SER A 29 3.25 -15.23 -2.45
CA SER A 29 4.46 -15.83 -3.01
C SER A 29 5.40 -14.77 -3.57
N GLU A 30 4.82 -13.77 -4.21
CA GLU A 30 5.57 -12.70 -4.85
C GLU A 30 5.54 -11.42 -4.01
N PHE A 31 4.83 -11.47 -2.88
CA PHE A 31 4.77 -10.33 -1.96
C PHE A 31 6.18 -9.86 -1.61
N ASP A 32 6.87 -10.68 -0.83
CA ASP A 32 8.27 -10.41 -0.46
C ASP A 32 9.09 -10.08 -1.71
N ASN A 33 8.83 -10.87 -2.75
CA ASN A 33 9.62 -10.83 -3.99
C ASN A 33 9.71 -9.40 -4.54
N LYS A 34 8.56 -8.77 -4.74
CA LYS A 34 8.51 -7.48 -5.40
C LYS A 34 8.35 -6.32 -4.40
N VAL A 35 7.97 -6.64 -3.17
CA VAL A 35 7.77 -5.63 -2.13
C VAL A 35 9.06 -5.35 -1.36
N THR A 36 9.65 -6.37 -0.76
CA THR A 36 10.78 -6.17 0.15
C THR A 36 12.10 -6.15 -0.62
N SER A 37 12.22 -7.08 -1.56
CA SER A 37 13.42 -7.20 -2.37
C SER A 37 13.51 -6.12 -3.44
N CYS A 38 12.65 -5.11 -3.35
CA CYS A 38 12.62 -4.02 -4.32
C CYS A 38 13.71 -3.00 -3.99
N ASN A 39 14.83 -3.09 -4.71
CA ASN A 39 15.97 -2.18 -4.51
C ASN A 39 15.80 -0.91 -5.35
N ASP A 40 14.58 -0.70 -5.86
CA ASP A 40 14.26 0.48 -6.67
C ASP A 40 14.14 1.73 -5.80
N ASN A 41 14.15 1.53 -4.48
CA ASN A 41 14.10 2.64 -3.51
C ASN A 41 12.74 3.36 -3.52
N ILE A 42 11.82 2.90 -4.36
CA ILE A 42 10.48 3.48 -4.40
C ILE A 42 9.72 3.06 -3.14
N LEU A 43 8.85 3.94 -2.62
CA LEU A 43 8.13 3.64 -1.40
C LEU A 43 6.92 2.76 -1.71
N ILE A 44 7.01 1.50 -1.27
CA ILE A 44 5.96 0.53 -1.48
C ILE A 44 5.03 0.47 -0.27
N LEU A 45 3.78 0.86 -0.48
CA LEU A 45 2.79 0.85 0.58
C LEU A 45 1.91 -0.39 0.48
N VAL A 46 2.19 -1.37 1.33
CA VAL A 46 1.39 -2.60 1.38
C VAL A 46 0.35 -2.48 2.50
N ASP A 47 -0.92 -2.36 2.12
CA ASP A 47 -1.98 -2.12 3.10
C ASP A 47 -2.75 -3.40 3.40
N PHE A 48 -3.21 -3.50 4.64
CA PHE A 48 -4.14 -4.52 5.05
C PHE A 48 -5.55 -3.98 4.85
N TRP A 49 -6.13 -4.32 3.71
CA TRP A 49 -7.43 -3.79 3.31
C TRP A 49 -8.51 -4.13 4.36
N ALA A 50 -9.45 -3.22 4.54
CA ALA A 50 -10.53 -3.40 5.51
C ALA A 50 -11.72 -4.10 4.86
N PRO A 51 -11.99 -5.37 5.23
CA PRO A 51 -13.11 -6.14 4.67
C PRO A 51 -14.45 -5.75 5.31
N TRP A 52 -14.43 -4.69 6.10
CA TRP A 52 -15.62 -4.17 6.76
C TRP A 52 -15.67 -2.65 6.61
N CYS A 53 -16.82 -2.15 6.18
CA CYS A 53 -16.99 -0.71 5.96
C CYS A 53 -17.09 0.05 7.29
N GLY A 54 -15.95 0.20 7.96
CA GLY A 54 -15.89 0.98 9.18
C GLY A 54 -15.45 2.41 8.90
N PRO A 55 -14.16 2.61 8.61
CA PRO A 55 -13.62 3.93 8.23
C PRO A 55 -14.11 4.34 6.84
N CYS A 56 -14.69 5.53 6.75
CA CYS A 56 -15.22 6.04 5.49
C CYS A 56 -15.47 7.55 5.62
N ARG A 57 -16.19 8.13 4.64
CA ARG A 57 -16.59 9.55 4.66
C ARG A 57 -15.39 10.47 4.42
N SER A 58 -14.20 9.90 4.27
CA SER A 58 -12.98 10.70 4.09
C SER A 58 -12.73 10.99 2.60
N LEU A 59 -13.74 10.72 1.77
CA LEU A 59 -13.63 10.82 0.32
C LEU A 59 -12.60 9.82 -0.21
N GLU A 60 -11.33 10.19 -0.12
CA GLU A 60 -10.24 9.34 -0.59
C GLU A 60 -9.50 8.78 0.63
N PRO A 61 -9.10 7.50 0.61
CA PRO A 61 -8.22 6.95 1.64
C PRO A 61 -6.84 7.58 1.54
N GLN A 62 -6.08 7.58 2.62
CA GLN A 62 -4.81 8.33 2.68
C GLN A 62 -3.88 7.89 1.56
N LEU A 63 -3.69 6.56 1.46
CA LEU A 63 -2.79 5.97 0.48
C LEU A 63 -3.13 6.44 -0.94
N GLU A 64 -4.43 6.52 -1.24
CA GLU A 64 -4.89 6.97 -2.56
C GLU A 64 -4.73 8.48 -2.68
N LYS A 65 -5.04 9.17 -1.59
CA LYS A 65 -4.99 10.63 -1.54
C LYS A 65 -3.61 11.10 -2.00
N LEU A 66 -2.57 10.46 -1.48
CA LEU A 66 -1.21 10.82 -1.86
C LEU A 66 -0.77 10.12 -3.14
N ALA A 67 -1.18 8.87 -3.32
CA ALA A 67 -0.77 8.07 -4.48
C ALA A 67 -1.11 8.81 -5.78
N GLN A 68 -2.32 9.34 -5.84
CA GLN A 68 -2.80 10.08 -7.02
C GLN A 68 -1.79 11.12 -7.47
N GLN A 69 -1.09 11.74 -6.51
CA GLN A 69 -0.10 12.76 -6.81
C GLN A 69 1.30 12.15 -6.92
N TYR A 70 1.72 11.50 -5.84
CA TYR A 70 3.10 11.02 -5.71
C TYR A 70 3.31 9.60 -6.23
N THR A 71 2.41 9.14 -7.11
CA THR A 71 2.49 7.76 -7.64
C THR A 71 3.89 7.48 -8.22
N GLU A 72 4.54 8.51 -8.69
CA GLU A 72 5.85 8.40 -9.32
C GLU A 72 6.92 7.94 -8.32
N ASN A 73 6.59 8.06 -7.02
CA ASN A 73 7.53 7.73 -5.95
C ASN A 73 6.86 6.78 -4.94
N VAL A 74 5.56 6.51 -5.12
CA VAL A 74 4.84 5.59 -4.23
C VAL A 74 4.03 4.59 -5.04
N LYS A 75 4.01 3.35 -4.57
CA LYS A 75 3.26 2.28 -5.23
C LYS A 75 2.55 1.44 -4.18
N ILE A 76 1.22 1.33 -4.29
CA ILE A 76 0.42 0.63 -3.29
C ILE A 76 0.18 -0.82 -3.70
N TYR A 77 0.23 -1.72 -2.72
CA TYR A 77 0.04 -3.16 -2.93
C TYR A 77 -0.77 -3.74 -1.78
N LYS A 78 -1.41 -4.87 -2.02
CA LYS A 78 -2.05 -5.64 -0.94
C LYS A 78 -2.42 -7.04 -1.41
N ILE A 79 -2.74 -7.90 -0.45
CA ILE A 79 -3.22 -9.25 -0.69
C ILE A 79 -4.23 -9.62 0.40
N ASN A 80 -5.47 -9.20 0.21
CA ASN A 80 -6.50 -9.35 1.23
C ASN A 80 -7.39 -10.56 0.94
N ILE A 81 -6.84 -11.75 1.18
CA ILE A 81 -7.59 -13.00 1.10
C ILE A 81 -7.05 -13.94 2.18
N GLU A 82 -7.35 -15.24 2.07
CA GLU A 82 -6.89 -16.21 3.06
C GLU A 82 -5.35 -16.30 3.10
N ASP A 83 -4.70 -15.72 2.09
CA ASP A 83 -3.24 -15.62 2.05
C ASP A 83 -2.74 -14.44 2.87
N ASN A 84 -3.65 -13.78 3.59
CA ASN A 84 -3.31 -12.61 4.41
C ASN A 84 -2.23 -12.96 5.43
N GLN A 85 -1.27 -12.06 5.58
CA GLN A 85 -0.12 -12.30 6.45
C GLN A 85 -0.42 -11.83 7.86
N ASP A 86 -0.38 -12.77 8.79
CA ASP A 86 -0.62 -12.48 10.21
C ASP A 86 0.45 -11.56 10.80
N VAL A 87 1.41 -11.15 9.97
CA VAL A 87 2.49 -10.26 10.41
C VAL A 87 1.93 -9.00 11.08
N ALA A 88 0.80 -8.51 10.57
CA ALA A 88 0.14 -7.34 11.16
C ALA A 88 -0.35 -7.67 12.59
N THR A 89 -0.86 -8.88 12.76
CA THR A 89 -1.29 -9.34 14.06
C THR A 89 -0.08 -9.58 14.97
N GLN A 90 1.05 -9.93 14.36
CA GLN A 90 2.30 -10.13 15.08
C GLN A 90 2.84 -8.79 15.58
N TYR A 91 2.65 -7.74 14.78
CA TYR A 91 2.94 -6.38 15.22
C TYR A 91 1.95 -5.96 16.30
N GLY A 92 0.83 -6.70 16.37
CA GLY A 92 -0.18 -6.46 17.37
C GLY A 92 -1.11 -5.33 16.98
N VAL A 93 -1.52 -5.29 15.71
CA VAL A 93 -2.45 -4.26 15.25
C VAL A 93 -3.83 -4.48 15.89
N SER A 94 -4.40 -3.41 16.42
CA SER A 94 -5.69 -3.47 17.10
C SER A 94 -6.82 -2.94 16.22
N ALA A 95 -6.54 -1.92 15.42
CA ALA A 95 -7.54 -1.26 14.59
C ALA A 95 -7.09 -1.17 13.14
N ILE A 96 -8.04 -1.33 12.23
CA ILE A 96 -7.77 -1.26 10.79
C ILE A 96 -8.16 0.12 10.23
N PRO A 97 -7.64 0.52 9.05
CA PRO A 97 -6.70 -0.28 8.26
C PRO A 97 -5.26 -0.14 8.74
N THR A 98 -4.34 -0.80 8.05
CA THR A 98 -2.92 -0.74 8.41
C THR A 98 -2.05 -0.76 7.16
N ILE A 99 -1.33 0.33 6.92
CA ILE A 99 -0.49 0.46 5.72
C ILE A 99 0.98 0.37 6.09
N LEU A 100 1.66 -0.67 5.61
CA LEU A 100 3.09 -0.84 5.87
C LEU A 100 3.92 -0.20 4.76
N MET A 101 5.01 0.45 5.14
CA MET A 101 5.87 1.16 4.21
C MET A 101 7.20 0.43 4.04
N PHE A 102 7.47 -0.05 2.82
CA PHE A 102 8.73 -0.74 2.51
C PHE A 102 9.54 0.03 1.48
N LYS A 103 10.85 -0.17 1.51
CA LYS A 103 11.78 0.49 0.60
C LYS A 103 13.17 -0.14 0.73
N ASN A 104 13.64 -0.79 -0.34
CA ASN A 104 15.01 -1.31 -0.41
C ASN A 104 15.24 -2.35 0.70
N GLY A 105 14.19 -3.07 1.07
CA GLY A 105 14.30 -4.12 2.08
C GLY A 105 14.03 -3.61 3.49
N LYS A 106 14.02 -2.29 3.66
CA LYS A 106 13.77 -1.67 4.96
C LYS A 106 12.31 -1.25 5.08
N LYS A 107 11.78 -1.33 6.30
CA LYS A 107 10.43 -0.84 6.57
C LYS A 107 10.53 0.54 7.23
N LEU A 108 9.84 1.52 6.64
CA LEU A 108 9.93 2.90 7.10
C LEU A 108 8.94 3.18 8.22
N SER A 109 7.69 2.76 8.04
CA SER A 109 6.63 3.05 9.00
C SER A 109 5.39 2.21 8.73
N GLN A 110 4.44 2.28 9.66
CA GLN A 110 3.15 1.61 9.51
C GLN A 110 2.01 2.54 9.94
N VAL A 111 1.00 2.65 9.10
CA VAL A 111 -0.16 3.48 9.38
C VAL A 111 -1.27 2.65 10.01
N ILE A 112 -1.49 2.85 11.30
CA ILE A 112 -2.58 2.17 12.00
C ILE A 112 -3.74 3.14 12.24
N GLY A 113 -4.85 2.93 11.53
CA GLY A 113 -6.00 3.81 11.68
C GLY A 113 -6.18 4.72 10.47
N ALA A 114 -6.61 5.95 10.72
CA ALA A 114 -6.84 6.91 9.65
C ALA A 114 -6.33 8.29 10.05
N ASP A 115 -5.01 8.49 9.93
CA ASP A 115 -4.38 9.76 10.30
C ASP A 115 -3.71 10.39 9.08
N ILE A 116 -4.42 11.28 8.40
CA ILE A 116 -3.92 11.90 7.18
C ILE A 116 -2.69 12.78 7.46
N SER A 117 -2.72 13.49 8.59
CA SER A 117 -1.61 14.37 8.97
C SER A 117 -0.35 13.54 9.23
N LYS A 118 -0.54 12.39 9.87
CA LYS A 118 0.55 11.47 10.17
C LYS A 118 1.16 10.91 8.88
N ILE A 119 0.30 10.38 8.00
CA ILE A 119 0.77 9.74 6.78
C ILE A 119 1.48 10.73 5.86
N ILE A 120 0.93 11.94 5.71
CA ILE A 120 1.57 12.95 4.86
C ILE A 120 2.93 13.34 5.44
N SER A 121 3.05 13.29 6.75
CA SER A 121 4.29 13.66 7.43
C SER A 121 5.37 12.62 7.15
N GLU A 122 5.07 11.35 7.38
CA GLU A 122 6.05 10.27 7.23
C GLU A 122 6.31 9.90 5.76
N ILE A 123 5.25 9.84 4.94
CA ILE A 123 5.41 9.48 3.53
C ILE A 123 6.27 10.50 2.80
N ASN A 124 5.89 11.78 2.90
CA ASN A 124 6.64 12.87 2.25
C ASN A 124 8.07 12.92 2.78
N ASN A 125 8.29 12.33 3.94
CA ASN A 125 9.61 12.30 4.58
C ASN A 125 10.50 11.23 3.95
N ASN A 126 9.90 10.35 3.14
CA ASN A 126 10.64 9.26 2.50
C ASN A 126 10.43 9.24 0.98
N ILE A 127 9.80 10.29 0.46
CA ILE A 127 9.61 10.46 -0.99
C ILE A 127 9.85 11.91 -1.39
N ASN A 128 9.95 12.15 -2.69
CA ASN A 128 10.20 13.50 -3.21
C ASN A 128 8.94 14.37 -3.07
N MET A 1 7.49 54.51 -24.96
CA MET A 1 6.98 54.35 -23.57
C MET A 1 7.22 52.93 -23.09
N ALA A 2 7.58 52.80 -21.81
CA ALA A 2 7.88 51.50 -21.21
C ALA A 2 6.67 50.60 -21.21
N HIS A 3 6.87 49.32 -21.56
CA HIS A 3 5.80 48.34 -21.61
C HIS A 3 5.41 47.91 -20.20
N HIS A 4 4.14 48.06 -19.84
CA HIS A 4 3.66 47.66 -18.52
C HIS A 4 3.81 46.15 -18.33
N HIS A 5 4.48 45.75 -17.25
CA HIS A 5 4.67 44.33 -16.94
C HIS A 5 3.31 43.70 -16.63
N HIS A 6 3.24 42.37 -16.75
CA HIS A 6 1.98 41.64 -16.59
C HIS A 6 2.23 40.19 -16.20
N HIS A 7 1.41 39.67 -15.29
CA HIS A 7 1.49 38.27 -14.88
C HIS A 7 0.12 37.78 -14.44
N HIS A 8 -0.39 36.75 -15.10
CA HIS A 8 -1.70 36.18 -14.80
C HIS A 8 -1.56 34.76 -14.26
N MET A 9 -2.69 34.11 -14.01
CA MET A 9 -2.72 32.73 -13.55
C MET A 9 -3.78 31.95 -14.33
N GLY A 10 -3.38 30.84 -14.94
CA GLY A 10 -4.30 30.06 -15.75
C GLY A 10 -4.77 28.79 -15.06
N THR A 11 -5.90 28.27 -15.53
CA THR A 11 -6.45 27.03 -15.03
C THR A 11 -7.03 26.23 -16.20
N LEU A 12 -6.61 24.97 -16.34
CA LEU A 12 -6.92 24.16 -17.53
C LEU A 12 -6.31 24.80 -18.78
N GLU A 13 -5.42 25.75 -18.56
CA GLU A 13 -4.72 26.46 -19.64
C GLU A 13 -3.55 25.61 -20.12
N ALA A 14 -3.73 24.95 -21.27
CA ALA A 14 -2.70 24.05 -21.83
C ALA A 14 -2.41 22.89 -20.86
N GLN A 15 -3.36 22.63 -19.98
CA GLN A 15 -3.21 21.62 -18.94
C GLN A 15 -4.01 20.36 -19.28
N THR A 16 -3.33 19.23 -19.32
CA THR A 16 -3.94 17.94 -19.65
C THR A 16 -4.03 17.04 -18.42
N GLN A 17 -4.51 15.81 -18.62
CA GLN A 17 -4.74 14.88 -17.52
C GLN A 17 -3.59 13.88 -17.40
N GLY A 18 -3.72 12.95 -16.44
CA GLY A 18 -2.75 11.89 -16.27
C GLY A 18 -3.21 10.85 -15.26
N PRO A 19 -4.36 10.20 -15.49
CA PRO A 19 -4.90 9.19 -14.57
C PRO A 19 -4.34 7.79 -14.84
N GLY A 20 -4.51 6.89 -13.87
CA GLY A 20 -4.02 5.53 -14.02
C GLY A 20 -4.10 4.75 -12.72
N SER A 21 -3.82 3.45 -12.78
CA SER A 21 -3.87 2.60 -11.60
C SER A 21 -2.49 2.51 -10.94
N MET A 22 -2.33 3.21 -9.82
CA MET A 22 -1.09 3.15 -9.04
C MET A 22 -1.25 2.17 -7.87
N ILE A 23 -2.35 1.43 -7.90
CA ILE A 23 -2.62 0.37 -6.92
C ILE A 23 -2.66 -0.98 -7.64
N GLU A 24 -1.62 -1.79 -7.45
CA GLU A 24 -1.51 -3.07 -8.14
C GLU A 24 -1.78 -4.22 -7.17
N GLN A 25 -2.54 -5.22 -7.63
CA GLN A 25 -2.91 -6.36 -6.81
C GLN A 25 -1.88 -7.48 -6.97
N ILE A 26 -1.36 -7.99 -5.85
CA ILE A 26 -0.34 -9.04 -5.90
C ILE A 26 -0.72 -10.23 -5.02
N GLY A 27 -0.26 -11.40 -5.42
CA GLY A 27 -0.58 -12.63 -4.71
C GLY A 27 0.33 -12.85 -3.52
N ASP A 28 0.09 -13.96 -2.81
CA ASP A 28 0.84 -14.31 -1.61
C ASP A 28 2.31 -14.57 -1.94
N SER A 29 2.55 -15.41 -2.95
CA SER A 29 3.89 -15.89 -3.27
C SER A 29 4.79 -14.74 -3.73
N GLU A 30 4.24 -13.82 -4.52
CA GLU A 30 5.02 -12.75 -5.11
C GLU A 30 5.18 -11.57 -4.16
N PHE A 31 4.44 -11.59 -3.05
CA PHE A 31 4.45 -10.50 -2.07
C PHE A 31 5.89 -10.08 -1.73
N ASP A 32 6.60 -10.93 -1.00
CA ASP A 32 7.97 -10.63 -0.61
C ASP A 32 8.84 -10.61 -1.86
N ASN A 33 8.50 -11.49 -2.80
CA ASN A 33 9.25 -11.68 -4.05
C ASN A 33 9.48 -10.37 -4.79
N LYS A 34 8.52 -9.45 -4.70
CA LYS A 34 8.65 -8.15 -5.38
C LYS A 34 8.73 -6.98 -4.39
N VAL A 35 8.29 -7.21 -3.15
CA VAL A 35 8.31 -6.15 -2.13
C VAL A 35 9.65 -6.11 -1.38
N THR A 36 10.04 -7.24 -0.78
CA THR A 36 11.23 -7.25 0.09
C THR A 36 12.51 -7.13 -0.73
N SER A 37 12.40 -7.40 -2.02
CA SER A 37 13.52 -7.33 -2.93
C SER A 37 13.64 -5.95 -3.57
N CYS A 38 12.88 -4.99 -3.02
CA CYS A 38 12.87 -3.63 -3.55
C CYS A 38 14.26 -3.00 -3.50
N ASN A 39 14.79 -2.68 -4.67
CA ASN A 39 16.04 -1.93 -4.80
C ASN A 39 15.76 -0.60 -5.50
N ASP A 40 14.47 -0.37 -5.78
CA ASP A 40 14.01 0.80 -6.52
C ASP A 40 14.16 2.06 -5.67
N ASN A 41 14.02 1.88 -4.36
CA ASN A 41 14.03 2.99 -3.39
C ASN A 41 12.73 3.80 -3.47
N ILE A 42 11.74 3.25 -4.17
CA ILE A 42 10.41 3.83 -4.20
C ILE A 42 9.62 3.33 -2.99
N LEU A 43 8.73 4.15 -2.45
CA LEU A 43 7.96 3.78 -1.26
C LEU A 43 6.80 2.87 -1.66
N ILE A 44 6.95 1.59 -1.33
CA ILE A 44 5.94 0.58 -1.60
C ILE A 44 4.96 0.49 -0.43
N LEU A 45 3.75 0.98 -0.67
CA LEU A 45 2.69 0.94 0.34
C LEU A 45 1.88 -0.35 0.19
N VAL A 46 2.14 -1.32 1.05
CA VAL A 46 1.47 -2.61 0.99
C VAL A 46 0.28 -2.64 1.95
N ASP A 47 -0.91 -2.88 1.39
CA ASP A 47 -2.14 -2.94 2.19
C ASP A 47 -2.49 -4.36 2.57
N PHE A 48 -2.83 -4.56 3.84
CA PHE A 48 -3.16 -5.88 4.36
C PHE A 48 -4.67 -6.03 4.56
N TRP A 49 -5.31 -6.54 3.52
CA TRP A 49 -6.74 -6.91 3.54
C TRP A 49 -7.66 -5.71 3.72
N ALA A 50 -7.63 -4.81 2.75
CA ALA A 50 -8.69 -3.81 2.57
C ALA A 50 -9.12 -3.84 1.11
N PRO A 51 -9.96 -4.83 0.73
CA PRO A 51 -10.25 -5.17 -0.68
C PRO A 51 -10.55 -3.95 -1.56
N TRP A 52 -11.78 -3.45 -1.49
CA TRP A 52 -12.23 -2.36 -2.37
C TRP A 52 -13.62 -1.91 -1.96
N CYS A 53 -14.00 -0.70 -2.35
CA CYS A 53 -15.31 -0.15 -2.05
C CYS A 53 -15.83 0.66 -3.23
N GLY A 54 -16.95 0.23 -3.80
CA GLY A 54 -17.55 0.95 -4.91
C GLY A 54 -17.99 2.35 -4.50
N PRO A 55 -19.06 2.47 -3.70
CA PRO A 55 -19.50 3.76 -3.17
C PRO A 55 -18.58 4.25 -2.04
N CYS A 56 -17.38 4.68 -2.42
CA CYS A 56 -16.40 5.17 -1.46
C CYS A 56 -16.89 6.50 -0.83
N ARG A 57 -17.17 6.48 0.46
CA ARG A 57 -17.65 7.66 1.17
C ARG A 57 -16.49 8.57 1.60
N SER A 58 -15.33 8.35 1.00
CA SER A 58 -14.14 9.14 1.30
C SER A 58 -13.53 9.67 0.01
N LEU A 59 -13.22 10.97 -0.01
CA LEU A 59 -12.58 11.58 -1.18
C LEU A 59 -11.14 11.08 -1.31
N GLU A 60 -11.01 9.84 -1.81
CA GLU A 60 -9.72 9.16 -1.97
C GLU A 60 -9.04 8.94 -0.62
N PRO A 61 -8.94 7.69 -0.16
CA PRO A 61 -8.21 7.34 1.07
C PRO A 61 -6.75 7.79 0.98
N GLN A 62 -6.06 7.77 2.12
CA GLN A 62 -4.72 8.32 2.24
C GLN A 62 -3.82 7.91 1.06
N LEU A 63 -3.82 6.61 0.79
CA LEU A 63 -2.96 6.03 -0.24
C LEU A 63 -3.20 6.70 -1.60
N GLU A 64 -4.47 6.81 -1.98
CA GLU A 64 -4.83 7.41 -3.26
C GLU A 64 -4.57 8.90 -3.22
N LYS A 65 -4.98 9.53 -2.11
CA LYS A 65 -4.92 10.97 -1.97
C LYS A 65 -3.50 11.47 -2.21
N LEU A 66 -2.51 10.76 -1.68
CA LEU A 66 -1.11 11.13 -1.93
C LEU A 66 -0.63 10.60 -3.27
N ALA A 67 -1.03 9.39 -3.62
CA ALA A 67 -0.61 8.78 -4.88
C ALA A 67 -0.93 9.67 -6.08
N GLN A 68 -2.04 10.40 -5.98
CA GLN A 68 -2.43 11.35 -7.02
C GLN A 68 -1.29 12.28 -7.38
N GLN A 69 -0.59 12.75 -6.35
CA GLN A 69 0.52 13.70 -6.52
C GLN A 69 1.86 12.97 -6.62
N TYR A 70 2.16 12.16 -5.61
CA TYR A 70 3.50 11.61 -5.41
C TYR A 70 3.68 10.21 -6.03
N THR A 71 2.84 9.87 -7.01
CA THR A 71 2.89 8.53 -7.62
C THR A 71 4.30 8.18 -8.10
N GLU A 72 5.09 9.20 -8.42
CA GLU A 72 6.45 9.02 -8.93
C GLU A 72 7.36 8.35 -7.89
N ASN A 73 7.01 8.49 -6.60
CA ASN A 73 7.83 7.94 -5.52
C ASN A 73 6.99 7.09 -4.56
N VAL A 74 5.74 6.81 -4.91
CA VAL A 74 4.89 5.92 -4.10
C VAL A 74 4.08 4.98 -5.00
N LYS A 75 3.96 3.73 -4.57
CA LYS A 75 3.12 2.74 -5.26
C LYS A 75 2.40 1.86 -4.25
N ILE A 76 1.12 1.64 -4.47
CA ILE A 76 0.29 0.89 -3.54
C ILE A 76 0.04 -0.52 -4.07
N TYR A 77 -0.02 -1.49 -3.16
CA TYR A 77 -0.26 -2.89 -3.54
C TYR A 77 -1.39 -3.51 -2.72
N LYS A 78 -2.24 -4.27 -3.39
CA LYS A 78 -3.30 -5.05 -2.76
C LYS A 78 -2.84 -6.49 -2.60
N ILE A 79 -2.41 -6.85 -1.40
CA ILE A 79 -1.86 -8.18 -1.15
C ILE A 79 -2.98 -9.17 -0.87
N ASN A 80 -2.87 -10.38 -1.43
CA ASN A 80 -3.90 -11.41 -1.30
C ASN A 80 -3.89 -12.06 0.09
N ILE A 81 -2.88 -11.73 0.89
CA ILE A 81 -2.81 -12.23 2.27
C ILE A 81 -3.91 -11.58 3.10
N GLU A 82 -5.10 -12.18 3.06
CA GLU A 82 -6.27 -11.64 3.73
C GLU A 82 -6.30 -12.02 5.22
N ASP A 83 -6.58 -13.29 5.48
CA ASP A 83 -6.75 -13.76 6.87
C ASP A 83 -5.43 -14.25 7.46
N ASN A 84 -4.51 -14.67 6.59
CA ASN A 84 -3.24 -15.26 7.03
C ASN A 84 -2.24 -14.16 7.38
N GLN A 85 -2.60 -13.30 8.32
CA GLN A 85 -1.72 -12.22 8.72
C GLN A 85 -1.15 -12.45 10.12
N ASP A 86 0.12 -12.84 10.18
CA ASP A 86 0.85 -12.90 11.45
C ASP A 86 1.53 -11.56 11.68
N VAL A 87 1.84 -10.89 10.57
CA VAL A 87 2.51 -9.59 10.58
C VAL A 87 1.79 -8.60 11.50
N ALA A 88 0.47 -8.56 11.39
CA ALA A 88 -0.35 -7.66 12.21
C ALA A 88 -0.14 -7.96 13.70
N THR A 89 -0.10 -9.24 14.04
CA THR A 89 0.09 -9.68 15.41
C THR A 89 1.55 -9.46 15.85
N GLN A 90 2.46 -9.56 14.87
CA GLN A 90 3.89 -9.34 15.11
C GLN A 90 4.14 -7.92 15.60
N TYR A 91 3.68 -6.96 14.83
CA TYR A 91 3.84 -5.55 15.20
C TYR A 91 2.81 -5.17 16.28
N GLY A 92 1.83 -6.04 16.47
CA GLY A 92 0.86 -5.87 17.54
C GLY A 92 -0.11 -4.73 17.27
N VAL A 93 -0.53 -4.60 16.02
CA VAL A 93 -1.46 -3.54 15.63
C VAL A 93 -2.86 -3.83 16.16
N SER A 94 -3.22 -5.12 16.15
CA SER A 94 -4.55 -5.58 16.59
C SER A 94 -5.66 -5.10 15.65
N ALA A 95 -5.89 -3.79 15.64
CA ALA A 95 -6.93 -3.18 14.81
C ALA A 95 -6.55 -3.24 13.33
N ILE A 96 -7.50 -3.63 12.50
CA ILE A 96 -7.29 -3.74 11.05
C ILE A 96 -8.14 -2.70 10.31
N PRO A 97 -7.77 -2.35 9.06
CA PRO A 97 -6.58 -2.87 8.37
C PRO A 97 -5.31 -2.13 8.76
N THR A 98 -4.18 -2.57 8.22
CA THR A 98 -2.89 -1.95 8.48
C THR A 98 -2.06 -1.92 7.20
N ILE A 99 -1.50 -0.76 6.89
CA ILE A 99 -0.73 -0.56 5.66
C ILE A 99 0.75 -0.40 5.99
N LEU A 100 1.59 -1.32 5.53
CA LEU A 100 3.02 -1.26 5.83
C LEU A 100 3.77 -0.54 4.72
N MET A 101 4.80 0.20 5.11
CA MET A 101 5.62 0.96 4.18
C MET A 101 6.97 0.29 4.00
N PHE A 102 7.25 -0.20 2.80
CA PHE A 102 8.54 -0.82 2.49
C PHE A 102 9.28 -0.02 1.43
N LYS A 103 10.58 0.11 1.60
CA LYS A 103 11.43 0.84 0.67
C LYS A 103 12.87 0.35 0.79
N ASN A 104 13.46 -0.01 -0.35
CA ASN A 104 14.85 -0.48 -0.42
C ASN A 104 15.05 -1.73 0.45
N GLY A 105 13.95 -2.47 0.66
CA GLY A 105 14.02 -3.72 1.41
C GLY A 105 13.81 -3.54 2.90
N LYS A 106 13.64 -2.29 3.34
CA LYS A 106 13.42 -2.00 4.76
C LYS A 106 11.97 -1.58 5.01
N LYS A 107 11.55 -1.67 6.27
CA LYS A 107 10.26 -1.12 6.67
C LYS A 107 10.48 0.30 7.16
N LEU A 108 9.56 1.20 6.82
CA LEU A 108 9.67 2.60 7.21
C LEU A 108 8.67 2.90 8.31
N SER A 109 7.41 2.58 8.07
CA SER A 109 6.34 2.82 9.02
C SER A 109 5.16 1.88 8.74
N GLN A 110 4.20 1.87 9.65
CA GLN A 110 2.94 1.16 9.45
C GLN A 110 1.77 2.10 9.72
N VAL A 111 0.90 2.23 8.73
CA VAL A 111 -0.32 3.02 8.86
C VAL A 111 -1.40 2.24 9.58
N ILE A 112 -1.75 2.70 10.77
CA ILE A 112 -2.84 2.09 11.55
C ILE A 112 -4.10 2.93 11.38
N GLY A 113 -5.17 2.30 10.92
CA GLY A 113 -6.42 3.01 10.70
C GLY A 113 -6.36 3.93 9.49
N ALA A 114 -6.75 5.18 9.67
CA ALA A 114 -6.77 6.15 8.58
C ALA A 114 -6.36 7.53 9.06
N ASP A 115 -5.17 7.62 9.64
CA ASP A 115 -4.63 8.90 10.10
C ASP A 115 -3.87 9.59 8.96
N ILE A 116 -4.62 10.33 8.16
CA ILE A 116 -4.06 11.08 7.03
C ILE A 116 -2.89 11.96 7.49
N SER A 117 -3.02 12.50 8.70
CA SER A 117 -2.02 13.40 9.25
C SER A 117 -0.70 12.66 9.51
N LYS A 118 -0.79 11.40 9.97
CA LYS A 118 0.43 10.63 10.27
C LYS A 118 1.07 10.16 8.97
N ILE A 119 0.23 9.71 8.03
CA ILE A 119 0.74 9.16 6.77
C ILE A 119 1.45 10.24 5.95
N ILE A 120 0.86 11.44 5.88
CA ILE A 120 1.51 12.54 5.16
C ILE A 120 2.80 12.95 5.89
N SER A 121 2.79 12.81 7.21
CA SER A 121 3.93 13.17 8.03
C SER A 121 5.13 12.29 7.69
N GLU A 122 4.93 10.98 7.69
CA GLU A 122 6.02 10.05 7.42
C GLU A 122 6.36 9.96 5.93
N ILE A 123 5.34 9.84 5.07
CA ILE A 123 5.58 9.67 3.64
C ILE A 123 6.34 10.86 3.04
N ASN A 124 5.86 12.07 3.31
CA ASN A 124 6.50 13.28 2.76
C ASN A 124 7.96 13.38 3.22
N ASN A 125 8.23 12.87 4.41
CA ASN A 125 9.59 12.84 4.95
C ASN A 125 10.36 11.63 4.40
N ASN A 126 9.62 10.64 3.93
CA ASN A 126 10.19 9.37 3.51
C ASN A 126 10.61 9.40 2.04
N ILE A 127 9.81 10.07 1.22
CA ILE A 127 10.05 10.13 -0.22
C ILE A 127 10.69 11.45 -0.62
N ASN A 128 11.16 11.52 -1.87
CA ASN A 128 11.91 12.68 -2.38
C ASN A 128 11.12 13.98 -2.18
N MET A 1 39.04 -13.31 -31.43
CA MET A 1 39.01 -12.05 -32.21
C MET A 1 38.87 -10.87 -31.24
N ALA A 2 39.50 -9.74 -31.59
CA ALA A 2 39.52 -8.56 -30.72
C ALA A 2 38.11 -8.05 -30.39
N HIS A 3 37.56 -8.57 -29.31
CA HIS A 3 36.28 -8.10 -28.76
C HIS A 3 36.41 -8.05 -27.24
N HIS A 4 37.57 -7.57 -26.79
CA HIS A 4 37.97 -7.62 -25.38
C HIS A 4 37.01 -6.83 -24.48
N HIS A 5 37.05 -7.13 -23.19
CA HIS A 5 36.30 -6.40 -22.14
C HIS A 5 34.79 -6.54 -22.31
N HIS A 6 34.36 -7.46 -23.16
CA HIS A 6 32.94 -7.66 -23.40
C HIS A 6 32.26 -8.40 -22.23
N HIS A 7 32.07 -7.69 -21.12
CA HIS A 7 31.38 -8.24 -19.96
C HIS A 7 30.81 -7.13 -19.09
N HIS A 8 29.64 -6.65 -19.47
CA HIS A 8 28.86 -5.72 -18.65
C HIS A 8 27.39 -6.13 -18.72
N MET A 9 27.17 -7.43 -18.75
CA MET A 9 25.84 -8.02 -18.83
C MET A 9 25.36 -8.41 -17.43
N GLY A 10 24.13 -8.92 -17.36
CA GLY A 10 23.57 -9.35 -16.09
C GLY A 10 22.62 -8.32 -15.51
N THR A 11 22.63 -7.13 -16.09
CA THR A 11 21.75 -6.05 -15.66
C THR A 11 20.31 -6.34 -16.14
N LEU A 12 19.68 -7.31 -15.48
CA LEU A 12 18.34 -7.74 -15.86
C LEU A 12 17.28 -6.81 -15.26
N GLU A 13 16.78 -5.91 -16.09
CA GLU A 13 15.68 -5.03 -15.70
C GLU A 13 14.74 -4.89 -16.89
N ALA A 14 13.57 -5.50 -16.81
CA ALA A 14 12.63 -5.54 -17.91
C ALA A 14 11.19 -5.66 -17.41
N GLN A 15 10.81 -4.76 -16.50
CA GLN A 15 9.45 -4.72 -16.00
C GLN A 15 8.47 -4.42 -17.14
N THR A 16 7.96 -5.48 -17.75
CA THR A 16 7.07 -5.37 -18.90
C THR A 16 5.61 -5.57 -18.47
N GLN A 17 5.41 -5.61 -17.16
CA GLN A 17 4.07 -5.72 -16.58
C GLN A 17 3.78 -4.51 -15.69
N GLY A 18 2.67 -4.55 -14.97
CA GLY A 18 2.23 -3.39 -14.22
C GLY A 18 1.53 -2.38 -15.11
N PRO A 19 0.23 -2.59 -15.38
CA PRO A 19 -0.53 -1.80 -16.36
C PRO A 19 -0.94 -0.41 -15.82
N GLY A 20 0.03 0.32 -15.29
CA GLY A 20 -0.23 1.67 -14.80
C GLY A 20 -1.08 1.69 -13.55
N SER A 21 -1.29 0.52 -12.95
CA SER A 21 -2.09 0.40 -11.74
C SER A 21 -1.28 0.85 -10.53
N MET A 22 -1.51 2.08 -10.08
CA MET A 22 -0.83 2.64 -8.92
C MET A 22 -1.28 1.91 -7.65
N ILE A 23 -2.50 1.37 -7.70
CA ILE A 23 -3.03 0.55 -6.62
C ILE A 23 -3.25 -0.87 -7.13
N GLU A 24 -2.17 -1.64 -7.23
CA GLU A 24 -2.22 -3.00 -7.78
C GLU A 24 -2.32 -4.02 -6.64
N GLN A 25 -2.90 -5.18 -6.93
CA GLN A 25 -3.01 -6.24 -5.94
C GLN A 25 -1.88 -7.25 -6.15
N ILE A 26 -1.28 -7.72 -5.07
CA ILE A 26 -0.15 -8.65 -5.16
C ILE A 26 -0.44 -9.94 -4.41
N GLY A 27 0.21 -11.01 -4.84
CA GLY A 27 0.06 -12.28 -4.18
C GLY A 27 0.87 -12.33 -2.89
N ASP A 28 0.39 -13.12 -1.95
CA ASP A 28 1.07 -13.27 -0.66
C ASP A 28 2.44 -13.90 -0.84
N SER A 29 2.53 -14.81 -1.81
CA SER A 29 3.75 -15.57 -2.07
C SER A 29 4.83 -14.69 -2.72
N GLU A 30 4.43 -13.54 -3.25
CA GLU A 30 5.34 -12.60 -3.91
C GLU A 30 5.45 -11.31 -3.11
N PHE A 31 4.77 -11.25 -1.96
CA PHE A 31 4.73 -10.05 -1.13
C PHE A 31 6.14 -9.48 -0.94
N ASP A 32 6.96 -10.18 -0.16
CA ASP A 32 8.33 -9.73 0.09
C ASP A 32 9.14 -9.76 -1.20
N ASN A 33 8.82 -10.76 -2.04
CA ASN A 33 9.56 -11.01 -3.27
C ASN A 33 9.68 -9.74 -4.13
N LYS A 34 8.60 -8.98 -4.18
CA LYS A 34 8.56 -7.76 -5.01
C LYS A 34 8.61 -6.49 -4.17
N VAL A 35 8.16 -6.57 -2.91
CA VAL A 35 8.09 -5.40 -2.04
C VAL A 35 9.43 -5.09 -1.36
N THR A 36 10.03 -6.10 -0.73
CA THR A 36 11.26 -5.87 0.04
C THR A 36 12.46 -5.74 -0.89
N SER A 37 12.41 -6.45 -2.01
CA SER A 37 13.50 -6.47 -2.98
C SER A 37 13.47 -5.23 -3.89
N CYS A 38 12.65 -4.24 -3.53
CA CYS A 38 12.55 -3.01 -4.31
C CYS A 38 13.90 -2.30 -4.42
N ASN A 39 14.65 -2.62 -5.47
CA ASN A 39 15.97 -2.02 -5.69
C ASN A 39 15.85 -0.63 -6.33
N ASP A 40 14.72 -0.38 -6.98
CA ASP A 40 14.48 0.90 -7.65
C ASP A 40 14.24 2.03 -6.64
N ASN A 41 14.33 1.70 -5.36
CA ASN A 41 14.26 2.71 -4.28
C ASN A 41 12.92 3.44 -4.26
N ILE A 42 11.90 2.82 -4.83
CA ILE A 42 10.56 3.40 -4.81
C ILE A 42 9.83 2.96 -3.54
N LEU A 43 9.01 3.84 -2.98
CA LEU A 43 8.30 3.55 -1.75
C LEU A 43 7.06 2.70 -2.04
N ILE A 44 7.06 1.48 -1.53
CA ILE A 44 5.95 0.55 -1.72
C ILE A 44 5.10 0.49 -0.47
N LEU A 45 3.81 0.78 -0.62
CA LEU A 45 2.88 0.79 0.51
C LEU A 45 1.85 -0.32 0.33
N VAL A 46 1.98 -1.37 1.11
CA VAL A 46 1.08 -2.52 1.02
C VAL A 46 0.05 -2.49 2.15
N ASP A 47 -1.23 -2.55 1.79
CA ASP A 47 -2.29 -2.57 2.79
C ASP A 47 -2.75 -3.99 3.03
N PHE A 48 -2.98 -4.31 4.30
CA PHE A 48 -3.44 -5.64 4.70
C PHE A 48 -4.94 -5.61 4.97
N TRP A 49 -5.63 -4.67 4.34
CA TRP A 49 -7.07 -4.54 4.49
C TRP A 49 -7.77 -5.34 3.39
N ALA A 50 -7.22 -5.27 2.18
CA ALA A 50 -7.72 -6.06 1.04
C ALA A 50 -9.16 -5.65 0.65
N PRO A 51 -9.68 -6.14 -0.49
CA PRO A 51 -11.08 -5.93 -0.87
C PRO A 51 -12.04 -6.80 -0.05
N TRP A 52 -11.95 -6.67 1.28
CA TRP A 52 -12.78 -7.43 2.19
C TRP A 52 -14.21 -6.88 2.21
N CYS A 53 -15.19 -7.77 2.43
CA CYS A 53 -16.59 -7.38 2.50
C CYS A 53 -16.84 -6.53 3.74
N GLY A 54 -16.63 -5.22 3.61
CA GLY A 54 -16.87 -4.30 4.70
C GLY A 54 -17.06 -2.87 4.20
N PRO A 55 -18.09 -2.16 4.70
CA PRO A 55 -18.33 -0.75 4.32
C PRO A 55 -17.14 0.14 4.67
N CYS A 56 -16.29 0.39 3.68
CA CYS A 56 -15.13 1.25 3.85
C CYS A 56 -15.55 2.67 4.20
N ARG A 57 -16.66 3.11 3.60
CA ARG A 57 -17.27 4.41 3.87
C ARG A 57 -16.47 5.58 3.27
N SER A 58 -15.14 5.43 3.22
CA SER A 58 -14.28 6.45 2.64
C SER A 58 -14.07 6.19 1.15
N LEU A 59 -14.42 7.18 0.33
CA LEU A 59 -14.20 7.10 -1.12
C LEU A 59 -12.96 7.91 -1.50
N GLU A 60 -12.20 8.30 -0.49
CA GLU A 60 -11.02 9.13 -0.68
C GLU A 60 -10.00 8.84 0.44
N PRO A 61 -9.35 7.66 0.39
CA PRO A 61 -8.43 7.23 1.44
C PRO A 61 -7.08 7.96 1.37
N GLN A 62 -6.39 8.01 2.52
CA GLN A 62 -5.15 8.78 2.67
C GLN A 62 -4.12 8.38 1.61
N LEU A 63 -3.81 7.08 1.58
CA LEU A 63 -2.72 6.54 0.77
C LEU A 63 -2.96 6.84 -0.71
N GLU A 64 -4.16 6.56 -1.19
CA GLU A 64 -4.53 6.80 -2.58
C GLU A 64 -4.57 8.30 -2.86
N LYS A 65 -4.97 9.08 -1.86
CA LYS A 65 -5.03 10.53 -2.00
C LYS A 65 -3.66 11.09 -2.36
N LEU A 66 -2.65 10.73 -1.57
CA LEU A 66 -1.28 11.17 -1.86
C LEU A 66 -0.71 10.47 -3.09
N ALA A 67 -1.12 9.22 -3.30
CA ALA A 67 -0.63 8.42 -4.43
C ALA A 67 -0.97 9.07 -5.77
N GLN A 68 -2.04 9.85 -5.79
CA GLN A 68 -2.45 10.57 -7.00
C GLN A 68 -1.32 11.47 -7.50
N GLN A 69 -0.59 12.04 -6.56
CA GLN A 69 0.53 12.92 -6.90
C GLN A 69 1.84 12.14 -6.94
N TYR A 70 2.15 11.47 -5.83
CA TYR A 70 3.43 10.80 -5.65
C TYR A 70 3.46 9.41 -6.27
N THR A 71 2.60 9.12 -7.24
CA THR A 71 2.43 7.75 -7.74
C THR A 71 3.76 7.11 -8.17
N GLU A 72 4.60 7.85 -8.87
CA GLU A 72 5.86 7.31 -9.36
C GLU A 72 6.88 7.13 -8.23
N ASN A 73 6.62 7.77 -7.10
CA ASN A 73 7.49 7.65 -5.93
C ASN A 73 6.88 6.70 -4.91
N VAL A 74 5.57 6.47 -5.01
CA VAL A 74 4.84 5.58 -4.10
C VAL A 74 3.85 4.69 -4.87
N LYS A 75 4.02 3.39 -4.74
CA LYS A 75 3.12 2.43 -5.37
C LYS A 75 2.45 1.58 -4.30
N ILE A 76 1.13 1.56 -4.31
CA ILE A 76 0.36 0.87 -3.29
C ILE A 76 -0.06 -0.51 -3.78
N TYR A 77 0.06 -1.50 -2.91
CA TYR A 77 -0.30 -2.87 -3.25
C TYR A 77 -1.28 -3.43 -2.22
N LYS A 78 -2.33 -4.08 -2.71
CA LYS A 78 -3.30 -4.72 -1.86
C LYS A 78 -2.95 -6.20 -1.72
N ILE A 79 -2.76 -6.65 -0.48
CA ILE A 79 -2.35 -8.03 -0.22
C ILE A 79 -3.43 -9.02 -0.67
N ASN A 80 -2.99 -10.18 -1.15
CA ASN A 80 -3.89 -11.25 -1.56
C ASN A 80 -4.77 -11.72 -0.39
N ILE A 81 -4.13 -12.31 0.61
CA ILE A 81 -4.82 -12.82 1.79
C ILE A 81 -4.55 -11.89 2.98
N GLU A 82 -5.63 -11.32 3.53
CA GLU A 82 -5.51 -10.29 4.58
C GLU A 82 -5.39 -10.89 5.98
N ASP A 83 -6.38 -11.70 6.39
CA ASP A 83 -6.53 -12.10 7.79
C ASP A 83 -5.51 -13.16 8.21
N ASN A 84 -4.96 -13.86 7.23
CA ASN A 84 -4.00 -14.95 7.50
C ASN A 84 -2.57 -14.42 7.59
N GLN A 85 -2.40 -13.11 7.45
CA GLN A 85 -1.07 -12.51 7.53
C GLN A 85 -0.64 -12.38 8.98
N ASP A 86 0.25 -13.27 9.41
CA ASP A 86 0.76 -13.26 10.78
C ASP A 86 1.52 -11.97 11.05
N VAL A 87 1.92 -11.29 9.99
CA VAL A 87 2.63 -10.01 10.08
C VAL A 87 1.83 -9.02 10.94
N ALA A 88 0.53 -8.92 10.68
CA ALA A 88 -0.33 -8.00 11.40
C ALA A 88 -0.36 -8.32 12.89
N THR A 89 -0.46 -9.61 13.21
CA THR A 89 -0.47 -10.07 14.58
C THR A 89 0.92 -9.99 15.21
N GLN A 90 1.95 -10.10 14.38
CA GLN A 90 3.34 -10.02 14.84
C GLN A 90 3.62 -8.63 15.38
N TYR A 91 3.28 -7.62 14.58
CA TYR A 91 3.43 -6.23 15.00
C TYR A 91 2.28 -5.82 15.93
N GLY A 92 1.31 -6.72 16.07
CA GLY A 92 0.23 -6.54 17.03
C GLY A 92 -0.60 -5.31 16.76
N VAL A 93 -1.10 -5.20 15.53
CA VAL A 93 -1.94 -4.06 15.16
C VAL A 93 -3.38 -4.27 15.65
N SER A 94 -3.95 -3.23 16.27
CA SER A 94 -5.31 -3.27 16.78
C SER A 94 -6.13 -2.10 16.26
N ALA A 95 -5.75 -1.60 15.09
CA ALA A 95 -6.44 -0.49 14.45
C ALA A 95 -6.45 -0.67 12.93
N ILE A 96 -7.62 -0.54 12.32
CA ILE A 96 -7.76 -0.71 10.88
C ILE A 96 -8.06 0.63 10.21
N PRO A 97 -7.61 0.84 8.96
CA PRO A 97 -6.82 -0.15 8.20
C PRO A 97 -5.36 -0.19 8.64
N THR A 98 -4.57 -1.02 7.99
CA THR A 98 -3.15 -1.15 8.30
C THR A 98 -2.33 -1.23 7.01
N ILE A 99 -1.49 -0.22 6.79
CA ILE A 99 -0.65 -0.16 5.59
C ILE A 99 0.83 -0.11 5.99
N LEU A 100 1.62 -1.05 5.50
CA LEU A 100 3.06 -1.07 5.78
C LEU A 100 3.84 -0.52 4.59
N MET A 101 4.90 0.22 4.88
CA MET A 101 5.68 0.91 3.85
C MET A 101 7.12 0.38 3.81
N PHE A 102 7.49 -0.24 2.69
CA PHE A 102 8.82 -0.83 2.50
C PHE A 102 9.54 -0.14 1.35
N LYS A 103 10.86 -0.16 1.40
CA LYS A 103 11.71 0.42 0.36
C LYS A 103 13.15 -0.02 0.56
N ASN A 104 13.72 -0.65 -0.47
CA ASN A 104 15.11 -1.10 -0.47
C ASN A 104 15.39 -1.99 0.76
N GLY A 105 14.48 -2.92 1.01
CA GLY A 105 14.65 -3.88 2.09
C GLY A 105 14.42 -3.29 3.48
N LYS A 106 14.04 -2.02 3.54
CA LYS A 106 13.83 -1.33 4.81
C LYS A 106 12.34 -1.04 5.02
N LYS A 107 11.89 -1.15 6.27
CA LYS A 107 10.52 -0.74 6.63
C LYS A 107 10.57 0.68 7.18
N LEU A 108 9.99 1.62 6.45
CA LEU A 108 10.12 3.03 6.80
C LEU A 108 9.01 3.46 7.75
N SER A 109 7.78 3.19 7.34
CA SER A 109 6.61 3.72 8.01
C SER A 109 5.44 2.76 7.88
N GLN A 110 4.35 3.05 8.59
CA GLN A 110 3.17 2.18 8.60
C GLN A 110 1.93 2.93 9.10
N VAL A 111 0.91 2.97 8.24
CA VAL A 111 -0.36 3.61 8.56
C VAL A 111 -1.21 2.67 9.42
N ILE A 112 -1.34 3.00 10.70
CA ILE A 112 -2.17 2.22 11.61
C ILE A 112 -3.39 3.05 12.01
N GLY A 113 -4.54 2.68 11.49
CA GLY A 113 -5.76 3.43 11.73
C GLY A 113 -6.04 4.40 10.60
N ALA A 114 -6.53 5.58 10.94
CA ALA A 114 -6.87 6.59 9.94
C ALA A 114 -6.49 7.99 10.43
N ASP A 115 -5.25 8.38 10.16
CA ASP A 115 -4.75 9.71 10.53
C ASP A 115 -4.04 10.36 9.35
N ILE A 116 -4.75 11.21 8.63
CA ILE A 116 -4.21 11.86 7.43
C ILE A 116 -2.95 12.67 7.77
N SER A 117 -2.97 13.36 8.91
CA SER A 117 -1.84 14.20 9.33
C SER A 117 -0.62 13.34 9.65
N LYS A 118 -0.86 12.12 10.08
CA LYS A 118 0.21 11.18 10.42
C LYS A 118 0.80 10.55 9.16
N ILE A 119 -0.07 10.15 8.24
CA ILE A 119 0.36 9.49 7.02
C ILE A 119 1.15 10.45 6.13
N ILE A 120 0.68 11.69 6.01
CA ILE A 120 1.39 12.68 5.21
C ILE A 120 2.78 12.92 5.81
N SER A 121 2.86 12.79 7.12
CA SER A 121 4.11 13.00 7.84
C SER A 121 5.10 11.89 7.51
N GLU A 122 4.66 10.63 7.66
CA GLU A 122 5.55 9.48 7.47
C GLU A 122 5.87 9.23 5.99
N ILE A 123 4.92 9.50 5.11
CA ILE A 123 5.15 9.32 3.68
C ILE A 123 6.18 10.33 3.16
N ASN A 124 5.90 11.62 3.34
CA ASN A 124 6.81 12.68 2.90
C ASN A 124 8.15 12.61 3.63
N ASN A 125 8.15 11.93 4.77
CA ASN A 125 9.38 11.70 5.55
C ASN A 125 10.40 10.90 4.74
N ASN A 126 9.91 10.03 3.86
CA ASN A 126 10.79 9.11 3.12
C ASN A 126 10.80 9.41 1.62
N ILE A 127 10.00 10.37 1.19
CA ILE A 127 9.93 10.76 -0.23
C ILE A 127 9.92 12.27 -0.37
N ASN A 128 10.11 12.74 -1.59
CA ASN A 128 10.10 14.17 -1.88
C ASN A 128 8.71 14.78 -1.66
N MET A 1 21.80 -12.50 5.97
CA MET A 1 20.43 -12.25 5.49
C MET A 1 19.68 -13.57 5.33
N ALA A 2 19.10 -14.05 6.42
CA ALA A 2 18.34 -15.29 6.42
C ALA A 2 16.93 -15.04 5.89
N HIS A 3 16.79 -15.01 4.57
CA HIS A 3 15.50 -14.77 3.92
C HIS A 3 14.80 -16.09 3.64
N HIS A 4 15.04 -17.06 4.52
CA HIS A 4 14.52 -18.43 4.35
C HIS A 4 13.06 -18.53 4.78
N HIS A 5 12.20 -17.67 4.22
CA HIS A 5 10.77 -17.70 4.48
C HIS A 5 10.00 -16.97 3.38
N HIS A 6 8.84 -17.52 3.04
CA HIS A 6 7.92 -16.90 2.08
C HIS A 6 6.49 -17.28 2.47
N HIS A 7 5.56 -17.25 1.52
CA HIS A 7 4.20 -17.70 1.77
C HIS A 7 3.70 -18.48 0.57
N HIS A 8 3.03 -19.61 0.82
CA HIS A 8 2.49 -20.45 -0.25
C HIS A 8 1.04 -20.83 0.05
N MET A 9 0.14 -19.89 -0.17
CA MET A 9 -1.28 -20.09 0.06
C MET A 9 -2.04 -18.85 -0.42
N GLY A 10 -2.62 -18.95 -1.63
CA GLY A 10 -3.30 -17.82 -2.24
C GLY A 10 -2.68 -17.48 -3.59
N THR A 11 -1.54 -18.11 -3.88
CA THR A 11 -0.82 -17.88 -5.13
C THR A 11 -1.61 -18.43 -6.32
N LEU A 12 -2.52 -19.37 -6.07
CA LEU A 12 -3.46 -19.83 -7.09
C LEU A 12 -4.67 -18.91 -7.11
N GLU A 13 -4.41 -17.64 -7.42
CA GLU A 13 -5.43 -16.59 -7.38
C GLU A 13 -4.86 -15.31 -7.97
N ALA A 14 -3.72 -14.90 -7.43
CA ALA A 14 -3.01 -13.72 -7.92
C ALA A 14 -1.62 -14.10 -8.40
N GLN A 15 -1.46 -14.18 -9.71
CA GLN A 15 -0.18 -14.53 -10.33
C GLN A 15 0.03 -13.70 -11.60
N THR A 16 -0.66 -12.57 -11.66
CA THR A 16 -0.61 -11.69 -12.81
C THR A 16 0.74 -10.98 -12.88
N GLN A 17 1.70 -11.61 -13.54
CA GLN A 17 3.04 -11.04 -13.69
C GLN A 17 3.04 -9.92 -14.71
N GLY A 18 2.76 -8.72 -14.22
CA GLY A 18 2.80 -7.53 -15.04
C GLY A 18 2.81 -6.28 -14.18
N PRO A 19 3.82 -6.12 -13.30
CA PRO A 19 3.87 -5.03 -12.33
C PRO A 19 4.04 -3.67 -12.99
N GLY A 20 3.33 -2.67 -12.45
CA GLY A 20 3.44 -1.32 -12.97
C GLY A 20 2.26 -0.45 -12.59
N SER A 21 1.19 -1.06 -12.09
CA SER A 21 0.01 -0.30 -11.67
C SER A 21 0.31 0.52 -10.42
N MET A 22 -0.34 1.68 -10.30
CA MET A 22 -0.18 2.51 -9.10
C MET A 22 -0.86 1.84 -7.91
N ILE A 23 -1.87 1.03 -8.21
CA ILE A 23 -2.54 0.20 -7.21
C ILE A 23 -2.72 -1.21 -7.77
N GLU A 24 -1.92 -2.15 -7.27
CA GLU A 24 -1.86 -3.50 -7.84
C GLU A 24 -1.97 -4.56 -6.75
N GLN A 25 -3.01 -5.39 -6.82
CA GLN A 25 -3.13 -6.53 -5.92
C GLN A 25 -2.27 -7.69 -6.45
N ILE A 26 -1.49 -8.30 -5.56
CA ILE A 26 -0.46 -9.27 -5.97
C ILE A 26 -0.61 -10.59 -5.24
N GLY A 27 0.22 -11.56 -5.62
CA GLY A 27 0.20 -12.87 -4.99
C GLY A 27 1.08 -12.92 -3.76
N ASP A 28 0.74 -13.82 -2.84
CA ASP A 28 1.45 -13.97 -1.57
C ASP A 28 2.87 -14.49 -1.81
N SER A 29 3.04 -15.29 -2.85
CA SER A 29 4.33 -15.86 -3.20
C SER A 29 5.28 -14.79 -3.73
N GLU A 30 4.74 -13.88 -4.54
CA GLU A 30 5.51 -12.80 -5.12
C GLU A 30 5.49 -11.56 -4.24
N PHE A 31 4.72 -11.63 -3.15
CA PHE A 31 4.54 -10.50 -2.23
C PHE A 31 5.88 -9.84 -1.91
N ASP A 32 6.70 -10.53 -1.12
CA ASP A 32 8.01 -10.00 -0.74
C ASP A 32 8.91 -9.95 -1.97
N ASN A 33 8.72 -10.95 -2.83
CA ASN A 33 9.54 -11.14 -4.03
C ASN A 33 9.60 -9.86 -4.88
N LYS A 34 8.51 -9.09 -4.91
CA LYS A 34 8.45 -7.88 -5.71
C LYS A 34 8.41 -6.62 -4.82
N VAL A 35 7.88 -6.76 -3.61
CA VAL A 35 7.74 -5.63 -2.70
C VAL A 35 9.03 -5.38 -1.91
N THR A 36 9.51 -6.39 -1.19
CA THR A 36 10.66 -6.20 -0.29
C THR A 36 11.96 -6.22 -1.09
N SER A 37 11.91 -6.86 -2.25
CA SER A 37 13.08 -6.95 -3.12
C SER A 37 13.20 -5.71 -4.00
N CYS A 38 12.34 -4.72 -3.76
CA CYS A 38 12.36 -3.48 -4.53
C CYS A 38 13.64 -2.70 -4.26
N ASN A 39 14.61 -2.83 -5.16
CA ASN A 39 15.89 -2.14 -5.02
C ASN A 39 15.83 -0.76 -5.67
N ASP A 40 14.68 -0.45 -6.29
CA ASP A 40 14.47 0.85 -6.93
C ASP A 40 14.32 1.95 -5.88
N ASN A 41 14.27 1.55 -4.61
CA ASN A 41 14.20 2.48 -3.48
C ASN A 41 12.95 3.35 -3.55
N ILE A 42 11.93 2.86 -4.25
CA ILE A 42 10.64 3.54 -4.32
C ILE A 42 9.81 3.12 -3.10
N LEU A 43 8.90 3.98 -2.66
CA LEU A 43 8.11 3.70 -1.46
C LEU A 43 6.90 2.84 -1.80
N ILE A 44 6.91 1.59 -1.37
CA ILE A 44 5.80 0.68 -1.61
C ILE A 44 4.91 0.57 -0.37
N LEU A 45 3.60 0.58 -0.58
CA LEU A 45 2.63 0.47 0.50
C LEU A 45 1.71 -0.71 0.24
N VAL A 46 1.85 -1.77 1.04
CA VAL A 46 1.02 -2.96 0.91
C VAL A 46 -0.17 -2.90 1.87
N ASP A 47 -1.37 -3.07 1.33
CA ASP A 47 -2.62 -2.87 2.09
C ASP A 47 -3.53 -4.10 2.04
N PHE A 48 -4.28 -4.28 3.11
CA PHE A 48 -5.43 -5.19 3.12
C PHE A 48 -6.61 -4.48 3.78
N TRP A 49 -7.45 -3.89 2.94
CA TRP A 49 -8.55 -3.03 3.37
C TRP A 49 -9.71 -3.84 3.96
N ALA A 50 -10.72 -3.10 4.43
CA ALA A 50 -11.95 -3.69 5.00
C ALA A 50 -11.69 -4.30 6.38
N PRO A 51 -12.70 -4.24 7.28
CA PRO A 51 -12.58 -4.85 8.61
C PRO A 51 -12.44 -6.37 8.52
N TRP A 52 -12.98 -6.92 7.44
CA TRP A 52 -12.97 -8.34 7.14
C TRP A 52 -13.86 -8.59 5.94
N CYS A 53 -15.03 -7.95 5.96
CA CYS A 53 -15.98 -7.98 4.85
C CYS A 53 -17.16 -7.06 5.18
N GLY A 54 -17.78 -6.48 4.15
CA GLY A 54 -18.92 -5.60 4.36
C GLY A 54 -18.70 -4.22 3.78
N PRO A 55 -19.29 -3.17 4.39
CA PRO A 55 -19.16 -1.80 3.89
C PRO A 55 -17.78 -1.19 4.17
N CYS A 56 -17.42 -0.18 3.38
CA CYS A 56 -16.12 0.49 3.52
C CYS A 56 -16.25 1.96 3.15
N ARG A 57 -17.04 2.26 2.12
CA ARG A 57 -17.22 3.62 1.61
C ARG A 57 -15.89 4.17 1.10
N SER A 58 -15.48 3.73 -0.08
CA SER A 58 -14.20 4.11 -0.65
C SER A 58 -14.36 5.28 -1.63
N LEU A 59 -13.54 6.32 -1.45
CA LEU A 59 -13.52 7.47 -2.36
C LEU A 59 -12.31 8.35 -2.05
N GLU A 60 -11.19 8.06 -2.71
CA GLU A 60 -9.93 8.79 -2.53
C GLU A 60 -9.49 8.79 -1.06
N PRO A 61 -8.95 7.66 -0.57
CA PRO A 61 -8.36 7.58 0.77
C PRO A 61 -7.01 8.30 0.83
N GLN A 62 -6.38 8.25 1.99
CA GLN A 62 -5.11 8.94 2.23
C GLN A 62 -4.10 8.64 1.10
N LEU A 63 -3.94 7.34 0.83
CA LEU A 63 -2.93 6.87 -0.12
C LEU A 63 -3.17 7.44 -1.51
N GLU A 64 -4.40 7.35 -2.01
CA GLU A 64 -4.71 7.87 -3.34
C GLU A 64 -4.60 9.39 -3.34
N LYS A 65 -5.00 10.01 -2.23
CA LYS A 65 -4.95 11.45 -2.08
C LYS A 65 -3.53 11.96 -2.34
N LEU A 66 -2.54 11.36 -1.68
CA LEU A 66 -1.15 11.74 -1.89
C LEU A 66 -0.58 11.16 -3.18
N ALA A 67 -1.01 9.95 -3.53
CA ALA A 67 -0.47 9.25 -4.69
C ALA A 67 -0.78 10.01 -5.98
N GLN A 68 -1.88 10.76 -6.00
CA GLN A 68 -2.20 11.60 -7.16
C GLN A 68 -1.01 12.50 -7.51
N GLN A 69 -0.26 12.89 -6.50
CA GLN A 69 0.96 13.66 -6.68
C GLN A 69 2.17 12.74 -6.75
N TYR A 70 2.36 11.97 -5.69
CA TYR A 70 3.61 11.21 -5.48
C TYR A 70 3.59 9.83 -6.13
N THR A 71 2.69 9.60 -7.08
CA THR A 71 2.57 8.29 -7.72
C THR A 71 3.92 7.78 -8.26
N GLU A 72 4.73 8.71 -8.78
CA GLU A 72 6.03 8.36 -9.35
C GLU A 72 7.03 7.94 -8.26
N ASN A 73 6.71 8.28 -7.01
CA ASN A 73 7.62 8.01 -5.88
C ASN A 73 7.00 6.96 -4.94
N VAL A 74 5.73 6.63 -5.15
CA VAL A 74 5.04 5.64 -4.30
C VAL A 74 4.32 4.60 -5.16
N LYS A 75 4.19 3.40 -4.60
CA LYS A 75 3.48 2.30 -5.26
C LYS A 75 2.56 1.62 -4.25
N ILE A 76 1.29 1.49 -4.61
CA ILE A 76 0.31 0.85 -3.74
C ILE A 76 0.03 -0.57 -4.21
N TYR A 77 0.09 -1.52 -3.29
CA TYR A 77 -0.16 -2.93 -3.58
C TYR A 77 -1.14 -3.50 -2.56
N LYS A 78 -1.91 -4.50 -2.96
CA LYS A 78 -2.88 -5.13 -2.07
C LYS A 78 -2.68 -6.64 -2.02
N ILE A 79 -3.43 -7.27 -1.11
CA ILE A 79 -3.31 -8.71 -0.81
C ILE A 79 -2.02 -8.96 -0.05
N ASN A 80 -2.13 -8.97 1.27
CA ASN A 80 -0.99 -9.13 2.16
C ASN A 80 -1.18 -10.38 3.03
N ILE A 81 -2.15 -10.30 3.94
CA ILE A 81 -2.43 -11.36 4.90
C ILE A 81 -3.92 -11.41 5.19
N GLU A 82 -4.52 -12.60 5.07
CA GLU A 82 -5.93 -12.78 5.42
C GLU A 82 -6.07 -13.05 6.92
N ASP A 83 -5.69 -14.27 7.33
CA ASP A 83 -5.72 -14.65 8.74
C ASP A 83 -4.36 -15.17 9.21
N ASN A 84 -3.58 -15.69 8.25
CA ASN A 84 -2.29 -16.30 8.54
C ASN A 84 -1.18 -15.26 8.49
N GLN A 85 -0.82 -14.71 9.65
CA GLN A 85 0.19 -13.66 9.72
C GLN A 85 1.04 -13.74 10.99
N ASP A 86 2.34 -13.51 10.82
CA ASP A 86 3.22 -13.18 11.94
C ASP A 86 3.27 -11.67 12.11
N VAL A 87 3.41 -10.99 10.98
CA VAL A 87 3.67 -9.55 10.93
C VAL A 87 2.68 -8.72 11.75
N ALA A 88 1.38 -8.88 11.51
CA ALA A 88 0.37 -8.06 12.17
C ALA A 88 0.42 -8.25 13.68
N THR A 89 0.41 -9.50 14.11
CA THR A 89 0.48 -9.82 15.53
C THR A 89 1.83 -9.38 16.14
N GLN A 90 2.89 -9.44 15.34
CA GLN A 90 4.23 -9.04 15.80
C GLN A 90 4.27 -7.55 16.11
N TYR A 91 3.61 -6.76 15.26
CA TYR A 91 3.49 -5.32 15.50
C TYR A 91 2.36 -5.04 16.48
N GLY A 92 1.48 -6.01 16.66
CA GLY A 92 0.38 -5.89 17.60
C GLY A 92 -0.79 -5.11 17.04
N VAL A 93 -0.90 -5.06 15.71
CA VAL A 93 -1.95 -4.31 15.04
C VAL A 93 -3.32 -4.84 15.43
N SER A 94 -4.24 -3.93 15.76
CA SER A 94 -5.60 -4.29 16.18
C SER A 94 -6.63 -3.36 15.52
N ALA A 95 -6.18 -2.58 14.54
CA ALA A 95 -7.05 -1.61 13.87
C ALA A 95 -6.86 -1.69 12.36
N ILE A 96 -7.97 -1.57 11.63
CA ILE A 96 -7.96 -1.70 10.18
C ILE A 96 -8.30 -0.36 9.51
N PRO A 97 -7.86 -0.14 8.25
CA PRO A 97 -7.01 -1.08 7.50
C PRO A 97 -5.55 -0.99 7.94
N THR A 98 -4.75 -1.97 7.58
CA THR A 98 -3.33 -1.98 7.90
C THR A 98 -2.52 -1.96 6.62
N ILE A 99 -1.69 -0.93 6.48
CA ILE A 99 -0.89 -0.70 5.28
C ILE A 99 0.58 -0.56 5.65
N LEU A 100 1.41 -1.52 5.25
CA LEU A 100 2.81 -1.52 5.63
C LEU A 100 3.66 -0.96 4.48
N MET A 101 4.59 -0.07 4.81
CA MET A 101 5.42 0.62 3.82
C MET A 101 6.82 -0.01 3.76
N PHE A 102 7.17 -0.56 2.59
CA PHE A 102 8.47 -1.21 2.39
C PHE A 102 9.31 -0.46 1.36
N LYS A 103 10.63 -0.65 1.44
CA LYS A 103 11.58 -0.07 0.50
C LYS A 103 12.96 -0.69 0.73
N ASN A 104 13.54 -1.30 -0.31
CA ASN A 104 14.91 -1.83 -0.25
C ASN A 104 15.03 -2.91 0.84
N GLY A 105 13.91 -3.56 1.15
CA GLY A 105 13.89 -4.61 2.16
C GLY A 105 13.60 -4.08 3.56
N LYS A 106 13.70 -2.76 3.71
CA LYS A 106 13.45 -2.09 4.98
C LYS A 106 12.00 -1.60 5.04
N LYS A 107 11.36 -1.74 6.18
CA LYS A 107 10.03 -1.17 6.39
C LYS A 107 10.17 0.21 7.03
N LEU A 108 9.50 1.19 6.46
CA LEU A 108 9.65 2.57 6.89
C LEU A 108 8.58 2.94 7.90
N SER A 109 7.33 2.70 7.53
CA SER A 109 6.17 3.13 8.31
C SER A 109 5.00 2.18 8.08
N GLN A 110 3.93 2.36 8.87
CA GLN A 110 2.75 1.51 8.77
C GLN A 110 1.48 2.32 9.03
N VAL A 111 0.65 2.44 8.01
CA VAL A 111 -0.62 3.15 8.11
C VAL A 111 -1.67 2.26 8.76
N ILE A 112 -2.02 2.57 10.00
CA ILE A 112 -3.01 1.80 10.73
C ILE A 112 -4.27 2.63 10.92
N GLY A 113 -5.32 2.28 10.18
CA GLY A 113 -6.58 2.99 10.26
C GLY A 113 -6.68 4.09 9.21
N ALA A 114 -7.14 5.27 9.64
CA ALA A 114 -7.32 6.40 8.72
C ALA A 114 -6.83 7.69 9.35
N ASP A 115 -5.51 7.86 9.39
CA ASP A 115 -4.90 9.08 9.92
C ASP A 115 -4.19 9.85 8.80
N ILE A 116 -4.85 10.84 8.24
CA ILE A 116 -4.27 11.67 7.19
C ILE A 116 -3.04 12.42 7.73
N SER A 117 -3.15 12.89 8.97
CA SER A 117 -2.08 13.62 9.63
C SER A 117 -0.85 12.73 9.81
N LYS A 118 -1.09 11.48 10.16
CA LYS A 118 -0.04 10.49 10.30
C LYS A 118 0.65 10.23 8.97
N ILE A 119 -0.13 9.85 7.97
CA ILE A 119 0.42 9.41 6.69
C ILE A 119 1.19 10.53 5.99
N ILE A 120 0.69 11.76 6.04
CA ILE A 120 1.41 12.88 5.41
C ILE A 120 2.76 13.08 6.11
N SER A 121 2.79 12.80 7.41
CA SER A 121 3.99 12.94 8.21
C SER A 121 5.02 11.88 7.83
N GLU A 122 4.61 10.61 7.83
CA GLU A 122 5.53 9.50 7.60
C GLU A 122 5.89 9.33 6.11
N ILE A 123 4.90 9.44 5.22
CA ILE A 123 5.15 9.29 3.78
C ILE A 123 6.12 10.35 3.29
N ASN A 124 5.78 11.63 3.49
CA ASN A 124 6.61 12.74 3.03
C ASN A 124 8.00 12.69 3.64
N ASN A 125 8.13 11.98 4.76
CA ASN A 125 9.43 11.80 5.41
C ASN A 125 10.27 10.78 4.64
N ASN A 126 9.60 9.79 4.05
CA ASN A 126 10.29 8.69 3.36
C ASN A 126 10.34 8.90 1.85
N ILE A 127 9.76 10.00 1.38
CA ILE A 127 9.86 10.41 -0.02
C ILE A 127 10.19 11.89 -0.12
N ASN A 128 10.55 12.35 -1.31
CA ASN A 128 11.01 13.73 -1.49
C ASN A 128 9.83 14.70 -1.43
N MET A 1 -39.81 21.17 -17.55
CA MET A 1 -40.64 21.31 -18.77
C MET A 1 -40.38 22.66 -19.44
N ALA A 2 -39.14 23.13 -19.37
CA ALA A 2 -38.78 24.46 -19.86
C ALA A 2 -38.60 24.49 -21.39
N HIS A 3 -39.62 24.03 -22.11
CA HIS A 3 -39.66 24.10 -23.58
C HIS A 3 -38.47 23.38 -24.23
N HIS A 4 -37.76 22.56 -23.45
CA HIS A 4 -36.58 21.86 -23.95
C HIS A 4 -36.97 20.53 -24.59
N HIS A 5 -36.40 20.27 -25.76
CA HIS A 5 -36.54 18.97 -26.42
C HIS A 5 -35.48 18.01 -25.88
N HIS A 6 -35.92 16.93 -25.24
CA HIS A 6 -35.01 15.95 -24.66
C HIS A 6 -34.31 15.16 -25.76
N HIS A 7 -33.13 15.62 -26.16
CA HIS A 7 -32.30 14.93 -27.15
C HIS A 7 -31.22 14.12 -26.44
N HIS A 8 -31.23 12.81 -26.66
CA HIS A 8 -30.19 11.94 -26.11
C HIS A 8 -28.83 12.35 -26.65
N MET A 9 -27.89 12.61 -25.75
CA MET A 9 -26.57 13.11 -26.13
C MET A 9 -25.49 12.34 -25.37
N GLY A 10 -24.32 12.22 -25.99
CA GLY A 10 -23.19 11.57 -25.35
C GLY A 10 -22.37 12.55 -24.53
N THR A 11 -21.15 12.15 -24.18
CA THR A 11 -20.24 13.00 -23.39
C THR A 11 -20.81 13.25 -21.98
N LEU A 12 -21.89 12.56 -21.66
CA LEU A 12 -22.54 12.71 -20.36
C LEU A 12 -21.77 11.92 -19.31
N GLU A 13 -21.26 12.63 -18.31
CA GLU A 13 -20.46 12.02 -17.23
C GLU A 13 -19.14 11.48 -17.77
N ALA A 14 -18.71 12.03 -18.92
CA ALA A 14 -17.43 11.65 -19.51
C ALA A 14 -16.29 12.24 -18.68
N GLN A 15 -15.95 11.55 -17.61
CA GLN A 15 -14.91 12.00 -16.69
C GLN A 15 -13.85 10.91 -16.56
N THR A 16 -12.58 11.30 -16.65
CA THR A 16 -11.49 10.35 -16.59
C THR A 16 -11.31 9.82 -15.16
N GLN A 17 -12.10 8.81 -14.80
CA GLN A 17 -11.99 8.18 -13.49
C GLN A 17 -10.86 7.15 -13.50
N GLY A 18 -9.64 7.64 -13.30
CA GLY A 18 -8.48 6.78 -13.26
C GLY A 18 -7.19 7.58 -13.25
N PRO A 19 -6.87 8.24 -12.11
CA PRO A 19 -5.65 9.03 -11.97
C PRO A 19 -4.43 8.16 -11.66
N GLY A 20 -3.29 8.81 -11.44
CA GLY A 20 -2.08 8.09 -11.09
C GLY A 20 -2.17 7.50 -9.69
N SER A 21 -2.87 6.39 -9.56
CA SER A 21 -3.07 5.72 -8.29
C SER A 21 -1.99 4.66 -8.04
N MET A 22 -1.75 3.83 -9.06
CA MET A 22 -0.77 2.74 -8.96
C MET A 22 -1.11 1.80 -7.80
N ILE A 23 -2.41 1.49 -7.69
CA ILE A 23 -2.87 0.48 -6.74
C ILE A 23 -2.84 -0.89 -7.42
N GLU A 24 -1.70 -1.55 -7.36
CA GLU A 24 -1.52 -2.82 -8.04
C GLU A 24 -1.80 -3.98 -7.08
N GLN A 25 -2.55 -4.96 -7.55
CA GLN A 25 -2.85 -6.15 -6.74
C GLN A 25 -1.90 -7.28 -7.13
N ILE A 26 -1.30 -7.92 -6.13
CA ILE A 26 -0.26 -8.92 -6.36
C ILE A 26 -0.62 -10.26 -5.72
N GLY A 27 0.23 -11.26 -5.96
CA GLY A 27 -0.03 -12.59 -5.46
C GLY A 27 0.63 -12.85 -4.11
N ASP A 28 0.28 -13.98 -3.52
CA ASP A 28 0.77 -14.38 -2.20
C ASP A 28 2.27 -14.68 -2.23
N SER A 29 2.70 -15.38 -3.28
CA SER A 29 4.08 -15.84 -3.37
C SER A 29 5.02 -14.70 -3.74
N GLU A 30 4.64 -13.92 -4.76
CA GLU A 30 5.46 -12.81 -5.25
C GLU A 30 5.41 -11.64 -4.27
N PHE A 31 4.52 -11.71 -3.29
CA PHE A 31 4.36 -10.64 -2.30
C PHE A 31 5.71 -10.14 -1.80
N ASP A 32 6.40 -10.97 -1.02
CA ASP A 32 7.69 -10.58 -0.47
C ASP A 32 8.71 -10.41 -1.58
N ASN A 33 8.55 -11.23 -2.62
CA ASN A 33 9.47 -11.25 -3.77
C ASN A 33 9.66 -9.85 -4.34
N LYS A 34 8.57 -9.09 -4.43
CA LYS A 34 8.62 -7.76 -5.03
C LYS A 34 8.47 -6.65 -3.98
N VAL A 35 8.01 -7.01 -2.78
CA VAL A 35 7.87 -6.04 -1.69
C VAL A 35 9.15 -5.93 -0.85
N THR A 36 9.56 -7.03 -0.24
CA THR A 36 10.69 -7.00 0.70
C THR A 36 12.03 -7.04 -0.04
N SER A 37 12.02 -7.67 -1.22
CA SER A 37 13.21 -7.74 -2.06
C SER A 37 13.23 -6.56 -3.04
N CYS A 38 12.35 -5.58 -2.80
CA CYS A 38 12.27 -4.41 -3.66
C CYS A 38 13.54 -3.55 -3.55
N ASN A 39 14.47 -3.76 -4.47
CA ASN A 39 15.67 -2.93 -4.56
C ASN A 39 15.40 -1.73 -5.48
N ASP A 40 14.12 -1.50 -5.77
CA ASP A 40 13.71 -0.40 -6.67
C ASP A 40 13.82 0.94 -5.94
N ASN A 41 14.14 0.88 -4.64
CA ASN A 41 14.41 2.07 -3.83
C ASN A 41 13.20 3.00 -3.70
N ILE A 42 12.06 2.60 -4.24
CA ILE A 42 10.85 3.41 -4.20
C ILE A 42 10.04 3.08 -2.94
N LEU A 43 9.16 3.98 -2.52
CA LEU A 43 8.33 3.74 -1.34
C LEU A 43 7.08 2.97 -1.75
N ILE A 44 7.05 1.70 -1.36
CA ILE A 44 5.90 0.84 -1.61
C ILE A 44 4.96 0.86 -0.41
N LEU A 45 3.67 1.04 -0.69
CA LEU A 45 2.63 1.04 0.32
C LEU A 45 1.77 -0.21 0.15
N VAL A 46 2.00 -1.20 1.00
CA VAL A 46 1.22 -2.45 0.96
C VAL A 46 0.03 -2.32 1.90
N ASP A 47 -1.18 -2.37 1.36
CA ASP A 47 -2.38 -2.11 2.15
C ASP A 47 -3.02 -3.41 2.62
N PHE A 48 -3.64 -3.36 3.80
CA PHE A 48 -4.39 -4.48 4.35
C PHE A 48 -5.81 -4.02 4.70
N TRP A 49 -6.56 -3.65 3.68
CA TRP A 49 -7.98 -3.33 3.82
C TRP A 49 -8.73 -3.78 2.58
N ALA A 50 -9.83 -4.52 2.77
CA ALA A 50 -10.62 -5.02 1.66
C ALA A 50 -12.10 -5.09 2.02
N PRO A 51 -12.85 -4.02 1.72
CA PRO A 51 -14.30 -4.03 1.84
C PRO A 51 -14.92 -4.68 0.60
N TRP A 52 -14.85 -6.01 0.56
CA TRP A 52 -15.35 -6.77 -0.59
C TRP A 52 -16.78 -6.36 -0.93
N CYS A 53 -17.61 -6.28 0.10
CA CYS A 53 -18.97 -5.77 -0.04
C CYS A 53 -19.00 -4.30 0.34
N GLY A 54 -18.67 -3.43 -0.62
CA GLY A 54 -18.57 -2.01 -0.36
C GLY A 54 -19.48 -1.19 -1.25
N PRO A 55 -19.30 0.14 -1.26
CA PRO A 55 -20.15 1.05 -2.03
C PRO A 55 -19.70 1.18 -3.50
N CYS A 56 -18.80 0.29 -3.92
CA CYS A 56 -18.29 0.29 -5.30
C CYS A 56 -17.57 1.62 -5.62
N ARG A 57 -17.26 2.37 -4.58
CA ARG A 57 -16.66 3.70 -4.72
C ARG A 57 -15.16 3.64 -4.41
N SER A 58 -14.38 4.49 -5.07
CA SER A 58 -12.99 4.67 -4.72
C SER A 58 -12.91 5.27 -3.32
N LEU A 59 -12.60 4.43 -2.34
CA LEU A 59 -12.60 4.83 -0.93
C LEU A 59 -11.74 6.08 -0.71
N GLU A 60 -10.67 6.18 -1.50
CA GLU A 60 -9.74 7.31 -1.40
C GLU A 60 -9.19 7.43 0.02
N PRO A 61 -8.42 6.43 0.48
CA PRO A 61 -7.73 6.49 1.76
C PRO A 61 -6.56 7.47 1.72
N GLN A 62 -5.89 7.64 2.86
CA GLN A 62 -4.77 8.57 2.98
C GLN A 62 -3.71 8.27 1.91
N LEU A 63 -3.37 6.98 1.84
CA LEU A 63 -2.30 6.51 0.96
C LEU A 63 -2.62 6.82 -0.50
N GLU A 64 -3.84 6.49 -0.91
CA GLU A 64 -4.29 6.75 -2.27
C GLU A 64 -4.32 8.25 -2.53
N LYS A 65 -4.84 8.99 -1.56
CA LYS A 65 -4.94 10.44 -1.65
C LYS A 65 -3.61 11.05 -2.04
N LEU A 66 -2.56 10.69 -1.31
CA LEU A 66 -1.23 11.22 -1.62
C LEU A 66 -0.68 10.60 -2.90
N ALA A 67 -1.01 9.33 -3.11
CA ALA A 67 -0.51 8.59 -4.28
C ALA A 67 -0.91 9.29 -5.57
N GLN A 68 -2.14 9.80 -5.62
CA GLN A 68 -2.66 10.45 -6.83
C GLN A 68 -1.66 11.49 -7.36
N GLN A 69 -0.95 12.14 -6.44
CA GLN A 69 0.07 13.12 -6.79
C GLN A 69 1.46 12.47 -6.87
N TYR A 70 1.87 11.84 -5.78
CA TYR A 70 3.23 11.34 -5.62
C TYR A 70 3.41 9.92 -6.16
N THR A 71 2.51 9.47 -7.03
CA THR A 71 2.53 8.11 -7.56
C THR A 71 3.90 7.73 -8.15
N GLU A 72 4.61 8.72 -8.69
CA GLU A 72 5.90 8.48 -9.32
C GLU A 72 6.97 8.12 -8.29
N ASN A 73 6.69 8.38 -7.02
CA ASN A 73 7.65 8.11 -5.93
C ASN A 73 7.03 7.11 -4.94
N VAL A 74 5.76 6.76 -5.12
CA VAL A 74 5.11 5.79 -4.24
C VAL A 74 4.25 4.82 -5.05
N LYS A 75 4.36 3.54 -4.72
CA LYS A 75 3.51 2.51 -5.32
C LYS A 75 2.59 1.96 -4.26
N ILE A 76 1.47 1.35 -4.66
CA ILE A 76 0.63 0.65 -3.71
C ILE A 76 0.40 -0.79 -4.17
N TYR A 77 0.44 -1.71 -3.22
CA TYR A 77 0.20 -3.12 -3.49
C TYR A 77 -0.92 -3.64 -2.60
N LYS A 78 -1.89 -4.29 -3.23
CA LYS A 78 -3.03 -4.86 -2.53
C LYS A 78 -2.96 -6.38 -2.60
N ILE A 79 -3.00 -7.01 -1.44
CA ILE A 79 -3.02 -8.48 -1.36
C ILE A 79 -4.35 -8.94 -0.78
N ASN A 80 -4.78 -10.13 -1.17
CA ASN A 80 -6.04 -10.70 -0.68
C ASN A 80 -5.74 -11.74 0.40
N ILE A 81 -6.80 -12.33 0.97
CA ILE A 81 -6.66 -13.35 2.01
C ILE A 81 -6.05 -12.72 3.25
N GLU A 82 -6.49 -11.49 3.53
CA GLU A 82 -6.03 -10.71 4.66
C GLU A 82 -6.55 -11.28 5.98
N ASP A 83 -7.32 -12.36 5.89
CA ASP A 83 -7.87 -13.05 7.06
C ASP A 83 -6.75 -13.84 7.75
N ASN A 84 -5.73 -14.20 6.97
CA ASN A 84 -4.68 -15.10 7.42
C ASN A 84 -3.34 -14.37 7.54
N GLN A 85 -3.40 -13.05 7.76
CA GLN A 85 -2.17 -12.26 7.89
C GLN A 85 -1.83 -12.06 9.37
N ASP A 86 -0.83 -12.80 9.83
CA ASP A 86 -0.38 -12.73 11.22
C ASP A 86 0.60 -11.58 11.41
N VAL A 87 0.99 -10.96 10.28
CA VAL A 87 1.90 -9.82 10.27
C VAL A 87 1.46 -8.75 11.27
N ALA A 88 0.14 -8.60 11.41
CA ALA A 88 -0.42 -7.65 12.36
C ALA A 88 0.10 -7.94 13.77
N THR A 89 -0.10 -9.17 14.24
CA THR A 89 0.36 -9.59 15.55
C THR A 89 1.89 -9.53 15.62
N GLN A 90 2.53 -9.86 14.50
CA GLN A 90 3.99 -9.83 14.41
C GLN A 90 4.51 -8.43 14.73
N TYR A 91 3.79 -7.41 14.28
CA TYR A 91 4.15 -6.02 14.59
C TYR A 91 3.51 -5.56 15.90
N GLY A 92 2.50 -6.28 16.34
CA GLY A 92 1.78 -5.90 17.56
C GLY A 92 0.67 -4.89 17.27
N VAL A 93 0.18 -4.90 16.04
CA VAL A 93 -0.92 -4.03 15.63
C VAL A 93 -2.19 -4.37 16.42
N SER A 94 -2.78 -3.35 17.03
CA SER A 94 -3.93 -3.54 17.92
C SER A 94 -5.26 -3.42 17.18
N ALA A 95 -5.25 -2.84 15.98
CA ALA A 95 -6.49 -2.63 15.23
C ALA A 95 -6.21 -2.48 13.73
N ILE A 96 -7.15 -2.94 12.92
CA ILE A 96 -7.07 -2.81 11.46
C ILE A 96 -7.92 -1.62 10.99
N PRO A 97 -7.70 -1.10 9.77
CA PRO A 97 -6.71 -1.63 8.80
C PRO A 97 -5.30 -1.15 9.10
N THR A 98 -4.33 -1.68 8.35
CA THR A 98 -2.94 -1.32 8.50
C THR A 98 -2.24 -1.35 7.14
N ILE A 99 -1.46 -0.31 6.85
CA ILE A 99 -0.70 -0.22 5.60
C ILE A 99 0.80 -0.22 5.90
N LEU A 100 1.53 -1.14 5.29
CA LEU A 100 2.97 -1.27 5.51
C LEU A 100 3.74 -0.43 4.50
N MET A 101 4.73 0.31 4.98
CA MET A 101 5.57 1.16 4.13
C MET A 101 6.97 0.58 4.01
N PHE A 102 7.33 0.16 2.81
CA PHE A 102 8.66 -0.38 2.52
C PHE A 102 9.39 0.48 1.49
N LYS A 103 10.72 0.55 1.61
CA LYS A 103 11.53 1.27 0.63
C LYS A 103 12.92 0.65 0.61
N ASN A 104 13.27 0.07 -0.54
CA ASN A 104 14.57 -0.60 -0.72
C ASN A 104 14.72 -1.73 0.30
N GLY A 105 13.59 -2.33 0.68
CA GLY A 105 13.59 -3.45 1.62
C GLY A 105 13.48 -3.03 3.07
N LYS A 106 13.57 -1.72 3.34
CA LYS A 106 13.45 -1.20 4.70
C LYS A 106 12.02 -0.75 4.99
N LYS A 107 11.48 -1.18 6.12
CA LYS A 107 10.17 -0.74 6.58
C LYS A 107 10.29 0.63 7.25
N LEU A 108 9.63 1.63 6.67
CA LEU A 108 9.65 2.98 7.21
C LEU A 108 8.63 3.12 8.34
N SER A 109 7.39 2.74 8.05
CA SER A 109 6.29 2.87 8.99
C SER A 109 5.15 1.92 8.63
N GLN A 110 4.18 1.85 9.52
CA GLN A 110 2.94 1.12 9.27
C GLN A 110 1.75 1.99 9.70
N VAL A 111 0.88 2.32 8.74
CA VAL A 111 -0.28 3.16 9.00
C VAL A 111 -1.40 2.35 9.63
N ILE A 112 -1.67 2.61 10.90
CA ILE A 112 -2.69 1.86 11.65
C ILE A 112 -3.92 2.73 11.88
N GLY A 113 -5.06 2.30 11.35
CA GLY A 113 -6.29 3.07 11.48
C GLY A 113 -6.42 4.10 10.38
N ALA A 114 -6.40 5.38 10.76
CA ALA A 114 -6.54 6.47 9.79
C ALA A 114 -5.96 7.76 10.34
N ASP A 115 -4.67 7.98 10.11
CA ASP A 115 -4.00 9.21 10.55
C ASP A 115 -3.45 9.97 9.35
N ILE A 116 -4.26 10.86 8.78
CA ILE A 116 -3.85 11.62 7.60
C ILE A 116 -2.66 12.53 7.92
N SER A 117 -2.71 13.21 9.06
CA SER A 117 -1.68 14.16 9.44
C SER A 117 -0.36 13.45 9.76
N LYS A 118 -0.44 12.19 10.19
CA LYS A 118 0.74 11.41 10.51
C LYS A 118 1.37 10.88 9.22
N ILE A 119 0.53 10.34 8.33
CA ILE A 119 1.02 9.71 7.10
C ILE A 119 1.62 10.74 6.15
N ILE A 120 1.02 11.94 6.07
CA ILE A 120 1.59 13.02 5.24
C ILE A 120 2.96 13.41 5.79
N SER A 121 3.11 13.30 7.10
CA SER A 121 4.35 13.63 7.78
C SER A 121 5.45 12.62 7.44
N GLU A 122 5.11 11.33 7.55
CA GLU A 122 6.10 10.27 7.32
C GLU A 122 6.38 10.04 5.83
N ILE A 123 5.33 9.99 5.00
CA ILE A 123 5.50 9.76 3.57
C ILE A 123 6.34 10.86 2.92
N ASN A 124 5.87 12.10 3.06
CA ASN A 124 6.53 13.25 2.43
C ASN A 124 7.98 13.41 2.92
N ASN A 125 8.25 12.81 4.07
CA ASN A 125 9.60 12.79 4.64
C ASN A 125 10.47 11.76 3.93
N ASN A 126 9.85 10.65 3.53
CA ASN A 126 10.57 9.55 2.88
C ASN A 126 10.74 9.80 1.39
N ILE A 127 9.70 10.37 0.76
CA ILE A 127 9.75 10.70 -0.65
C ILE A 127 10.24 12.14 -0.84
N ASN A 128 10.56 12.49 -2.07
CA ASN A 128 11.19 13.78 -2.37
C ASN A 128 10.20 14.94 -2.11
N MET A 1 -5.59 -0.36 23.01
CA MET A 1 -6.77 -0.55 23.89
C MET A 1 -8.05 -0.70 23.06
N ALA A 2 -7.90 -0.71 21.74
CA ALA A 2 -9.05 -0.83 20.84
C ALA A 2 -9.65 -2.24 20.91
N HIS A 3 -10.77 -2.37 21.61
CA HIS A 3 -11.49 -3.64 21.71
C HIS A 3 -12.52 -3.77 20.59
N HIS A 4 -12.48 -2.85 19.64
CA HIS A 4 -13.33 -2.93 18.45
C HIS A 4 -12.95 -4.17 17.64
N HIS A 5 -13.81 -5.18 17.68
CA HIS A 5 -13.55 -6.46 17.02
C HIS A 5 -13.50 -6.27 15.51
N HIS A 6 -12.37 -6.62 14.91
CA HIS A 6 -12.21 -6.51 13.46
C HIS A 6 -12.83 -7.72 12.76
N HIS A 7 -14.13 -7.88 12.95
CA HIS A 7 -14.87 -8.99 12.38
C HIS A 7 -14.90 -8.90 10.85
N HIS A 8 -14.39 -9.94 10.19
CA HIS A 8 -14.36 -10.00 8.74
C HIS A 8 -14.09 -11.42 8.26
N MET A 9 -14.68 -11.77 7.12
CA MET A 9 -14.49 -13.08 6.51
C MET A 9 -14.76 -13.00 5.01
N GLY A 10 -14.10 -13.84 4.24
CA GLY A 10 -14.28 -13.84 2.80
C GLY A 10 -13.41 -12.80 2.12
N THR A 11 -12.34 -13.25 1.50
CA THR A 11 -11.43 -12.35 0.78
C THR A 11 -11.75 -12.37 -0.72
N LEU A 12 -12.01 -11.19 -1.29
CA LEU A 12 -12.28 -11.11 -2.72
C LEU A 12 -10.98 -11.11 -3.52
N GLU A 13 -10.99 -11.85 -4.63
CA GLU A 13 -9.84 -11.95 -5.52
C GLU A 13 -10.22 -11.50 -6.92
N ALA A 14 -11.28 -10.70 -7.00
CA ALA A 14 -11.75 -10.14 -8.27
C ALA A 14 -10.61 -9.48 -9.04
N GLN A 15 -10.64 -9.55 -10.36
CA GLN A 15 -9.56 -9.04 -11.18
C GLN A 15 -9.87 -7.61 -11.67
N THR A 16 -9.32 -6.64 -10.95
CA THR A 16 -9.43 -5.23 -11.32
C THR A 16 -8.01 -4.64 -11.45
N GLN A 17 -7.88 -3.32 -11.39
CA GLN A 17 -6.58 -2.69 -11.55
C GLN A 17 -6.65 -1.24 -11.07
N GLY A 18 -5.52 -0.53 -11.13
CA GLY A 18 -5.46 0.86 -10.71
C GLY A 18 -4.95 1.76 -11.83
N PRO A 19 -5.82 2.08 -12.80
CA PRO A 19 -5.45 2.93 -13.94
C PRO A 19 -5.46 4.42 -13.56
N GLY A 20 -5.81 4.69 -12.31
CA GLY A 20 -5.75 6.05 -11.79
C GLY A 20 -4.59 6.20 -10.84
N SER A 21 -4.79 5.81 -9.59
CA SER A 21 -3.73 5.73 -8.61
C SER A 21 -2.90 4.47 -8.86
N MET A 22 -1.62 4.51 -8.51
CA MET A 22 -0.72 3.36 -8.72
C MET A 22 -1.11 2.21 -7.78
N ILE A 23 -2.17 1.50 -8.16
CA ILE A 23 -2.71 0.39 -7.36
C ILE A 23 -2.61 -0.92 -8.13
N GLU A 24 -1.95 -1.93 -7.54
CA GLU A 24 -1.92 -3.27 -8.13
C GLU A 24 -2.27 -4.32 -7.08
N GLN A 25 -3.01 -5.34 -7.50
CA GLN A 25 -3.35 -6.46 -6.61
C GLN A 25 -2.38 -7.61 -6.85
N ILE A 26 -1.75 -8.10 -5.78
CA ILE A 26 -0.72 -9.12 -5.90
C ILE A 26 -0.98 -10.30 -4.96
N GLY A 27 -0.27 -11.39 -5.21
CA GLY A 27 -0.37 -12.58 -4.37
C GLY A 27 0.79 -12.66 -3.40
N ASP A 28 0.65 -13.50 -2.37
CA ASP A 28 1.68 -13.66 -1.36
C ASP A 28 2.96 -14.23 -1.97
N SER A 29 2.81 -15.02 -3.03
CA SER A 29 3.93 -15.67 -3.71
C SER A 29 4.89 -14.63 -4.30
N GLU A 30 4.40 -13.42 -4.55
CA GLU A 30 5.20 -12.36 -5.15
C GLU A 30 5.27 -11.14 -4.23
N PHE A 31 4.56 -11.21 -3.10
CA PHE A 31 4.49 -10.10 -2.16
C PHE A 31 5.88 -9.61 -1.80
N ASP A 32 6.62 -10.41 -1.05
CA ASP A 32 7.98 -10.05 -0.65
C ASP A 32 8.86 -9.94 -1.90
N ASN A 33 8.56 -10.79 -2.88
CA ASN A 33 9.32 -10.88 -4.12
C ASN A 33 9.47 -9.50 -4.77
N LYS A 34 8.42 -8.71 -4.74
CA LYS A 34 8.43 -7.39 -5.39
C LYS A 34 8.42 -6.25 -4.36
N VAL A 35 8.04 -6.55 -3.12
CA VAL A 35 7.96 -5.54 -2.06
C VAL A 35 9.30 -5.38 -1.34
N THR A 36 9.85 -6.47 -0.83
CA THR A 36 11.10 -6.39 -0.05
C THR A 36 12.29 -6.24 -1.00
N SER A 37 12.12 -6.76 -2.21
CA SER A 37 13.14 -6.69 -3.24
C SER A 37 12.98 -5.40 -4.09
N CYS A 38 12.16 -4.47 -3.59
CA CYS A 38 11.90 -3.22 -4.29
C CYS A 38 13.18 -2.57 -4.81
N ASN A 39 13.45 -2.76 -6.10
CA ASN A 39 14.63 -2.18 -6.75
C ASN A 39 14.26 -0.87 -7.43
N ASP A 40 13.05 -0.40 -7.18
CA ASP A 40 12.56 0.84 -7.78
C ASP A 40 12.99 2.05 -6.96
N ASN A 41 13.43 1.80 -5.72
CA ASN A 41 13.71 2.87 -4.75
C ASN A 41 12.41 3.64 -4.44
N ILE A 42 11.29 3.02 -4.79
CA ILE A 42 9.98 3.60 -4.62
C ILE A 42 9.34 3.10 -3.33
N LEU A 43 8.64 4.01 -2.64
CA LEU A 43 7.96 3.68 -1.40
C LEU A 43 6.74 2.79 -1.69
N ILE A 44 6.87 1.51 -1.40
CA ILE A 44 5.80 0.56 -1.63
C ILE A 44 4.84 0.54 -0.43
N LEU A 45 3.61 0.92 -0.68
CA LEU A 45 2.56 0.95 0.33
C LEU A 45 1.68 -0.28 0.17
N VAL A 46 1.76 -1.21 1.11
CA VAL A 46 0.96 -2.43 1.06
C VAL A 46 -0.25 -2.30 2.00
N ASP A 47 -1.44 -2.31 1.41
CA ASP A 47 -2.68 -2.11 2.16
C ASP A 47 -3.26 -3.44 2.60
N PHE A 48 -3.43 -3.60 3.92
CA PHE A 48 -4.07 -4.79 4.48
C PHE A 48 -5.52 -4.46 4.85
N TRP A 49 -6.43 -4.79 3.95
CA TRP A 49 -7.85 -4.51 4.13
C TRP A 49 -8.67 -5.22 3.05
N ALA A 50 -9.82 -5.76 3.44
CA ALA A 50 -10.74 -6.38 2.49
C ALA A 50 -11.63 -5.32 1.83
N PRO A 51 -11.34 -4.94 0.57
CA PRO A 51 -12.04 -3.84 -0.10
C PRO A 51 -13.37 -4.26 -0.71
N TRP A 52 -14.29 -4.71 0.13
CA TRP A 52 -15.64 -5.06 -0.30
C TRP A 52 -16.41 -3.81 -0.72
N CYS A 53 -16.24 -3.41 -1.97
CA CYS A 53 -16.92 -2.25 -2.53
C CYS A 53 -17.22 -2.47 -4.01
N GLY A 54 -16.22 -2.97 -4.74
CA GLY A 54 -16.39 -3.26 -6.14
C GLY A 54 -15.14 -2.89 -6.93
N PRO A 55 -15.27 -2.09 -8.00
CA PRO A 55 -14.13 -1.62 -8.79
C PRO A 55 -13.38 -0.50 -8.05
N CYS A 56 -12.60 0.28 -8.81
CA CYS A 56 -11.85 1.40 -8.24
C CYS A 56 -12.82 2.50 -7.76
N ARG A 57 -13.39 2.28 -6.58
CA ARG A 57 -14.30 3.22 -5.95
C ARG A 57 -13.95 3.38 -4.47
N SER A 58 -13.32 4.50 -4.13
CA SER A 58 -12.90 4.76 -2.77
C SER A 58 -13.45 6.10 -2.28
N LEU A 59 -13.24 6.40 -1.01
CA LEU A 59 -13.71 7.64 -0.40
C LEU A 59 -12.53 8.62 -0.23
N GLU A 60 -11.58 8.52 -1.15
CA GLU A 60 -10.35 9.33 -1.10
C GLU A 60 -9.54 9.00 0.16
N PRO A 61 -8.85 7.86 0.17
CA PRO A 61 -8.01 7.45 1.30
C PRO A 61 -6.65 8.15 1.28
N GLN A 62 -5.97 8.15 2.43
CA GLN A 62 -4.68 8.84 2.57
C GLN A 62 -3.71 8.42 1.48
N LEU A 63 -3.60 7.10 1.29
CA LEU A 63 -2.62 6.51 0.39
C LEU A 63 -2.82 7.05 -1.03
N GLU A 64 -4.06 7.06 -1.50
CA GLU A 64 -4.37 7.55 -2.84
C GLU A 64 -4.24 9.07 -2.89
N LYS A 65 -4.60 9.75 -1.79
CA LYS A 65 -4.46 11.20 -1.71
C LYS A 65 -3.05 11.63 -2.07
N LEU A 66 -2.07 11.04 -1.40
CA LEU A 66 -0.67 11.36 -1.69
C LEU A 66 -0.21 10.68 -2.98
N ALA A 67 -0.79 9.52 -3.28
CA ALA A 67 -0.43 8.77 -4.49
C ALA A 67 -0.67 9.60 -5.75
N GLN A 68 -1.75 10.36 -5.76
CA GLN A 68 -2.12 11.18 -6.91
C GLN A 68 -0.96 12.10 -7.32
N GLN A 69 -0.22 12.57 -6.33
CA GLN A 69 0.92 13.46 -6.57
C GLN A 69 2.23 12.68 -6.68
N TYR A 70 2.50 11.86 -5.67
CA TYR A 70 3.79 11.17 -5.54
C TYR A 70 3.77 9.78 -6.18
N THR A 71 2.86 9.55 -7.13
CA THR A 71 2.73 8.24 -7.76
C THR A 71 4.07 7.73 -8.31
N GLU A 72 4.91 8.66 -8.75
CA GLU A 72 6.21 8.31 -9.35
C GLU A 72 7.18 7.77 -8.29
N ASN A 73 6.85 8.01 -7.03
CA ASN A 73 7.72 7.63 -5.92
C ASN A 73 6.98 6.71 -4.93
N VAL A 74 5.71 6.40 -5.21
CA VAL A 74 4.94 5.49 -4.35
C VAL A 74 4.26 4.41 -5.19
N LYS A 75 4.11 3.23 -4.62
CA LYS A 75 3.50 2.10 -5.31
C LYS A 75 2.64 1.29 -4.34
N ILE A 76 1.33 1.24 -4.59
CA ILE A 76 0.39 0.63 -3.65
C ILE A 76 0.05 -0.80 -4.08
N TYR A 77 -0.11 -1.69 -3.11
CA TYR A 77 -0.43 -3.09 -3.38
C TYR A 77 -1.61 -3.57 -2.53
N LYS A 78 -2.58 -4.19 -3.21
CA LYS A 78 -3.68 -4.89 -2.53
C LYS A 78 -3.32 -6.37 -2.44
N ILE A 79 -3.15 -6.86 -1.22
CA ILE A 79 -2.84 -8.27 -1.00
C ILE A 79 -4.10 -9.02 -0.55
N ASN A 80 -4.09 -10.34 -0.70
CA ASN A 80 -5.22 -11.17 -0.27
C ASN A 80 -5.12 -11.51 1.22
N ILE A 81 -3.90 -11.41 1.76
CA ILE A 81 -3.67 -11.68 3.18
C ILE A 81 -3.86 -10.41 3.99
N GLU A 82 -5.04 -10.26 4.58
CA GLU A 82 -5.42 -9.04 5.29
C GLU A 82 -4.92 -9.05 6.74
N ASP A 83 -5.55 -9.89 7.55
CA ASP A 83 -5.37 -9.87 9.01
C ASP A 83 -4.92 -11.22 9.55
N ASN A 84 -5.24 -12.29 8.82
CA ASN A 84 -4.86 -13.64 9.21
C ASN A 84 -3.39 -13.89 8.87
N GLN A 85 -2.50 -13.10 9.48
CA GLN A 85 -1.07 -13.17 9.20
C GLN A 85 -0.26 -12.90 10.46
N ASP A 86 1.00 -13.34 10.44
CA ASP A 86 1.94 -13.11 11.54
C ASP A 86 2.26 -11.62 11.66
N VAL A 87 2.44 -10.95 10.53
CA VAL A 87 2.83 -9.54 10.49
C VAL A 87 1.92 -8.67 11.36
N ALA A 88 0.61 -8.85 11.17
CA ALA A 88 -0.39 -8.09 11.93
C ALA A 88 -0.19 -8.31 13.42
N THR A 89 -0.11 -9.58 13.82
CA THR A 89 0.11 -9.95 15.21
C THR A 89 1.43 -9.37 15.73
N GLN A 90 2.43 -9.36 14.85
CA GLN A 90 3.77 -8.89 15.19
C GLN A 90 3.75 -7.41 15.58
N TYR A 91 3.07 -6.61 14.78
CA TYR A 91 2.95 -5.17 15.04
C TYR A 91 1.77 -4.86 15.96
N GLY A 92 1.12 -5.91 16.46
CA GLY A 92 0.04 -5.75 17.41
C GLY A 92 -1.19 -5.09 16.80
N VAL A 93 -1.37 -5.27 15.50
CA VAL A 93 -2.51 -4.71 14.79
C VAL A 93 -3.80 -5.41 15.20
N SER A 94 -4.53 -4.79 16.12
CA SER A 94 -5.82 -5.30 16.55
C SER A 94 -6.96 -4.52 15.88
N ALA A 95 -6.60 -3.36 15.30
CA ALA A 95 -7.57 -2.47 14.67
C ALA A 95 -7.21 -2.22 13.21
N ILE A 96 -8.07 -2.66 12.31
CA ILE A 96 -7.86 -2.50 10.87
C ILE A 96 -8.60 -1.26 10.37
N PRO A 97 -8.26 -0.72 9.18
CA PRO A 97 -7.21 -1.28 8.30
C PRO A 97 -5.79 -0.84 8.71
N THR A 98 -4.80 -1.43 8.07
CA THR A 98 -3.41 -1.11 8.33
C THR A 98 -2.57 -1.25 7.05
N ILE A 99 -1.81 -0.20 6.76
CA ILE A 99 -0.91 -0.17 5.61
C ILE A 99 0.53 -0.21 6.11
N LEU A 100 1.42 -0.86 5.37
CA LEU A 100 2.83 -0.92 5.76
C LEU A 100 3.69 -0.33 4.66
N MET A 101 4.68 0.45 5.06
CA MET A 101 5.54 1.19 4.13
C MET A 101 6.90 0.51 3.97
N PHE A 102 7.17 -0.04 2.79
CA PHE A 102 8.45 -0.68 2.50
C PHE A 102 9.19 0.07 1.40
N LYS A 103 10.52 -0.03 1.41
CA LYS A 103 11.35 0.55 0.36
C LYS A 103 12.77 0.00 0.45
N ASN A 104 13.19 -0.71 -0.62
CA ASN A 104 14.54 -1.29 -0.70
C ASN A 104 14.87 -2.10 0.55
N GLY A 105 13.98 -3.01 0.90
CA GLY A 105 14.20 -3.90 2.02
C GLY A 105 13.98 -3.24 3.37
N LYS A 106 13.91 -1.90 3.39
CA LYS A 106 13.71 -1.16 4.64
C LYS A 106 12.26 -0.73 4.77
N LYS A 107 11.63 -1.12 5.87
CA LYS A 107 10.28 -0.69 6.18
C LYS A 107 10.33 0.61 6.97
N LEU A 108 9.67 1.64 6.44
CA LEU A 108 9.74 3.00 6.97
C LEU A 108 8.78 3.18 8.14
N SER A 109 7.51 2.84 7.91
CA SER A 109 6.46 3.13 8.87
C SER A 109 5.21 2.28 8.58
N GLN A 110 4.24 2.34 9.50
CA GLN A 110 2.99 1.60 9.34
C GLN A 110 1.79 2.50 9.64
N VAL A 111 0.83 2.51 8.73
CA VAL A 111 -0.38 3.31 8.87
C VAL A 111 -1.49 2.48 9.52
N ILE A 112 -1.78 2.76 10.78
CA ILE A 112 -2.85 2.06 11.51
C ILE A 112 -4.02 3.01 11.76
N GLY A 113 -5.18 2.65 11.22
CA GLY A 113 -6.37 3.47 11.37
C GLY A 113 -6.58 4.40 10.18
N ALA A 114 -6.73 5.70 10.45
CA ALA A 114 -6.94 6.69 9.40
C ALA A 114 -6.53 8.08 9.90
N ASP A 115 -5.23 8.37 9.81
CA ASP A 115 -4.69 9.64 10.28
C ASP A 115 -3.91 10.33 9.16
N ILE A 116 -4.56 11.26 8.47
CA ILE A 116 -3.94 11.95 7.34
C ILE A 116 -2.69 12.73 7.79
N SER A 117 -2.76 13.38 8.95
CA SER A 117 -1.65 14.17 9.48
C SER A 117 -0.43 13.27 9.75
N LYS A 118 -0.71 12.04 10.15
CA LYS A 118 0.32 11.06 10.48
C LYS A 118 0.97 10.51 9.21
N ILE A 119 0.13 10.12 8.24
CA ILE A 119 0.62 9.52 7.01
C ILE A 119 1.44 10.52 6.20
N ILE A 120 1.00 11.78 6.14
CA ILE A 120 1.73 12.80 5.40
C ILE A 120 3.07 13.06 6.10
N SER A 121 3.08 12.90 7.41
CA SER A 121 4.26 13.09 8.21
C SER A 121 5.32 12.05 7.86
N GLU A 122 4.93 10.77 7.89
CA GLU A 122 5.88 9.68 7.62
C GLU A 122 6.20 9.52 6.13
N ILE A 123 5.20 9.68 5.27
CA ILE A 123 5.41 9.50 3.83
C ILE A 123 6.35 10.58 3.28
N ASN A 124 6.03 11.84 3.53
CA ASN A 124 6.85 12.96 3.06
C ASN A 124 8.26 12.89 3.66
N ASN A 125 8.38 12.16 4.76
CA ASN A 125 9.66 12.02 5.46
C ASN A 125 10.63 11.16 4.65
N ASN A 126 10.11 10.18 3.91
CA ASN A 126 10.97 9.21 3.21
C ASN A 126 11.01 9.47 1.70
N ILE A 127 10.03 10.22 1.17
CA ILE A 127 10.03 10.56 -0.26
C ILE A 127 9.93 12.07 -0.46
N ASN A 128 10.17 12.49 -1.70
CA ASN A 128 10.11 13.92 -2.06
C ASN A 128 8.65 14.39 -2.16
N MET A 1 -2.93 0.47 -68.73
CA MET A 1 -1.87 -0.53 -68.41
C MET A 1 -0.50 0.12 -68.42
N ALA A 2 0.08 0.29 -67.24
CA ALA A 2 1.41 0.87 -67.08
C ALA A 2 1.93 0.60 -65.68
N HIS A 3 3.24 0.48 -65.55
CA HIS A 3 3.88 0.22 -64.26
C HIS A 3 4.38 1.52 -63.63
N HIS A 4 3.44 2.41 -63.36
CA HIS A 4 3.75 3.70 -62.74
C HIS A 4 3.76 3.55 -61.22
N HIS A 5 4.94 3.68 -60.63
CA HIS A 5 5.09 3.52 -59.18
C HIS A 5 5.00 4.87 -58.47
N HIS A 6 4.72 4.81 -57.17
CA HIS A 6 4.58 5.99 -56.33
C HIS A 6 5.97 6.54 -55.97
N HIS A 7 6.33 7.67 -56.56
CA HIS A 7 7.66 8.25 -56.37
C HIS A 7 7.82 8.84 -54.96
N HIS A 8 6.86 9.67 -54.57
CA HIS A 8 6.90 10.33 -53.26
C HIS A 8 6.55 9.32 -52.17
N MET A 9 7.47 9.13 -51.23
CA MET A 9 7.28 8.17 -50.13
C MET A 9 6.86 8.91 -48.85
N GLY A 10 6.82 8.19 -47.74
CA GLY A 10 6.45 8.79 -46.47
C GLY A 10 7.11 8.10 -45.28
N THR A 11 7.56 8.90 -44.32
CA THR A 11 8.18 8.37 -43.10
C THR A 11 7.16 8.26 -41.97
N LEU A 12 7.14 7.13 -41.29
CA LEU A 12 6.24 6.91 -40.16
C LEU A 12 6.86 7.41 -38.86
N GLU A 13 6.10 7.35 -37.78
CA GLU A 13 6.55 7.84 -36.49
C GLU A 13 6.44 6.72 -35.45
N ALA A 14 7.18 6.83 -34.36
CA ALA A 14 7.17 5.82 -33.31
C ALA A 14 7.39 6.45 -31.93
N GLN A 15 6.30 6.61 -31.17
CA GLN A 15 6.37 7.12 -29.81
C GLN A 15 6.52 5.98 -28.82
N THR A 16 6.76 6.31 -27.56
CA THR A 16 6.87 5.31 -26.50
C THR A 16 6.36 5.88 -25.19
N GLN A 17 5.08 5.67 -24.92
CA GLN A 17 4.44 6.18 -23.72
C GLN A 17 4.71 5.26 -22.53
N GLY A 18 4.31 5.70 -21.34
CA GLY A 18 4.53 4.92 -20.13
C GLY A 18 3.40 5.07 -19.14
N PRO A 19 2.21 4.51 -19.46
CA PRO A 19 1.05 4.59 -18.58
C PRO A 19 1.20 3.67 -17.35
N GLY A 20 0.22 3.73 -16.45
CA GLY A 20 0.25 2.92 -15.24
C GLY A 20 -0.78 3.36 -14.23
N SER A 21 -0.66 2.87 -13.00
CA SER A 21 -1.58 3.22 -11.93
C SER A 21 -0.87 3.15 -10.59
N MET A 22 -1.52 3.63 -9.53
CA MET A 22 -0.91 3.73 -8.21
C MET A 22 -1.19 2.48 -7.37
N ILE A 23 -2.44 2.02 -7.40
CA ILE A 23 -2.85 0.90 -6.54
C ILE A 23 -3.08 -0.38 -7.36
N GLU A 24 -2.38 -1.43 -6.98
CA GLU A 24 -2.54 -2.76 -7.55
C GLU A 24 -2.66 -3.78 -6.42
N GLN A 25 -3.29 -4.91 -6.68
CA GLN A 25 -3.34 -5.99 -5.70
C GLN A 25 -2.32 -7.07 -6.05
N ILE A 26 -1.77 -7.73 -5.02
CA ILE A 26 -0.72 -8.73 -5.20
C ILE A 26 -1.07 -10.01 -4.42
N GLY A 27 -0.15 -10.98 -4.46
CA GLY A 27 -0.38 -12.26 -3.81
C GLY A 27 0.86 -12.81 -3.14
N ASP A 28 0.72 -14.03 -2.64
CA ASP A 28 1.76 -14.72 -1.86
C ASP A 28 3.10 -14.78 -2.60
N SER A 29 3.06 -15.25 -3.84
CA SER A 29 4.27 -15.60 -4.58
C SER A 29 5.04 -14.35 -5.03
N GLU A 30 4.36 -13.21 -5.06
CA GLU A 30 4.96 -11.96 -5.52
C GLU A 30 5.14 -10.96 -4.38
N PHE A 31 4.46 -11.21 -3.25
CA PHE A 31 4.47 -10.29 -2.11
C PHE A 31 5.90 -9.88 -1.76
N ASP A 32 6.67 -10.80 -1.20
CA ASP A 32 8.05 -10.52 -0.83
C ASP A 32 8.87 -10.19 -2.08
N ASN A 33 8.57 -10.94 -3.14
CA ASN A 33 9.32 -10.91 -4.38
C ASN A 33 9.45 -9.49 -4.94
N LYS A 34 8.44 -8.66 -4.75
CA LYS A 34 8.49 -7.28 -5.26
C LYS A 34 8.50 -6.25 -4.13
N VAL A 35 7.95 -6.62 -2.97
CA VAL A 35 7.87 -5.68 -1.84
C VAL A 35 9.19 -5.64 -1.06
N THR A 36 9.70 -6.80 -0.66
CA THR A 36 10.93 -6.84 0.15
C THR A 36 12.15 -6.81 -0.75
N SER A 37 11.97 -7.23 -1.99
CA SER A 37 13.04 -7.22 -2.98
C SER A 37 13.02 -5.91 -3.78
N CYS A 38 12.24 -4.93 -3.30
CA CYS A 38 12.12 -3.64 -3.96
C CYS A 38 13.48 -2.94 -4.03
N ASN A 39 14.21 -3.18 -5.13
CA ASN A 39 15.52 -2.56 -5.34
C ASN A 39 15.38 -1.24 -6.08
N ASP A 40 14.15 -0.91 -6.47
CA ASP A 40 13.86 0.34 -7.17
C ASP A 40 13.99 1.53 -6.24
N ASN A 41 14.17 1.25 -4.95
CA ASN A 41 14.25 2.28 -3.91
C ASN A 41 12.99 3.15 -3.90
N ILE A 42 11.90 2.60 -4.44
CA ILE A 42 10.61 3.29 -4.46
C ILE A 42 9.81 2.85 -3.23
N LEU A 43 8.97 3.74 -2.71
CA LEU A 43 8.21 3.45 -1.50
C LEU A 43 6.97 2.64 -1.82
N ILE A 44 6.95 1.40 -1.34
CA ILE A 44 5.82 0.51 -1.54
C ILE A 44 4.93 0.49 -0.31
N LEU A 45 3.65 0.79 -0.52
CA LEU A 45 2.66 0.77 0.57
C LEU A 45 1.75 -0.44 0.42
N VAL A 46 1.85 -1.39 1.35
CA VAL A 46 1.02 -2.59 1.31
C VAL A 46 -0.18 -2.45 2.25
N ASP A 47 -1.38 -2.58 1.68
CA ASP A 47 -2.64 -2.45 2.41
C ASP A 47 -3.17 -3.82 2.82
N PHE A 48 -3.47 -4.00 4.09
CA PHE A 48 -4.07 -5.23 4.59
C PHE A 48 -5.59 -5.22 4.36
N TRP A 49 -5.96 -5.45 3.10
CA TRP A 49 -7.35 -5.53 2.63
C TRP A 49 -8.29 -4.56 3.34
N ALA A 50 -8.20 -3.28 2.95
CA ALA A 50 -9.17 -2.28 3.39
C ALA A 50 -10.59 -2.77 3.09
N PRO A 51 -11.41 -2.99 4.14
CA PRO A 51 -12.77 -3.53 3.99
C PRO A 51 -13.68 -2.57 3.22
N TRP A 52 -13.64 -2.68 1.88
CA TRP A 52 -14.45 -1.87 0.95
C TRP A 52 -14.60 -0.39 1.37
N CYS A 53 -15.41 -0.14 2.40
CA CYS A 53 -15.64 1.20 2.92
C CYS A 53 -16.33 2.10 1.88
N GLY A 54 -15.58 2.56 0.89
CA GLY A 54 -16.11 3.51 -0.07
C GLY A 54 -16.63 4.77 0.61
N PRO A 55 -15.72 5.66 1.05
CA PRO A 55 -16.09 6.86 1.81
C PRO A 55 -17.09 7.73 1.06
N CYS A 56 -18.37 7.52 1.34
CA CYS A 56 -19.44 8.25 0.66
C CYS A 56 -19.48 9.70 1.15
N ARG A 57 -18.57 10.51 0.63
CA ARG A 57 -18.50 11.93 0.97
C ARG A 57 -17.79 12.69 -0.16
N SER A 58 -17.53 11.99 -1.27
CA SER A 58 -16.83 12.55 -2.42
C SER A 58 -15.35 12.81 -2.09
N LEU A 59 -14.87 12.16 -1.03
CA LEU A 59 -13.46 12.28 -0.61
C LEU A 59 -12.72 10.97 -0.88
N GLU A 60 -11.43 11.09 -1.16
CA GLU A 60 -10.57 9.93 -1.41
C GLU A 60 -9.72 9.63 -0.18
N PRO A 61 -9.38 8.35 0.07
CA PRO A 61 -8.55 7.95 1.21
C PRO A 61 -7.14 8.52 1.11
N GLN A 62 -6.40 8.48 2.23
CA GLN A 62 -5.05 9.06 2.30
C GLN A 62 -4.19 8.55 1.15
N LEU A 63 -4.20 7.22 0.99
CA LEU A 63 -3.36 6.55 0.01
C LEU A 63 -3.56 7.12 -1.39
N GLU A 64 -4.81 7.26 -1.81
CA GLU A 64 -5.11 7.78 -3.15
C GLU A 64 -4.84 9.28 -3.20
N LYS A 65 -5.07 9.95 -2.08
CA LYS A 65 -4.92 11.40 -1.99
C LYS A 65 -3.49 11.81 -2.32
N LEU A 66 -2.52 11.11 -1.73
CA LEU A 66 -1.10 11.43 -2.00
C LEU A 66 -0.58 10.71 -3.24
N ALA A 67 -0.97 9.44 -3.41
CA ALA A 67 -0.42 8.60 -4.48
C ALA A 67 -0.62 9.22 -5.86
N GLN A 68 -1.75 9.88 -6.06
CA GLN A 68 -2.06 10.51 -7.35
C GLN A 68 -1.00 11.54 -7.72
N GLN A 69 -0.40 12.17 -6.72
CA GLN A 69 0.63 13.17 -6.93
C GLN A 69 2.02 12.52 -6.95
N TYR A 70 2.32 11.78 -5.89
CA TYR A 70 3.66 11.21 -5.69
C TYR A 70 3.81 9.84 -6.35
N THR A 71 2.99 9.56 -7.35
CA THR A 71 2.93 8.24 -7.98
C THR A 71 4.32 7.75 -8.43
N GLU A 72 5.18 8.67 -8.83
CA GLU A 72 6.49 8.30 -9.35
C GLU A 72 7.42 7.80 -8.25
N ASN A 73 7.13 8.19 -7.01
CA ASN A 73 7.98 7.82 -5.87
C ASN A 73 7.26 6.80 -4.96
N VAL A 74 6.01 6.49 -5.27
CA VAL A 74 5.23 5.54 -4.45
C VAL A 74 4.48 4.54 -5.31
N LYS A 75 4.32 3.33 -4.78
CA LYS A 75 3.47 2.30 -5.38
C LYS A 75 2.73 1.55 -4.29
N ILE A 76 1.43 1.40 -4.47
CA ILE A 76 0.58 0.79 -3.45
C ILE A 76 0.09 -0.58 -3.90
N TYR A 77 0.29 -1.57 -3.06
CA TYR A 77 -0.14 -2.93 -3.35
C TYR A 77 -1.02 -3.44 -2.22
N LYS A 78 -2.20 -3.95 -2.56
CA LYS A 78 -3.15 -4.41 -1.55
C LYS A 78 -3.08 -5.94 -1.43
N ILE A 79 -3.24 -6.42 -0.20
CA ILE A 79 -3.09 -7.82 0.13
C ILE A 79 -4.47 -8.49 0.25
N ASN A 80 -4.49 -9.80 0.06
CA ASN A 80 -5.70 -10.62 0.29
C ASN A 80 -5.51 -11.38 1.60
N ILE A 81 -6.62 -11.72 2.27
CA ILE A 81 -6.57 -12.40 3.56
C ILE A 81 -5.68 -13.65 3.54
N GLU A 82 -5.47 -14.20 2.35
CA GLU A 82 -4.67 -15.41 2.18
C GLU A 82 -3.23 -15.20 2.61
N ASP A 83 -2.62 -14.12 2.14
CA ASP A 83 -1.18 -13.88 2.33
C ASP A 83 -0.87 -13.37 3.74
N ASN A 84 -1.91 -12.96 4.47
CA ASN A 84 -1.76 -12.41 5.83
C ASN A 84 -0.70 -13.16 6.64
N GLN A 85 0.20 -12.41 7.28
CA GLN A 85 1.32 -12.99 8.00
C GLN A 85 1.29 -12.54 9.45
N ASP A 86 1.60 -13.46 10.35
CA ASP A 86 1.56 -13.22 11.79
C ASP A 86 2.49 -12.09 12.20
N VAL A 87 3.36 -11.67 11.29
CA VAL A 87 4.24 -10.53 11.52
C VAL A 87 3.39 -9.29 11.85
N ALA A 88 2.28 -9.14 11.13
CA ALA A 88 1.34 -8.05 11.38
C ALA A 88 0.77 -8.18 12.79
N THR A 89 0.39 -9.40 13.15
CA THR A 89 -0.11 -9.71 14.48
C THR A 89 0.93 -9.35 15.55
N GLN A 90 2.20 -9.60 15.22
CA GLN A 90 3.31 -9.27 16.12
C GLN A 90 3.41 -7.76 16.29
N TYR A 91 3.15 -7.03 15.20
CA TYR A 91 3.11 -5.56 15.25
C TYR A 91 1.85 -5.07 15.97
N GLY A 92 0.98 -6.00 16.34
CA GLY A 92 -0.24 -5.66 17.05
C GLY A 92 -1.35 -5.22 16.13
N VAL A 93 -1.12 -5.40 14.83
CA VAL A 93 -2.09 -5.01 13.82
C VAL A 93 -3.25 -6.00 13.77
N SER A 94 -4.21 -5.78 14.66
CA SER A 94 -5.45 -6.55 14.68
C SER A 94 -6.64 -5.63 14.43
N ALA A 95 -6.33 -4.40 14.00
CA ALA A 95 -7.36 -3.38 13.75
C ALA A 95 -7.96 -3.54 12.36
N ILE A 96 -7.15 -3.28 11.33
CA ILE A 96 -7.60 -3.36 9.92
C ILE A 96 -8.62 -2.25 9.62
N PRO A 97 -8.41 -1.45 8.56
CA PRO A 97 -7.28 -1.60 7.62
C PRO A 97 -5.97 -1.02 8.17
N THR A 98 -4.86 -1.52 7.66
CA THR A 98 -3.53 -1.05 8.07
C THR A 98 -2.55 -1.17 6.90
N ILE A 99 -1.77 -0.12 6.69
CA ILE A 99 -0.84 -0.07 5.57
C ILE A 99 0.60 -0.03 6.08
N LEU A 100 1.42 -0.96 5.62
CA LEU A 100 2.85 -0.99 5.96
C LEU A 100 3.66 -0.47 4.79
N MET A 101 4.71 0.29 5.07
CA MET A 101 5.51 0.95 4.04
C MET A 101 6.91 0.36 3.96
N PHE A 102 7.22 -0.26 2.81
CA PHE A 102 8.52 -0.88 2.59
C PHE A 102 9.29 -0.14 1.50
N LYS A 103 10.62 -0.20 1.56
CA LYS A 103 11.50 0.38 0.55
C LYS A 103 12.92 -0.10 0.78
N ASN A 104 13.58 -0.54 -0.30
CA ASN A 104 14.96 -1.05 -0.23
C ASN A 104 15.03 -2.21 0.76
N GLY A 105 13.91 -2.93 0.90
CA GLY A 105 13.87 -4.10 1.76
C GLY A 105 13.52 -3.78 3.20
N LYS A 106 13.59 -2.50 3.56
CA LYS A 106 13.32 -2.08 4.94
C LYS A 106 11.88 -1.61 5.09
N LYS A 107 11.33 -1.78 6.30
CA LYS A 107 10.03 -1.21 6.64
C LYS A 107 10.24 0.18 7.27
N LEU A 108 9.70 1.20 6.63
CA LEU A 108 9.94 2.58 7.04
C LEU A 108 8.90 3.04 8.05
N SER A 109 7.64 2.87 7.69
CA SER A 109 6.54 3.45 8.44
C SER A 109 5.28 2.59 8.27
N GLN A 110 4.23 2.90 9.04
CA GLN A 110 3.00 2.11 9.03
C GLN A 110 1.78 2.98 9.36
N VAL A 111 0.81 2.99 8.45
CA VAL A 111 -0.46 3.66 8.65
C VAL A 111 -1.43 2.75 9.39
N ILE A 112 -1.67 3.05 10.66
CA ILE A 112 -2.61 2.26 11.46
C ILE A 112 -3.78 3.14 11.87
N GLY A 113 -4.93 2.92 11.26
CA GLY A 113 -6.10 3.74 11.51
C GLY A 113 -6.53 4.50 10.28
N ALA A 114 -6.68 5.83 10.42
CA ALA A 114 -7.09 6.69 9.31
C ALA A 114 -6.65 8.12 9.60
N ASP A 115 -5.34 8.29 9.80
CA ASP A 115 -4.78 9.57 10.20
C ASP A 115 -4.05 10.23 9.03
N ILE A 116 -4.72 11.18 8.37
CA ILE A 116 -4.17 11.87 7.21
C ILE A 116 -2.92 12.67 7.59
N SER A 117 -2.94 13.30 8.76
CA SER A 117 -1.82 14.09 9.24
C SER A 117 -0.62 13.19 9.56
N LYS A 118 -0.90 11.94 9.89
CA LYS A 118 0.12 10.93 10.14
C LYS A 118 0.77 10.51 8.83
N ILE A 119 -0.07 10.12 7.87
CA ILE A 119 0.41 9.59 6.59
C ILE A 119 1.21 10.64 5.81
N ILE A 120 0.75 11.91 5.81
CA ILE A 120 1.46 12.96 5.08
C ILE A 120 2.85 13.15 5.68
N SER A 121 2.97 12.96 6.99
CA SER A 121 4.23 13.10 7.68
C SER A 121 5.18 11.96 7.32
N GLU A 122 4.69 10.73 7.45
CA GLU A 122 5.55 9.55 7.29
C GLU A 122 5.87 9.27 5.81
N ILE A 123 4.89 9.46 4.93
CA ILE A 123 5.10 9.24 3.50
C ILE A 123 6.12 10.24 2.95
N ASN A 124 5.85 11.53 3.15
CA ASN A 124 6.73 12.60 2.67
C ASN A 124 8.11 12.48 3.32
N ASN A 125 8.16 11.90 4.51
CA ASN A 125 9.42 11.64 5.20
C ASN A 125 10.27 10.63 4.43
N ASN A 126 9.60 9.71 3.74
CA ASN A 126 10.27 8.57 3.08
C ASN A 126 10.36 8.77 1.57
N ILE A 127 9.75 9.84 1.05
CA ILE A 127 9.79 10.16 -0.38
C ILE A 127 10.19 11.61 -0.60
N ASN A 128 10.48 11.95 -1.85
CA ASN A 128 10.94 13.30 -2.23
C ASN A 128 10.15 14.42 -1.54
N MET A 1 7.27 -27.53 -27.27
CA MET A 1 7.91 -26.23 -27.61
C MET A 1 8.57 -26.31 -28.98
N ALA A 2 8.91 -25.15 -29.54
CA ALA A 2 9.58 -25.07 -30.83
C ALA A 2 10.89 -24.29 -30.68
N HIS A 3 11.90 -24.70 -31.42
CA HIS A 3 13.22 -24.05 -31.36
C HIS A 3 13.35 -23.05 -32.50
N HIS A 4 13.03 -21.79 -32.23
CA HIS A 4 13.17 -20.72 -33.22
C HIS A 4 14.59 -20.19 -33.19
N HIS A 5 15.43 -20.72 -34.07
CA HIS A 5 16.84 -20.35 -34.12
C HIS A 5 17.00 -18.87 -34.44
N HIS A 6 17.61 -18.13 -33.51
CA HIS A 6 17.91 -16.71 -33.69
C HIS A 6 18.72 -16.21 -32.50
N HIS A 7 19.49 -15.15 -32.71
CA HIS A 7 20.28 -14.54 -31.64
C HIS A 7 19.37 -14.14 -30.47
N HIS A 8 19.21 -15.05 -29.51
CA HIS A 8 18.34 -14.82 -28.36
C HIS A 8 18.93 -13.71 -27.48
N MET A 9 18.27 -12.57 -27.47
CA MET A 9 18.68 -11.42 -26.66
C MET A 9 17.48 -10.56 -26.32
N GLY A 10 16.29 -11.08 -26.61
CA GLY A 10 15.06 -10.33 -26.42
C GLY A 10 14.57 -10.40 -24.99
N THR A 11 15.38 -9.93 -24.06
CA THR A 11 15.00 -9.85 -22.66
C THR A 11 13.93 -8.79 -22.46
N LEU A 12 12.67 -9.23 -22.44
CA LEU A 12 11.54 -8.30 -22.37
C LEU A 12 11.32 -7.88 -20.92
N GLU A 13 12.33 -7.24 -20.34
CA GLU A 13 12.25 -6.72 -18.99
C GLU A 13 11.71 -5.30 -19.04
N ALA A 14 10.38 -5.17 -19.09
CA ALA A 14 9.73 -3.89 -19.22
C ALA A 14 8.58 -3.74 -18.23
N GLN A 15 8.40 -2.52 -17.72
CA GLN A 15 7.37 -2.23 -16.74
C GLN A 15 6.06 -1.84 -17.43
N THR A 16 5.40 -2.83 -18.04
CA THR A 16 4.14 -2.60 -18.73
C THR A 16 3.00 -2.41 -17.72
N GLN A 17 2.99 -1.26 -17.05
CA GLN A 17 1.97 -0.94 -16.06
C GLN A 17 1.30 0.38 -16.42
N GLY A 18 0.16 0.28 -17.11
CA GLY A 18 -0.60 1.46 -17.48
C GLY A 18 -1.64 1.80 -16.43
N PRO A 19 -2.86 1.24 -16.56
CA PRO A 19 -3.91 1.40 -15.55
C PRO A 19 -3.70 0.43 -14.38
N GLY A 20 -3.97 0.89 -13.17
CA GLY A 20 -3.71 0.09 -11.99
C GLY A 20 -2.23 0.02 -11.68
N SER A 21 -1.53 1.10 -11.99
CA SER A 21 -0.10 1.22 -11.72
C SER A 21 0.12 1.72 -10.29
N MET A 22 -0.66 2.72 -9.90
CA MET A 22 -0.59 3.29 -8.55
C MET A 22 -0.90 2.20 -7.52
N ILE A 23 -2.07 1.58 -7.67
CA ILE A 23 -2.48 0.48 -6.80
C ILE A 23 -2.57 -0.80 -7.64
N GLU A 24 -1.82 -1.82 -7.24
CA GLU A 24 -1.72 -3.06 -8.01
C GLU A 24 -2.07 -4.26 -7.14
N GLN A 25 -3.04 -5.05 -7.61
CA GLN A 25 -3.46 -6.26 -6.90
C GLN A 25 -2.50 -7.40 -7.22
N ILE A 26 -1.94 -8.03 -6.20
CA ILE A 26 -0.94 -9.09 -6.39
C ILE A 26 -1.28 -10.31 -5.54
N GLY A 27 -0.48 -11.36 -5.70
CA GLY A 27 -0.67 -12.58 -4.93
C GLY A 27 0.42 -12.78 -3.89
N ASP A 28 0.28 -13.82 -3.07
CA ASP A 28 1.23 -14.07 -1.98
C ASP A 28 2.60 -14.47 -2.51
N SER A 29 2.63 -15.17 -3.64
CA SER A 29 3.87 -15.72 -4.19
C SER A 29 4.77 -14.59 -4.70
N GLU A 30 4.17 -13.55 -5.24
CA GLU A 30 4.91 -12.40 -5.77
C GLU A 30 4.91 -11.25 -4.78
N PHE A 31 4.15 -11.40 -3.69
CA PHE A 31 4.10 -10.38 -2.63
C PHE A 31 5.50 -9.99 -2.21
N ASP A 32 6.19 -10.89 -1.52
CA ASP A 32 7.55 -10.64 -1.05
C ASP A 32 8.46 -10.36 -2.25
N ASN A 33 8.20 -11.07 -3.34
CA ASN A 33 9.02 -11.01 -4.55
C ASN A 33 9.22 -9.57 -5.03
N LYS A 34 8.14 -8.81 -5.10
CA LYS A 34 8.20 -7.45 -5.63
C LYS A 34 8.19 -6.41 -4.50
N VAL A 35 7.74 -6.80 -3.32
CA VAL A 35 7.67 -5.89 -2.17
C VAL A 35 8.98 -5.86 -1.37
N THR A 36 9.40 -7.01 -0.84
CA THR A 36 10.54 -7.05 0.06
C THR A 36 11.86 -7.00 -0.72
N SER A 37 11.80 -7.51 -1.94
CA SER A 37 12.97 -7.55 -2.82
C SER A 37 12.99 -6.33 -3.75
N CYS A 38 12.16 -5.33 -3.46
CA CYS A 38 12.03 -4.14 -4.30
C CYS A 38 13.39 -3.48 -4.54
N ASN A 39 14.05 -3.87 -5.62
CA ASN A 39 15.36 -3.30 -6.01
C ASN A 39 15.21 -1.84 -6.41
N ASP A 40 13.99 -1.43 -6.75
CA ASP A 40 13.70 -0.05 -7.16
C ASP A 40 14.01 0.94 -6.05
N ASN A 41 13.95 0.46 -4.80
CA ASN A 41 14.12 1.31 -3.61
C ASN A 41 13.01 2.35 -3.55
N ILE A 42 11.89 2.04 -4.20
CA ILE A 42 10.73 2.93 -4.22
C ILE A 42 9.92 2.73 -2.94
N LEU A 43 9.12 3.73 -2.56
CA LEU A 43 8.30 3.62 -1.35
C LEU A 43 7.07 2.75 -1.64
N ILE A 44 7.13 1.50 -1.19
CA ILE A 44 6.05 0.56 -1.40
C ILE A 44 5.05 0.61 -0.25
N LEU A 45 3.78 0.80 -0.59
CA LEU A 45 2.70 0.81 0.40
C LEU A 45 1.77 -0.37 0.14
N VAL A 46 1.92 -1.41 0.94
CA VAL A 46 1.06 -2.58 0.82
C VAL A 46 -0.11 -2.47 1.78
N ASP A 47 -1.33 -2.49 1.27
CA ASP A 47 -2.51 -2.44 2.13
C ASP A 47 -3.05 -3.84 2.34
N PHE A 48 -3.10 -4.24 3.61
CA PHE A 48 -3.61 -5.53 3.99
C PHE A 48 -5.12 -5.45 4.18
N TRP A 49 -5.86 -6.25 3.43
CA TRP A 49 -7.30 -6.24 3.46
C TRP A 49 -7.85 -7.63 3.79
N ALA A 50 -8.37 -7.81 5.00
CA ALA A 50 -9.02 -9.05 5.39
C ALA A 50 -10.43 -9.13 4.77
N PRO A 51 -10.68 -10.17 3.95
CA PRO A 51 -12.02 -10.42 3.39
C PRO A 51 -13.04 -10.81 4.47
N TRP A 52 -14.23 -11.22 4.05
CA TRP A 52 -15.30 -11.61 4.96
C TRP A 52 -15.91 -10.36 5.63
N CYS A 53 -15.50 -9.20 5.14
CA CYS A 53 -16.00 -7.92 5.62
C CYS A 53 -17.21 -7.48 4.79
N GLY A 54 -17.97 -6.50 5.31
CA GLY A 54 -19.20 -6.06 4.68
C GLY A 54 -18.97 -5.01 3.60
N PRO A 55 -19.87 -4.02 3.49
CA PRO A 55 -19.82 -2.99 2.43
C PRO A 55 -18.76 -1.90 2.69
N CYS A 56 -17.59 -2.32 3.17
CA CYS A 56 -16.49 -1.39 3.40
C CYS A 56 -15.62 -1.28 2.14
N ARG A 57 -15.57 -0.09 1.56
CA ARG A 57 -14.76 0.15 0.36
C ARG A 57 -13.60 1.09 0.68
N SER A 58 -12.83 1.44 -0.36
CA SER A 58 -11.67 2.30 -0.21
C SER A 58 -12.06 3.70 0.29
N LEU A 59 -13.18 4.21 -0.24
CA LEU A 59 -13.74 5.51 0.18
C LEU A 59 -12.70 6.62 0.04
N GLU A 60 -11.86 6.52 -1.00
CA GLU A 60 -10.80 7.48 -1.25
C GLU A 60 -9.84 7.54 -0.06
N PRO A 61 -8.94 6.56 0.08
CA PRO A 61 -8.03 6.46 1.21
C PRO A 61 -6.86 7.45 1.11
N GLN A 62 -6.23 7.70 2.25
CA GLN A 62 -5.13 8.67 2.35
C GLN A 62 -4.01 8.34 1.36
N LEU A 63 -3.73 7.03 1.26
CA LEU A 63 -2.65 6.54 0.42
C LEU A 63 -2.91 6.90 -1.04
N GLU A 64 -4.17 6.76 -1.43
CA GLU A 64 -4.59 7.08 -2.81
C GLU A 64 -4.53 8.59 -3.02
N LYS A 65 -4.89 9.33 -1.96
CA LYS A 65 -4.88 10.78 -1.98
C LYS A 65 -3.47 11.28 -2.34
N LEU A 66 -2.46 10.80 -1.62
CA LEU A 66 -1.08 11.24 -1.86
C LEU A 66 -0.44 10.52 -3.06
N ALA A 67 -0.86 9.28 -3.32
CA ALA A 67 -0.29 8.50 -4.42
C ALA A 67 -0.46 9.23 -5.75
N GLN A 68 -1.58 9.94 -5.89
CA GLN A 68 -1.85 10.72 -7.09
C GLN A 68 -0.74 11.73 -7.38
N GLN A 69 -0.10 12.21 -6.32
CA GLN A 69 0.98 13.19 -6.43
C GLN A 69 2.34 12.49 -6.47
N TYR A 70 2.55 11.58 -5.55
CA TYR A 70 3.84 10.90 -5.38
C TYR A 70 3.92 9.58 -6.14
N THR A 71 3.06 9.41 -7.15
CA THR A 71 2.96 8.13 -7.88
C THR A 71 4.32 7.65 -8.39
N GLU A 72 5.16 8.60 -8.81
CA GLU A 72 6.47 8.28 -9.37
C GLU A 72 7.44 7.77 -8.28
N ASN A 73 7.09 8.04 -7.02
CA ASN A 73 7.97 7.70 -5.91
C ASN A 73 7.31 6.68 -4.98
N VAL A 74 6.08 6.27 -5.28
CA VAL A 74 5.37 5.29 -4.44
C VAL A 74 4.70 4.21 -5.28
N LYS A 75 4.56 3.02 -4.70
CA LYS A 75 3.91 1.90 -5.34
C LYS A 75 3.02 1.18 -4.34
N ILE A 76 1.72 1.20 -4.58
CA ILE A 76 0.76 0.58 -3.67
C ILE A 76 0.37 -0.81 -4.17
N TYR A 77 0.22 -1.76 -3.26
CA TYR A 77 -0.15 -3.12 -3.61
C TYR A 77 -1.32 -3.59 -2.75
N LYS A 78 -2.27 -4.28 -3.40
CA LYS A 78 -3.46 -4.79 -2.75
C LYS A 78 -3.31 -6.28 -2.46
N ILE A 79 -3.29 -6.65 -1.17
CA ILE A 79 -3.19 -8.05 -0.76
C ILE A 79 -4.21 -8.36 0.34
N ASN A 80 -4.77 -9.57 0.31
CA ASN A 80 -5.79 -9.98 1.29
C ASN A 80 -5.21 -10.98 2.29
N ILE A 81 -3.93 -10.86 2.59
CA ILE A 81 -3.23 -11.78 3.48
C ILE A 81 -3.12 -11.21 4.90
N GLU A 82 -3.94 -10.18 5.19
CA GLU A 82 -3.88 -9.46 6.46
C GLU A 82 -3.96 -10.40 7.66
N ASP A 83 -5.04 -11.16 7.74
CA ASP A 83 -5.32 -12.01 8.90
C ASP A 83 -4.44 -13.27 8.91
N ASN A 84 -3.42 -13.30 8.06
CA ASN A 84 -2.54 -14.47 7.95
C ASN A 84 -1.07 -14.09 8.17
N GLN A 85 -0.82 -12.80 8.36
CA GLN A 85 0.54 -12.30 8.50
C GLN A 85 0.92 -12.08 9.96
N ASP A 86 1.88 -12.86 10.43
CA ASP A 86 2.44 -12.69 11.76
C ASP A 86 3.00 -11.27 11.91
N VAL A 87 3.38 -10.71 10.77
CA VAL A 87 3.92 -9.35 10.69
C VAL A 87 3.01 -8.34 11.39
N ALA A 88 1.70 -8.49 11.18
CA ALA A 88 0.71 -7.59 11.77
C ALA A 88 0.77 -7.64 13.29
N THR A 89 0.76 -8.85 13.83
CA THR A 89 0.84 -9.05 15.27
C THR A 89 2.21 -8.62 15.79
N GLN A 90 3.24 -8.81 14.97
CA GLN A 90 4.61 -8.49 15.33
C GLN A 90 4.79 -6.97 15.50
N TYR A 91 4.09 -6.21 14.66
CA TYR A 91 4.12 -4.74 14.78
C TYR A 91 3.01 -4.25 15.72
N GLY A 92 2.23 -5.19 16.23
CA GLY A 92 1.28 -4.90 17.28
C GLY A 92 0.06 -4.14 16.80
N VAL A 93 -0.47 -4.53 15.64
CA VAL A 93 -1.69 -3.91 15.12
C VAL A 93 -2.91 -4.78 15.45
N SER A 94 -4.08 -4.15 15.56
CA SER A 94 -5.32 -4.89 15.84
C SER A 94 -6.50 -4.18 15.17
N ALA A 95 -6.25 -3.62 13.99
CA ALA A 95 -7.27 -2.89 13.25
C ALA A 95 -7.30 -3.32 11.79
N ILE A 96 -8.48 -3.26 11.19
CA ILE A 96 -8.66 -3.56 9.77
C ILE A 96 -9.20 -2.33 9.03
N PRO A 97 -8.55 -1.92 7.92
CA PRO A 97 -7.35 -2.57 7.38
C PRO A 97 -6.05 -1.92 7.88
N THR A 98 -4.93 -2.61 7.65
CA THR A 98 -3.62 -2.10 8.03
C THR A 98 -2.71 -1.96 6.81
N ILE A 99 -2.11 -0.79 6.64
CA ILE A 99 -1.18 -0.54 5.54
C ILE A 99 0.25 -0.49 6.07
N LEU A 100 1.18 -1.08 5.34
CA LEU A 100 2.59 -1.10 5.75
C LEU A 100 3.47 -0.58 4.60
N MET A 101 4.57 0.11 4.95
CA MET A 101 5.41 0.77 3.95
C MET A 101 6.83 0.21 3.94
N PHE A 102 7.21 -0.40 2.80
CA PHE A 102 8.54 -0.99 2.62
C PHE A 102 9.37 -0.18 1.63
N LYS A 103 10.69 -0.34 1.73
CA LYS A 103 11.62 0.18 0.74
C LYS A 103 12.85 -0.72 0.72
N ASN A 104 12.95 -1.58 -0.29
CA ASN A 104 14.06 -2.53 -0.41
C ASN A 104 14.20 -3.37 0.87
N GLY A 105 13.07 -3.74 1.46
CA GLY A 105 13.06 -4.59 2.65
C GLY A 105 13.09 -3.79 3.95
N LYS A 106 13.24 -2.49 3.84
CA LYS A 106 13.28 -1.59 5.00
C LYS A 106 11.87 -1.11 5.34
N LYS A 107 11.51 -1.13 6.61
CA LYS A 107 10.22 -0.63 7.07
C LYS A 107 10.33 0.86 7.41
N LEU A 108 9.53 1.67 6.74
CA LEU A 108 9.57 3.11 6.94
C LEU A 108 8.44 3.55 7.88
N SER A 109 7.23 3.14 7.52
CA SER A 109 6.03 3.63 8.17
C SER A 109 4.88 2.62 7.99
N GLN A 110 3.76 2.86 8.66
CA GLN A 110 2.60 1.97 8.55
C GLN A 110 1.32 2.73 8.95
N VAL A 111 0.29 2.61 8.11
CA VAL A 111 -0.97 3.31 8.32
C VAL A 111 -1.99 2.38 8.97
N ILE A 112 -2.27 2.61 10.24
CA ILE A 112 -3.25 1.81 10.98
C ILE A 112 -4.61 2.51 10.96
N GLY A 113 -5.59 1.89 10.30
CA GLY A 113 -6.92 2.48 10.22
C GLY A 113 -6.96 3.61 9.21
N ALA A 114 -7.10 4.85 9.70
CA ALA A 114 -7.19 6.01 8.82
C ALA A 114 -6.80 7.29 9.56
N ASP A 115 -5.60 7.79 9.28
CA ASP A 115 -5.13 9.05 9.86
C ASP A 115 -4.36 9.87 8.83
N ILE A 116 -5.05 10.81 8.18
CA ILE A 116 -4.43 11.64 7.16
C ILE A 116 -3.26 12.44 7.75
N SER A 117 -3.48 12.99 8.95
CA SER A 117 -2.49 13.80 9.64
C SER A 117 -1.22 12.99 9.92
N LYS A 118 -1.40 11.69 10.11
CA LYS A 118 -0.26 10.80 10.37
C LYS A 118 0.44 10.48 9.06
N ILE A 119 -0.34 10.00 8.09
CA ILE A 119 0.23 9.51 6.84
C ILE A 119 1.03 10.58 6.11
N ILE A 120 0.54 11.81 6.10
CA ILE A 120 1.28 12.89 5.43
C ILE A 120 2.68 13.03 6.06
N SER A 121 2.74 12.85 7.38
CA SER A 121 4.00 12.95 8.09
C SER A 121 4.92 11.77 7.76
N GLU A 122 4.39 10.56 7.88
CA GLU A 122 5.20 9.35 7.78
C GLU A 122 5.60 9.03 6.34
N ILE A 123 4.76 9.41 5.39
CA ILE A 123 5.10 9.26 3.97
C ILE A 123 6.18 10.26 3.57
N ASN A 124 5.90 11.54 3.79
CA ASN A 124 6.81 12.63 3.44
C ASN A 124 8.13 12.50 4.22
N ASN A 125 8.09 11.78 5.33
CA ASN A 125 9.27 11.55 6.15
C ASN A 125 10.31 10.70 5.41
N ASN A 126 9.86 9.85 4.49
CA ASN A 126 10.74 8.87 3.85
C ASN A 126 10.80 9.05 2.32
N ILE A 127 10.06 10.01 1.79
CA ILE A 127 10.19 10.40 0.38
C ILE A 127 10.10 11.92 0.25
N ASN A 128 10.45 12.44 -0.92
CA ASN A 128 10.43 13.87 -1.18
C ASN A 128 8.99 14.37 -1.40
N MET A 1 40.21 -10.23 -22.88
CA MET A 1 38.79 -10.31 -22.47
C MET A 1 38.58 -11.47 -21.50
N ALA A 2 38.65 -11.16 -20.21
CA ALA A 2 38.41 -12.14 -19.16
C ALA A 2 37.48 -11.55 -18.10
N HIS A 3 36.19 -11.90 -18.19
CA HIS A 3 35.19 -11.38 -17.27
C HIS A 3 34.09 -12.42 -17.06
N HIS A 4 34.43 -13.48 -16.34
CA HIS A 4 33.50 -14.57 -16.04
C HIS A 4 32.41 -14.11 -15.08
N HIS A 5 31.25 -14.74 -15.18
CA HIS A 5 30.12 -14.46 -14.29
C HIS A 5 29.28 -15.72 -14.13
N HIS A 6 29.75 -16.63 -13.30
CA HIS A 6 29.08 -17.91 -13.07
C HIS A 6 27.67 -17.68 -12.51
N HIS A 7 26.66 -18.07 -13.28
CA HIS A 7 25.27 -17.91 -12.88
C HIS A 7 24.46 -19.12 -13.32
N HIS A 8 23.49 -19.54 -12.51
CA HIS A 8 22.67 -20.71 -12.83
C HIS A 8 21.24 -20.50 -12.35
N MET A 9 20.89 -19.25 -12.06
CA MET A 9 19.52 -18.91 -11.66
C MET A 9 18.84 -18.11 -12.77
N GLY A 10 17.85 -18.71 -13.41
CA GLY A 10 17.07 -18.01 -14.42
C GLY A 10 16.04 -17.10 -13.80
N THR A 11 16.51 -16.07 -13.10
CA THR A 11 15.63 -15.13 -12.42
C THR A 11 14.66 -14.46 -13.40
N LEU A 12 13.39 -14.41 -13.01
CA LEU A 12 12.35 -13.80 -13.84
C LEU A 12 11.22 -13.30 -12.94
N GLU A 13 11.14 -11.98 -12.77
CA GLU A 13 10.11 -11.36 -11.94
C GLU A 13 8.86 -11.09 -12.76
N ALA A 14 7.71 -11.43 -12.20
CA ALA A 14 6.43 -11.17 -12.84
C ALA A 14 6.07 -9.70 -12.67
N GLN A 15 6.71 -8.84 -13.46
CA GLN A 15 6.49 -7.41 -13.41
C GLN A 15 5.15 -7.05 -14.02
N THR A 16 4.36 -6.24 -13.30
CA THR A 16 3.08 -5.78 -13.80
C THR A 16 3.26 -4.95 -15.08
N GLN A 17 2.46 -5.25 -16.10
CA GLN A 17 2.51 -4.52 -17.36
C GLN A 17 1.47 -3.40 -17.35
N GLY A 18 1.90 -2.23 -16.88
CA GLY A 18 1.00 -1.09 -16.80
C GLY A 18 1.67 0.14 -16.24
N PRO A 19 2.44 0.88 -17.05
CA PRO A 19 3.10 2.11 -16.63
C PRO A 19 2.08 3.19 -16.28
N GLY A 20 1.46 3.03 -15.12
CA GLY A 20 0.42 3.94 -14.67
C GLY A 20 -0.31 3.40 -13.46
N SER A 21 -0.27 2.08 -13.28
CA SER A 21 -0.87 1.45 -12.12
C SER A 21 -0.21 1.94 -10.83
N MET A 22 -0.77 2.99 -10.24
CA MET A 22 -0.29 3.52 -8.97
C MET A 22 -0.69 2.58 -7.84
N ILE A 23 -1.79 1.85 -8.06
CA ILE A 23 -2.26 0.85 -7.10
C ILE A 23 -2.48 -0.48 -7.80
N GLU A 24 -1.75 -1.51 -7.39
CA GLU A 24 -1.81 -2.82 -8.04
C GLU A 24 -1.97 -3.93 -7.00
N GLN A 25 -2.54 -5.06 -7.41
CA GLN A 25 -2.78 -6.18 -6.49
C GLN A 25 -1.59 -7.14 -6.52
N ILE A 26 -1.32 -7.78 -5.38
CA ILE A 26 -0.26 -8.79 -5.28
C ILE A 26 -0.75 -10.01 -4.51
N GLY A 27 0.15 -10.97 -4.29
CA GLY A 27 -0.18 -12.16 -3.53
C GLY A 27 0.68 -12.29 -2.28
N ASP A 28 0.29 -13.18 -1.38
CA ASP A 28 0.94 -13.33 -0.08
C ASP A 28 2.37 -13.88 -0.23
N SER A 29 2.56 -14.84 -1.13
CA SER A 29 3.86 -15.48 -1.30
C SER A 29 4.80 -14.63 -2.14
N GLU A 30 4.24 -13.84 -3.03
CA GLU A 30 5.03 -12.93 -3.88
C GLU A 30 5.16 -11.56 -3.22
N PHE A 31 4.45 -11.38 -2.10
CA PHE A 31 4.55 -10.17 -1.30
C PHE A 31 6.02 -9.83 -1.03
N ASP A 32 6.66 -10.63 -0.19
CA ASP A 32 8.08 -10.42 0.12
C ASP A 32 8.90 -10.47 -1.16
N ASN A 33 8.51 -11.38 -2.05
CA ASN A 33 9.27 -11.68 -3.26
C ASN A 33 9.58 -10.41 -4.05
N LYS A 34 8.57 -9.56 -4.22
CA LYS A 34 8.74 -8.34 -5.02
C LYS A 34 8.77 -7.09 -4.16
N VAL A 35 8.23 -7.17 -2.94
CA VAL A 35 8.15 -6.00 -2.06
C VAL A 35 9.41 -5.85 -1.20
N THR A 36 9.83 -6.92 -0.52
CA THR A 36 10.98 -6.82 0.37
C THR A 36 12.27 -6.89 -0.45
N SER A 37 12.18 -7.53 -1.61
CA SER A 37 13.29 -7.63 -2.53
C SER A 37 13.33 -6.43 -3.48
N CYS A 38 12.54 -5.40 -3.19
CA CYS A 38 12.48 -4.22 -4.06
C CYS A 38 13.85 -3.56 -4.20
N ASN A 39 14.50 -3.76 -5.34
CA ASN A 39 15.79 -3.12 -5.64
C ASN A 39 15.58 -1.70 -6.11
N ASP A 40 14.35 -1.41 -6.54
CA ASP A 40 13.99 -0.09 -7.08
C ASP A 40 14.10 0.99 -6.01
N ASN A 41 14.05 0.58 -4.74
CA ASN A 41 14.14 1.49 -3.60
C ASN A 41 12.95 2.45 -3.54
N ILE A 42 11.93 2.19 -4.35
CA ILE A 42 10.72 3.03 -4.37
C ILE A 42 9.90 2.78 -3.10
N LEU A 43 8.96 3.67 -2.78
CA LEU A 43 8.12 3.49 -1.60
C LEU A 43 6.89 2.65 -1.94
N ILE A 44 6.86 1.43 -1.43
CA ILE A 44 5.74 0.54 -1.64
C ILE A 44 4.76 0.62 -0.47
N LEU A 45 3.52 1.01 -0.77
CA LEU A 45 2.47 1.09 0.24
C LEU A 45 1.62 -0.17 0.14
N VAL A 46 1.71 -1.04 1.15
CA VAL A 46 1.00 -2.31 1.13
C VAL A 46 -0.23 -2.27 2.03
N ASP A 47 -1.40 -2.26 1.41
CA ASP A 47 -2.67 -2.36 2.15
C ASP A 47 -2.95 -3.83 2.49
N PHE A 48 -3.33 -4.09 3.73
CA PHE A 48 -3.68 -5.44 4.17
C PHE A 48 -4.86 -5.98 3.35
N TRP A 49 -5.70 -5.06 2.89
CA TRP A 49 -6.90 -5.39 2.15
C TRP A 49 -6.75 -4.94 0.69
N ALA A 50 -7.86 -4.86 -0.04
CA ALA A 50 -7.82 -4.42 -1.42
C ALA A 50 -8.89 -3.36 -1.69
N PRO A 51 -8.57 -2.08 -1.46
CA PRO A 51 -9.44 -0.97 -1.87
C PRO A 51 -9.62 -0.96 -3.40
N TRP A 52 -10.85 -1.25 -3.84
CA TRP A 52 -11.14 -1.26 -5.27
C TRP A 52 -11.73 0.07 -5.74
N CYS A 53 -12.99 0.30 -5.42
CA CYS A 53 -13.68 1.52 -5.85
C CYS A 53 -15.05 1.61 -5.18
N GLY A 54 -15.61 2.81 -5.15
CA GLY A 54 -16.94 3.00 -4.59
C GLY A 54 -17.97 3.13 -5.69
N PRO A 55 -19.26 2.80 -5.41
CA PRO A 55 -20.35 2.96 -6.38
C PRO A 55 -20.50 4.42 -6.82
N CYS A 56 -20.15 5.34 -5.93
CA CYS A 56 -20.18 6.77 -6.22
C CYS A 56 -18.79 7.37 -5.99
N ARG A 57 -18.53 8.51 -6.60
CA ARG A 57 -17.25 9.19 -6.46
C ARG A 57 -17.17 9.86 -5.09
N SER A 58 -16.70 9.11 -4.10
CA SER A 58 -16.58 9.61 -2.73
C SER A 58 -15.26 10.36 -2.55
N LEU A 59 -14.94 10.72 -1.31
CA LEU A 59 -13.69 11.39 -0.99
C LEU A 59 -12.54 10.39 -1.06
N GLU A 60 -11.47 10.78 -1.76
CA GLU A 60 -10.30 9.92 -1.93
C GLU A 60 -9.59 9.75 -0.58
N PRO A 61 -9.20 8.52 -0.23
CA PRO A 61 -8.52 8.24 1.04
C PRO A 61 -7.10 8.81 1.07
N GLN A 62 -6.46 8.75 2.23
CA GLN A 62 -5.12 9.28 2.46
C GLN A 62 -4.17 8.86 1.33
N LEU A 63 -4.08 7.54 1.14
CA LEU A 63 -3.13 6.92 0.25
C LEU A 63 -3.29 7.46 -1.18
N GLU A 64 -4.54 7.50 -1.66
CA GLU A 64 -4.81 7.99 -3.00
C GLU A 64 -4.60 9.50 -3.08
N LYS A 65 -4.98 10.21 -2.02
CA LYS A 65 -4.79 11.66 -1.95
C LYS A 65 -3.34 12.02 -2.27
N LEU A 66 -2.39 11.33 -1.61
CA LEU A 66 -0.98 11.58 -1.85
C LEU A 66 -0.50 10.92 -3.15
N ALA A 67 -1.01 9.72 -3.43
CA ALA A 67 -0.57 8.95 -4.59
C ALA A 67 -0.87 9.66 -5.90
N GLN A 68 -1.95 10.44 -5.92
CA GLN A 68 -2.33 11.21 -7.11
C GLN A 68 -1.18 12.08 -7.60
N GLN A 69 -0.43 12.64 -6.64
CA GLN A 69 0.66 13.55 -6.93
C GLN A 69 1.99 12.80 -7.02
N TYR A 70 2.22 11.93 -6.03
CA TYR A 70 3.50 11.23 -5.86
C TYR A 70 3.49 9.85 -6.55
N THR A 71 2.62 9.66 -7.52
CA THR A 71 2.43 8.35 -8.15
C THR A 71 3.75 7.73 -8.63
N GLU A 72 4.64 8.56 -9.16
CA GLU A 72 5.91 8.06 -9.70
C GLU A 72 6.86 7.59 -8.60
N ASN A 73 6.66 8.09 -7.38
CA ASN A 73 7.56 7.79 -6.26
C ASN A 73 6.95 6.74 -5.32
N VAL A 74 5.67 6.39 -5.54
CA VAL A 74 5.00 5.42 -4.69
C VAL A 74 4.26 4.38 -5.50
N LYS A 75 4.13 3.18 -4.95
CA LYS A 75 3.33 2.11 -5.54
C LYS A 75 2.55 1.38 -4.45
N ILE A 76 1.24 1.48 -4.53
CA ILE A 76 0.36 0.88 -3.53
C ILE A 76 -0.01 -0.54 -3.94
N TYR A 77 0.51 -1.52 -3.22
CA TYR A 77 0.19 -2.91 -3.45
C TYR A 77 -0.89 -3.36 -2.48
N LYS A 78 -1.90 -4.05 -3.00
CA LYS A 78 -3.04 -4.49 -2.20
C LYS A 78 -2.99 -5.99 -1.96
N ILE A 79 -3.64 -6.42 -0.88
CA ILE A 79 -3.73 -7.84 -0.48
C ILE A 79 -2.53 -8.28 0.36
N ASN A 80 -2.72 -8.20 1.67
CA ASN A 80 -1.76 -8.71 2.64
C ASN A 80 -2.52 -9.09 3.91
N ILE A 81 -3.02 -10.32 3.95
CA ILE A 81 -3.93 -10.74 5.00
C ILE A 81 -3.29 -10.68 6.39
N GLU A 82 -3.48 -9.53 7.04
CA GLU A 82 -3.05 -9.31 8.42
C GLU A 82 -3.58 -10.42 9.33
N ASP A 83 -4.76 -10.92 8.97
CA ASP A 83 -5.48 -11.91 9.77
C ASP A 83 -4.84 -13.31 9.66
N ASN A 84 -3.87 -13.45 8.77
CA ASN A 84 -3.25 -14.77 8.52
C ASN A 84 -1.72 -14.67 8.52
N GLN A 85 -1.17 -13.50 8.86
CA GLN A 85 0.28 -13.30 8.88
C GLN A 85 0.78 -13.08 10.30
N ASP A 86 1.59 -14.03 10.78
CA ASP A 86 2.12 -13.99 12.15
C ASP A 86 2.94 -12.73 12.39
N VAL A 87 3.56 -12.21 11.33
CA VAL A 87 4.34 -10.98 11.43
C VAL A 87 3.47 -9.84 11.97
N ALA A 88 2.26 -9.73 11.44
CA ALA A 88 1.32 -8.69 11.86
C ALA A 88 0.87 -8.91 13.30
N THR A 89 0.71 -10.19 13.66
CA THR A 89 0.36 -10.57 15.02
C THR A 89 1.49 -10.18 15.98
N GLN A 90 2.73 -10.38 15.54
CA GLN A 90 3.90 -10.02 16.33
C GLN A 90 3.95 -8.52 16.55
N TYR A 91 3.68 -7.76 15.49
CA TYR A 91 3.61 -6.29 15.60
C TYR A 91 2.36 -5.87 16.37
N GLY A 92 1.40 -6.79 16.51
CA GLY A 92 0.13 -6.48 17.14
C GLY A 92 -0.57 -5.35 16.41
N VAL A 93 -0.53 -5.40 15.09
CA VAL A 93 -0.99 -4.30 14.25
C VAL A 93 -2.46 -4.49 13.84
N SER A 94 -3.17 -5.35 14.56
CA SER A 94 -4.60 -5.58 14.29
C SER A 94 -5.42 -4.33 14.61
N ALA A 95 -5.42 -3.40 13.66
CA ALA A 95 -6.22 -2.19 13.75
C ALA A 95 -6.44 -1.65 12.34
N ILE A 96 -7.53 -2.08 11.74
CA ILE A 96 -7.80 -1.81 10.32
C ILE A 96 -8.44 -0.43 10.13
N PRO A 97 -8.19 0.24 8.98
CA PRO A 97 -7.28 -0.24 7.91
C PRO A 97 -5.80 -0.21 8.34
N THR A 98 -4.98 -0.97 7.62
CA THR A 98 -3.57 -1.12 7.96
C THR A 98 -2.70 -1.15 6.69
N ILE A 99 -1.81 -0.16 6.58
CA ILE A 99 -0.89 -0.06 5.44
C ILE A 99 0.56 -0.09 5.95
N LEU A 100 1.41 -0.89 5.30
CA LEU A 100 2.84 -0.93 5.64
C LEU A 100 3.67 -0.30 4.52
N MET A 101 4.69 0.46 4.90
CA MET A 101 5.56 1.14 3.94
C MET A 101 6.91 0.41 3.83
N PHE A 102 7.21 -0.14 2.65
CA PHE A 102 8.48 -0.85 2.43
C PHE A 102 9.34 -0.12 1.40
N LYS A 103 10.65 -0.13 1.65
CA LYS A 103 11.65 0.40 0.73
C LYS A 103 12.89 -0.48 0.79
N ASN A 104 13.11 -1.28 -0.26
CA ASN A 104 14.26 -2.16 -0.34
C ASN A 104 14.26 -3.17 0.82
N GLY A 105 13.06 -3.49 1.30
CA GLY A 105 12.90 -4.42 2.41
C GLY A 105 12.90 -3.74 3.77
N LYS A 106 13.32 -2.49 3.82
CA LYS A 106 13.29 -1.71 5.05
C LYS A 106 11.93 -1.03 5.17
N LYS A 107 11.17 -1.39 6.21
CA LYS A 107 9.87 -0.76 6.45
C LYS A 107 10.07 0.63 7.06
N LEU A 108 9.59 1.64 6.35
CA LEU A 108 9.79 3.03 6.78
C LEU A 108 8.82 3.37 7.90
N SER A 109 7.55 3.10 7.63
CA SER A 109 6.46 3.53 8.49
C SER A 109 5.21 2.70 8.21
N GLN A 110 4.19 2.89 9.03
CA GLN A 110 2.97 2.09 8.96
C GLN A 110 1.73 2.95 9.23
N VAL A 111 0.77 2.89 8.30
CA VAL A 111 -0.51 3.57 8.48
C VAL A 111 -1.46 2.66 9.26
N ILE A 112 -1.70 2.99 10.53
CA ILE A 112 -2.60 2.21 11.37
C ILE A 112 -3.83 3.03 11.71
N GLY A 113 -4.98 2.64 11.15
CA GLY A 113 -6.21 3.38 11.37
C GLY A 113 -6.54 4.29 10.19
N ALA A 114 -6.65 5.58 10.45
CA ALA A 114 -7.02 6.55 9.41
C ALA A 114 -6.54 7.94 9.79
N ASP A 115 -5.24 8.07 10.01
CA ASP A 115 -4.65 9.32 10.51
C ASP A 115 -3.95 10.07 9.38
N ILE A 116 -4.67 11.03 8.79
CA ILE A 116 -4.17 11.78 7.63
C ILE A 116 -2.92 12.60 7.98
N SER A 117 -2.94 13.28 9.11
CA SER A 117 -1.81 14.13 9.51
C SER A 117 -0.58 13.26 9.77
N LYS A 118 -0.80 12.02 10.18
CA LYS A 118 0.28 11.09 10.45
C LYS A 118 0.86 10.58 9.12
N ILE A 119 -0.01 10.21 8.19
CA ILE A 119 0.42 9.62 6.93
C ILE A 119 1.17 10.64 6.06
N ILE A 120 0.70 11.89 6.05
CA ILE A 120 1.37 12.92 5.25
C ILE A 120 2.79 13.12 5.78
N SER A 121 2.96 12.94 7.08
CA SER A 121 4.27 13.04 7.70
C SER A 121 5.16 11.85 7.30
N GLU A 122 4.63 10.63 7.45
CA GLU A 122 5.44 9.43 7.26
C GLU A 122 5.77 9.20 5.78
N ILE A 123 4.79 9.43 4.91
CA ILE A 123 4.97 9.19 3.47
C ILE A 123 5.92 10.21 2.86
N ASN A 124 5.57 11.50 2.96
CA ASN A 124 6.35 12.58 2.35
C ASN A 124 7.78 12.58 2.88
N ASN A 125 7.95 12.06 4.09
CA ASN A 125 9.26 11.96 4.72
C ASN A 125 10.20 11.04 3.93
N ASN A 126 9.62 10.06 3.24
CA ASN A 126 10.40 9.04 2.54
C ASN A 126 10.22 9.11 1.03
N ILE A 127 9.59 10.16 0.54
CA ILE A 127 9.43 10.40 -0.89
C ILE A 127 9.63 11.88 -1.21
N ASN A 128 9.75 12.20 -2.49
CA ASN A 128 10.02 13.56 -2.95
C ASN A 128 9.10 14.59 -2.26
N MET A 1 -10.76 12.98 15.75
CA MET A 1 -10.11 11.77 15.18
C MET A 1 -11.08 11.03 14.27
N ALA A 2 -10.57 10.45 13.19
CA ALA A 2 -11.38 9.82 12.15
C ALA A 2 -11.59 8.33 12.39
N HIS A 3 -10.95 7.78 13.43
CA HIS A 3 -11.09 6.36 13.74
C HIS A 3 -12.47 6.08 14.35
N HIS A 4 -13.48 6.02 13.47
CA HIS A 4 -14.85 5.73 13.90
C HIS A 4 -15.11 4.21 13.83
N HIS A 5 -15.76 3.68 14.87
CA HIS A 5 -15.94 2.24 15.03
C HIS A 5 -17.17 1.73 14.27
N HIS A 6 -17.59 2.48 13.25
CA HIS A 6 -18.70 2.07 12.39
C HIS A 6 -18.30 2.16 10.92
N HIS A 7 -17.94 1.03 10.33
CA HIS A 7 -17.52 0.98 8.92
C HIS A 7 -18.35 -0.05 8.18
N HIS A 8 -18.31 0.01 6.85
CA HIS A 8 -19.08 -0.92 6.02
C HIS A 8 -18.14 -1.86 5.27
N MET A 9 -18.71 -2.84 4.57
CA MET A 9 -17.94 -3.80 3.78
C MET A 9 -18.60 -4.06 2.44
N GLY A 10 -18.31 -3.19 1.46
CA GLY A 10 -18.86 -3.33 0.12
C GLY A 10 -20.38 -3.32 0.10
N THR A 11 -20.96 -2.29 0.70
CA THR A 11 -22.42 -2.18 0.77
C THR A 11 -23.01 -1.64 -0.54
N LEU A 12 -22.63 -0.42 -0.90
CA LEU A 12 -23.19 0.25 -2.08
C LEU A 12 -22.54 -0.31 -3.36
N GLU A 13 -21.28 0.06 -3.58
CA GLU A 13 -20.56 -0.35 -4.78
C GLU A 13 -19.08 -0.54 -4.49
N ALA A 14 -18.45 -1.46 -5.21
CA ALA A 14 -17.02 -1.70 -5.10
C ALA A 14 -16.48 -2.27 -6.42
N GLN A 15 -15.86 -1.41 -7.22
CA GLN A 15 -15.35 -1.80 -8.54
C GLN A 15 -14.30 -0.79 -9.01
N THR A 16 -13.35 -1.28 -9.80
CA THR A 16 -12.36 -0.41 -10.44
C THR A 16 -12.43 -0.59 -11.97
N GLN A 17 -12.78 0.48 -12.66
CA GLN A 17 -12.90 0.44 -14.12
C GLN A 17 -11.67 1.07 -14.76
N GLY A 18 -10.66 0.25 -15.00
CA GLY A 18 -9.41 0.72 -15.57
C GLY A 18 -8.23 -0.14 -15.14
N PRO A 19 -7.92 -1.21 -15.92
CA PRO A 19 -6.81 -2.12 -15.59
C PRO A 19 -5.46 -1.41 -15.66
N GLY A 20 -5.01 -0.90 -14.52
CA GLY A 20 -3.76 -0.18 -14.44
C GLY A 20 -3.78 0.85 -13.32
N SER A 21 -4.18 0.41 -12.13
CA SER A 21 -4.32 1.31 -10.99
C SER A 21 -3.00 1.42 -10.23
N MET A 22 -2.78 2.57 -9.58
CA MET A 22 -1.62 2.78 -8.73
C MET A 22 -1.69 1.85 -7.52
N ILE A 23 -2.90 1.37 -7.24
CA ILE A 23 -3.12 0.34 -6.23
C ILE A 23 -3.34 -1.00 -6.92
N GLU A 24 -2.26 -1.69 -7.24
CA GLU A 24 -2.31 -2.93 -7.99
C GLU A 24 -2.49 -4.11 -7.04
N GLN A 25 -3.05 -5.21 -7.55
CA GLN A 25 -3.26 -6.42 -6.74
C GLN A 25 -2.12 -7.42 -6.99
N ILE A 26 -1.72 -8.12 -5.93
CA ILE A 26 -0.63 -9.10 -6.01
C ILE A 26 -1.02 -10.40 -5.33
N GLY A 27 -0.28 -11.47 -5.61
CA GLY A 27 -0.51 -12.75 -4.98
C GLY A 27 0.45 -12.97 -3.82
N ASP A 28 0.05 -13.82 -2.88
CA ASP A 28 0.86 -14.11 -1.70
C ASP A 28 2.21 -14.71 -2.10
N SER A 29 2.22 -15.42 -3.22
CA SER A 29 3.42 -16.06 -3.74
C SER A 29 4.49 -15.02 -4.09
N GLU A 30 4.05 -13.84 -4.49
CA GLU A 30 4.95 -12.78 -4.94
C GLU A 30 4.96 -11.58 -4.01
N PHE A 31 4.22 -11.67 -2.90
CA PHE A 31 4.10 -10.56 -1.97
C PHE A 31 5.49 -10.05 -1.56
N ASP A 32 6.20 -10.82 -0.75
CA ASP A 32 7.54 -10.44 -0.30
C ASP A 32 8.49 -10.39 -1.50
N ASN A 33 8.23 -11.29 -2.44
CA ASN A 33 9.07 -11.47 -3.62
C ASN A 33 9.29 -10.15 -4.36
N LYS A 34 8.23 -9.38 -4.53
CA LYS A 34 8.30 -8.13 -5.26
C LYS A 34 8.37 -6.93 -4.32
N VAL A 35 7.83 -7.10 -3.11
CA VAL A 35 7.77 -6.00 -2.15
C VAL A 35 9.12 -5.78 -1.45
N THR A 36 9.62 -6.78 -0.72
CA THR A 36 10.78 -6.59 0.13
C THR A 36 12.09 -6.73 -0.66
N SER A 37 11.95 -7.00 -1.95
CA SER A 37 13.10 -7.14 -2.84
C SER A 37 13.37 -5.85 -3.62
N CYS A 38 12.48 -4.87 -3.46
CA CYS A 38 12.57 -3.63 -4.22
C CYS A 38 13.74 -2.77 -3.74
N ASN A 39 14.84 -2.83 -4.47
CA ASN A 39 16.02 -2.00 -4.18
C ASN A 39 15.96 -0.71 -5.00
N ASP A 40 14.87 -0.56 -5.75
CA ASP A 40 14.65 0.61 -6.60
C ASP A 40 14.53 1.87 -5.77
N ASN A 41 14.35 1.70 -4.46
CA ASN A 41 14.22 2.82 -3.52
C ASN A 41 12.90 3.55 -3.74
N ILE A 42 11.95 2.89 -4.39
CA ILE A 42 10.60 3.42 -4.51
C ILE A 42 9.78 2.94 -3.30
N LEU A 43 8.85 3.75 -2.84
CA LEU A 43 8.07 3.42 -1.66
C LEU A 43 6.87 2.56 -2.03
N ILE A 44 6.90 1.33 -1.56
CA ILE A 44 5.82 0.38 -1.77
C ILE A 44 4.86 0.39 -0.58
N LEU A 45 3.59 0.65 -0.86
CA LEU A 45 2.56 0.67 0.16
C LEU A 45 1.72 -0.61 0.06
N VAL A 46 1.93 -1.55 0.98
CA VAL A 46 1.18 -2.81 0.95
C VAL A 46 0.03 -2.76 1.96
N ASP A 47 -1.16 -3.11 1.51
CA ASP A 47 -2.35 -3.05 2.36
C ASP A 47 -3.03 -4.41 2.46
N PHE A 48 -3.52 -4.71 3.66
CA PHE A 48 -4.33 -5.89 3.89
C PHE A 48 -5.75 -5.62 3.43
N TRP A 49 -6.07 -6.11 2.23
CA TRP A 49 -7.33 -5.81 1.53
C TRP A 49 -8.53 -5.77 2.48
N ALA A 50 -9.01 -4.56 2.78
CA ALA A 50 -10.18 -4.35 3.61
C ALA A 50 -10.80 -2.99 3.34
N PRO A 51 -12.14 -2.86 3.47
CA PRO A 51 -12.85 -1.60 3.25
C PRO A 51 -12.34 -0.47 4.16
N TRP A 52 -11.65 0.49 3.55
CA TRP A 52 -11.09 1.63 4.27
C TRP A 52 -12.17 2.58 4.77
N CYS A 53 -12.73 2.26 5.94
CA CYS A 53 -13.69 3.11 6.65
C CYS A 53 -15.06 3.19 5.96
N GLY A 54 -15.09 3.69 4.74
CA GLY A 54 -16.35 3.86 4.02
C GLY A 54 -16.94 2.54 3.54
N PRO A 55 -17.64 2.55 2.38
CA PRO A 55 -18.22 1.33 1.80
C PRO A 55 -17.15 0.32 1.40
N CYS A 56 -16.39 0.66 0.35
CA CYS A 56 -15.29 -0.17 -0.13
C CYS A 56 -14.75 0.39 -1.45
N ARG A 57 -14.90 1.70 -1.64
CA ARG A 57 -14.52 2.34 -2.90
C ARG A 57 -13.65 3.56 -2.62
N SER A 58 -12.96 4.04 -3.65
CA SER A 58 -12.15 5.25 -3.56
C SER A 58 -12.98 6.42 -3.03
N LEU A 59 -12.56 6.98 -1.90
CA LEU A 59 -13.28 8.07 -1.24
C LEU A 59 -12.28 9.16 -0.84
N GLU A 60 -11.28 9.35 -1.68
CA GLU A 60 -10.18 10.28 -1.41
C GLU A 60 -9.51 9.96 -0.07
N PRO A 61 -9.04 8.71 0.11
CA PRO A 61 -8.35 8.31 1.34
C PRO A 61 -6.89 8.72 1.32
N GLN A 62 -6.25 8.68 2.49
CA GLN A 62 -4.89 9.17 2.68
C GLN A 62 -3.95 8.71 1.55
N LEU A 63 -3.86 7.39 1.39
CA LEU A 63 -2.89 6.77 0.49
C LEU A 63 -3.11 7.24 -0.96
N GLU A 64 -4.35 7.17 -1.42
CA GLU A 64 -4.68 7.63 -2.77
C GLU A 64 -4.46 9.12 -2.89
N LYS A 65 -4.80 9.84 -1.82
CA LYS A 65 -4.75 11.29 -1.83
C LYS A 65 -3.33 11.79 -2.09
N LEU A 66 -2.36 11.18 -1.42
CA LEU A 66 -0.96 11.52 -1.67
C LEU A 66 -0.44 10.82 -2.92
N ALA A 67 -0.97 9.64 -3.23
CA ALA A 67 -0.58 8.89 -4.42
C ALA A 67 -0.87 9.68 -5.69
N GLN A 68 -1.96 10.46 -5.66
CA GLN A 68 -2.33 11.32 -6.79
C GLN A 68 -1.20 12.26 -7.16
N GLN A 69 -0.42 12.65 -6.15
CA GLN A 69 0.70 13.57 -6.34
C GLN A 69 2.01 12.80 -6.55
N TYR A 70 2.31 11.90 -5.61
CA TYR A 70 3.63 11.26 -5.53
C TYR A 70 3.67 9.90 -6.23
N THR A 71 2.77 9.67 -7.19
CA THR A 71 2.68 8.36 -7.86
C THR A 71 4.05 7.92 -8.41
N GLU A 72 4.89 8.88 -8.76
CA GLU A 72 6.19 8.59 -9.36
C GLU A 72 7.17 7.97 -8.35
N ASN A 73 6.87 8.14 -7.06
CA ASN A 73 7.75 7.65 -5.99
C ASN A 73 7.01 6.65 -5.10
N VAL A 74 5.75 6.36 -5.41
CA VAL A 74 4.97 5.41 -4.61
C VAL A 74 4.23 4.42 -5.50
N LYS A 75 4.10 3.19 -5.00
CA LYS A 75 3.29 2.16 -5.65
C LYS A 75 2.56 1.35 -4.58
N ILE A 76 1.25 1.29 -4.69
CA ILE A 76 0.43 0.63 -3.68
C ILE A 76 -0.01 -0.75 -4.17
N TYR A 77 0.09 -1.75 -3.31
CA TYR A 77 -0.33 -3.10 -3.65
C TYR A 77 -1.30 -3.63 -2.61
N LYS A 78 -2.45 -4.13 -3.09
CA LYS A 78 -3.45 -4.73 -2.23
C LYS A 78 -3.26 -6.24 -2.25
N ILE A 79 -3.39 -6.89 -1.10
CA ILE A 79 -3.33 -8.33 -1.03
C ILE A 79 -4.43 -8.86 -0.11
N ASN A 80 -5.01 -10.00 -0.50
CA ASN A 80 -6.17 -10.55 0.19
C ASN A 80 -5.85 -10.92 1.64
N ILE A 81 -6.89 -11.20 2.41
CA ILE A 81 -6.75 -11.59 3.83
C ILE A 81 -5.84 -12.80 4.00
N GLU A 82 -5.54 -13.47 2.88
CA GLU A 82 -4.58 -14.58 2.84
C GLU A 82 -3.27 -14.20 3.54
N ASP A 83 -2.83 -12.96 3.32
CA ASP A 83 -1.52 -12.51 3.80
C ASP A 83 -1.52 -12.21 5.30
N ASN A 84 -2.58 -12.62 6.00
CA ASN A 84 -2.57 -12.53 7.46
C ASN A 84 -1.36 -13.27 8.04
N GLN A 85 -0.34 -12.52 8.46
CA GLN A 85 0.88 -13.08 8.98
C GLN A 85 0.94 -12.82 10.48
N ASP A 86 1.95 -13.38 11.10
CA ASP A 86 2.24 -13.13 12.51
C ASP A 86 2.77 -11.72 12.69
N VAL A 87 3.48 -11.25 11.66
CA VAL A 87 4.07 -9.92 11.64
C VAL A 87 3.01 -8.84 11.88
N ALA A 88 1.79 -9.08 11.37
CA ALA A 88 0.68 -8.17 11.55
C ALA A 88 0.36 -7.99 13.04
N THR A 89 0.18 -9.11 13.72
CA THR A 89 -0.09 -9.10 15.16
C THR A 89 1.14 -8.61 15.93
N GLN A 90 2.31 -8.84 15.35
CA GLN A 90 3.57 -8.39 15.95
C GLN A 90 3.61 -6.87 16.02
N TYR A 91 3.17 -6.21 14.96
CA TYR A 91 3.06 -4.75 14.94
C TYR A 91 1.87 -4.27 15.76
N GLY A 92 0.95 -5.19 16.05
CA GLY A 92 -0.22 -4.86 16.85
C GLY A 92 -1.35 -4.33 16.00
N VAL A 93 -1.50 -4.87 14.79
CA VAL A 93 -2.60 -4.48 13.92
C VAL A 93 -3.93 -5.02 14.48
N SER A 94 -4.59 -4.19 15.27
CA SER A 94 -5.85 -4.55 15.91
C SER A 94 -6.98 -4.65 14.89
N ALA A 95 -6.93 -3.81 13.86
CA ALA A 95 -8.00 -3.76 12.87
C ALA A 95 -7.45 -3.40 11.49
N ILE A 96 -8.07 -3.96 10.47
CA ILE A 96 -7.71 -3.70 9.08
C ILE A 96 -8.71 -2.71 8.46
N PRO A 97 -8.38 -2.03 7.34
CA PRO A 97 -7.13 -2.23 6.58
C PRO A 97 -5.90 -1.62 7.26
N THR A 98 -4.74 -1.95 6.73
CA THR A 98 -3.46 -1.53 7.31
C THR A 98 -2.39 -1.51 6.22
N ILE A 99 -1.78 -0.34 6.03
CA ILE A 99 -0.81 -0.14 4.95
C ILE A 99 0.60 -0.08 5.52
N LEU A 100 1.39 -1.12 5.26
CA LEU A 100 2.79 -1.14 5.71
C LEU A 100 3.68 -0.60 4.58
N MET A 101 4.63 0.25 4.95
CA MET A 101 5.48 0.94 3.99
C MET A 101 6.84 0.27 3.87
N PHE A 102 7.16 -0.24 2.68
CA PHE A 102 8.44 -0.90 2.41
C PHE A 102 9.22 -0.13 1.34
N LYS A 103 10.53 -0.14 1.46
CA LYS A 103 11.41 0.56 0.53
C LYS A 103 12.85 0.08 0.75
N ASN A 104 13.57 -0.19 -0.33
CA ASN A 104 14.97 -0.62 -0.27
C ASN A 104 15.10 -1.93 0.54
N GLY A 105 14.02 -2.69 0.57
CA GLY A 105 14.02 -3.97 1.25
C GLY A 105 13.88 -3.85 2.76
N LYS A 106 13.42 -2.69 3.23
CA LYS A 106 13.20 -2.47 4.66
C LYS A 106 11.87 -1.77 4.90
N LYS A 107 11.33 -1.92 6.10
CA LYS A 107 10.09 -1.24 6.49
C LYS A 107 10.40 0.19 6.96
N LEU A 108 9.51 1.13 6.62
CA LEU A 108 9.70 2.54 6.97
C LEU A 108 8.68 2.98 8.00
N SER A 109 7.41 2.74 7.70
CA SER A 109 6.32 3.27 8.49
C SER A 109 5.05 2.44 8.27
N GLN A 110 4.00 2.70 9.06
CA GLN A 110 2.77 1.89 9.00
C GLN A 110 1.52 2.76 9.19
N VAL A 111 0.48 2.44 8.41
CA VAL A 111 -0.81 3.12 8.47
C VAL A 111 -1.89 2.15 8.93
N ILE A 112 -2.74 2.56 9.87
CA ILE A 112 -3.84 1.71 10.34
C ILE A 112 -5.16 2.45 10.21
N GLY A 113 -5.98 2.05 9.24
CA GLY A 113 -7.27 2.67 9.02
C GLY A 113 -7.15 4.07 8.43
N ALA A 114 -6.99 5.07 9.30
CA ALA A 114 -6.99 6.47 8.86
C ALA A 114 -6.13 7.33 9.78
N ASP A 115 -4.93 7.68 9.33
CA ASP A 115 -4.01 8.52 10.10
C ASP A 115 -3.46 9.62 9.20
N ILE A 116 -4.33 10.50 8.70
CA ILE A 116 -3.93 11.51 7.70
C ILE A 116 -2.71 12.34 8.16
N SER A 117 -2.79 12.90 9.36
CA SER A 117 -1.73 13.74 9.91
C SER A 117 -0.43 12.95 10.10
N LYS A 118 -0.58 11.66 10.32
CA LYS A 118 0.55 10.76 10.55
C LYS A 118 1.18 10.39 9.19
N ILE A 119 0.33 10.05 8.23
CA ILE A 119 0.79 9.56 6.93
C ILE A 119 1.48 10.66 6.13
N ILE A 120 0.96 11.89 6.22
CA ILE A 120 1.60 13.00 5.53
C ILE A 120 3.00 13.23 6.08
N SER A 121 3.17 12.95 7.37
CA SER A 121 4.47 13.09 8.03
C SER A 121 5.44 12.02 7.55
N GLU A 122 5.01 10.75 7.60
CA GLU A 122 5.89 9.62 7.27
C GLU A 122 6.18 9.54 5.77
N ILE A 123 5.14 9.61 4.94
CA ILE A 123 5.32 9.48 3.49
C ILE A 123 6.25 10.57 2.95
N ASN A 124 5.90 11.84 3.23
CA ASN A 124 6.68 12.97 2.75
C ASN A 124 8.13 12.91 3.28
N ASN A 125 8.32 12.14 4.35
CA ASN A 125 9.65 11.94 4.93
C ASN A 125 10.39 10.81 4.20
N ASN A 126 9.66 9.80 3.77
CA ASN A 126 10.25 8.59 3.22
C ASN A 126 10.40 8.67 1.69
N ILE A 127 9.82 9.70 1.08
CA ILE A 127 9.97 9.94 -0.36
C ILE A 127 10.27 11.40 -0.63
N ASN A 128 10.67 11.70 -1.86
CA ASN A 128 11.09 13.05 -2.24
C ASN A 128 9.88 13.93 -2.55
N MET A 1 -17.04 -22.61 -36.59
CA MET A 1 -15.70 -22.87 -36.01
C MET A 1 -14.72 -21.78 -36.44
N ALA A 2 -14.55 -20.78 -35.58
CA ALA A 2 -13.64 -19.66 -35.84
C ALA A 2 -13.58 -18.72 -34.63
N HIS A 3 -12.51 -17.95 -34.56
CA HIS A 3 -12.34 -16.92 -33.53
C HIS A 3 -11.97 -15.61 -34.20
N HIS A 4 -12.35 -14.48 -33.60
CA HIS A 4 -12.07 -13.17 -34.19
C HIS A 4 -10.65 -12.72 -33.89
N HIS A 5 -9.69 -13.50 -34.38
CA HIS A 5 -8.27 -13.16 -34.32
C HIS A 5 -7.57 -13.75 -35.54
N HIS A 6 -7.20 -12.90 -36.48
CA HIS A 6 -6.53 -13.34 -37.69
C HIS A 6 -5.37 -12.40 -38.02
N HIS A 7 -5.65 -11.10 -38.04
CA HIS A 7 -4.62 -10.11 -38.27
C HIS A 7 -3.74 -9.95 -37.03
N HIS A 8 -2.46 -9.71 -37.23
CA HIS A 8 -1.52 -9.53 -36.13
C HIS A 8 -1.51 -8.07 -35.67
N MET A 9 -0.72 -7.77 -34.64
CA MET A 9 -0.60 -6.41 -34.11
C MET A 9 0.86 -6.13 -33.74
N GLY A 10 1.10 -4.98 -33.12
CA GLY A 10 2.44 -4.63 -32.68
C GLY A 10 2.43 -3.71 -31.47
N THR A 11 3.47 -3.80 -30.65
CA THR A 11 3.61 -2.97 -29.46
C THR A 11 4.72 -1.94 -29.69
N LEU A 12 4.33 -0.71 -29.99
CA LEU A 12 5.28 0.37 -30.24
C LEU A 12 5.76 0.98 -28.92
N GLU A 13 6.65 1.96 -29.01
CA GLU A 13 7.18 2.63 -27.82
C GLU A 13 6.80 4.11 -27.84
N ALA A 14 6.56 4.66 -26.65
CA ALA A 14 6.21 6.07 -26.50
C ALA A 14 6.77 6.61 -25.20
N GLN A 15 7.37 7.78 -25.26
CA GLN A 15 7.95 8.41 -24.06
C GLN A 15 6.98 9.45 -23.51
N THR A 16 5.93 8.96 -22.85
CA THR A 16 4.92 9.82 -22.24
C THR A 16 4.67 9.39 -20.80
N GLN A 17 3.99 8.26 -20.63
CA GLN A 17 3.68 7.72 -19.31
C GLN A 17 3.38 6.23 -19.41
N GLY A 18 3.57 5.50 -18.31
CA GLY A 18 3.29 4.08 -18.29
C GLY A 18 2.43 3.69 -17.09
N PRO A 19 3.05 3.56 -15.90
CA PRO A 19 2.31 3.19 -14.68
C PRO A 19 1.39 4.31 -14.20
N GLY A 20 0.09 4.15 -14.44
CA GLY A 20 -0.89 5.14 -14.05
C GLY A 20 -1.80 4.64 -12.93
N SER A 21 -1.65 3.38 -12.57
CA SER A 21 -2.45 2.78 -11.51
C SER A 21 -1.65 2.80 -10.20
N MET A 22 -2.05 3.67 -9.29
CA MET A 22 -1.35 3.85 -8.02
C MET A 22 -1.35 2.57 -7.19
N ILE A 23 -2.48 1.86 -7.23
CA ILE A 23 -2.68 0.65 -6.43
C ILE A 23 -2.73 -0.58 -7.33
N GLU A 24 -1.91 -1.58 -7.01
CA GLU A 24 -1.84 -2.81 -7.78
C GLU A 24 -2.17 -4.01 -6.88
N GLN A 25 -2.84 -5.01 -7.43
CA GLN A 25 -3.15 -6.23 -6.70
C GLN A 25 -2.10 -7.30 -6.96
N ILE A 26 -1.68 -8.01 -5.91
CA ILE A 26 -0.61 -9.00 -6.03
C ILE A 26 -0.92 -10.25 -5.19
N GLY A 27 -0.08 -11.25 -5.35
CA GLY A 27 -0.20 -12.48 -4.58
C GLY A 27 0.95 -12.64 -3.59
N ASP A 28 0.86 -13.67 -2.75
CA ASP A 28 1.86 -13.90 -1.70
C ASP A 28 3.22 -14.28 -2.29
N SER A 29 3.21 -14.99 -3.42
CA SER A 29 4.45 -15.45 -4.05
C SER A 29 5.28 -14.25 -4.53
N GLU A 30 4.61 -13.32 -5.21
CA GLU A 30 5.26 -12.13 -5.75
C GLU A 30 5.36 -11.04 -4.70
N PHE A 31 4.60 -11.19 -3.61
CA PHE A 31 4.57 -10.22 -2.52
C PHE A 31 5.99 -9.78 -2.14
N ASP A 32 6.74 -10.69 -1.54
CA ASP A 32 8.11 -10.39 -1.12
C ASP A 32 8.95 -10.07 -2.35
N ASN A 33 8.69 -10.82 -3.42
CA ASN A 33 9.50 -10.80 -4.63
C ASN A 33 9.60 -9.41 -5.24
N LYS A 34 8.54 -8.62 -5.11
CA LYS A 34 8.51 -7.29 -5.71
C LYS A 34 8.43 -6.19 -4.64
N VAL A 35 7.95 -6.54 -3.45
CA VAL A 35 7.85 -5.58 -2.35
C VAL A 35 9.14 -5.51 -1.53
N THR A 36 9.60 -6.64 -0.99
CA THR A 36 10.75 -6.64 -0.09
C THR A 36 12.05 -6.69 -0.87
N SER A 37 11.99 -7.23 -2.08
CA SER A 37 13.15 -7.28 -2.96
C SER A 37 13.28 -5.97 -3.75
N CYS A 38 12.51 -4.95 -3.34
CA CYS A 38 12.56 -3.64 -3.98
C CYS A 38 13.82 -2.89 -3.58
N ASN A 39 14.85 -2.99 -4.40
CA ASN A 39 16.13 -2.33 -4.15
C ASN A 39 16.17 -0.95 -4.81
N ASP A 40 15.07 -0.60 -5.46
CA ASP A 40 14.98 0.67 -6.20
C ASP A 40 14.91 1.86 -5.27
N ASN A 41 14.76 1.59 -3.98
CA ASN A 41 14.67 2.64 -2.94
C ASN A 41 13.40 3.48 -3.12
N ILE A 42 12.46 2.97 -3.92
CA ILE A 42 11.16 3.60 -4.05
C ILE A 42 10.26 3.12 -2.92
N LEU A 43 9.34 3.97 -2.46
CA LEU A 43 8.50 3.64 -1.31
C LEU A 43 7.27 2.85 -1.76
N ILE A 44 7.14 1.64 -1.22
CA ILE A 44 6.03 0.76 -1.52
C ILE A 44 5.06 0.70 -0.34
N LEU A 45 3.79 0.97 -0.60
CA LEU A 45 2.75 0.93 0.44
C LEU A 45 1.84 -0.26 0.21
N VAL A 46 1.92 -1.26 1.09
CA VAL A 46 1.05 -2.42 1.02
C VAL A 46 -0.12 -2.24 1.97
N ASP A 47 -1.32 -2.06 1.44
CA ASP A 47 -2.51 -1.86 2.27
C ASP A 47 -3.18 -3.19 2.58
N PHE A 48 -3.90 -3.23 3.70
CA PHE A 48 -4.63 -4.42 4.12
C PHE A 48 -6.15 -4.20 3.98
N TRP A 49 -6.52 -3.31 3.07
CA TRP A 49 -7.94 -3.09 2.79
C TRP A 49 -8.47 -4.26 1.96
N ALA A 50 -9.40 -5.00 2.54
CA ALA A 50 -9.96 -6.20 1.92
C ALA A 50 -10.34 -5.96 0.46
N PRO A 51 -9.67 -6.65 -0.49
CA PRO A 51 -9.98 -6.55 -1.92
C PRO A 51 -11.37 -7.10 -2.23
N TRP A 52 -12.39 -6.31 -1.93
CA TRP A 52 -13.78 -6.70 -2.16
C TRP A 52 -14.62 -5.46 -2.43
N CYS A 53 -15.59 -5.58 -3.33
CA CYS A 53 -16.45 -4.47 -3.70
C CYS A 53 -17.54 -4.27 -2.64
N GLY A 54 -17.20 -3.54 -1.59
CA GLY A 54 -18.16 -3.26 -0.53
C GLY A 54 -17.61 -2.29 0.50
N PRO A 55 -17.35 -1.02 0.10
CA PRO A 55 -16.81 0.01 1.01
C PRO A 55 -17.92 0.82 1.69
N CYS A 56 -19.16 0.36 1.57
CA CYS A 56 -20.33 1.08 2.07
C CYS A 56 -20.51 2.40 1.30
N ARG A 57 -19.63 3.36 1.59
CA ARG A 57 -19.58 4.62 0.86
C ARG A 57 -18.14 4.86 0.40
N SER A 58 -17.95 4.92 -0.90
CA SER A 58 -16.62 5.09 -1.48
C SER A 58 -16.06 6.48 -1.18
N LEU A 59 -14.77 6.55 -0.91
CA LEU A 59 -14.07 7.81 -0.70
C LEU A 59 -12.56 7.60 -0.88
N GLU A 60 -11.85 8.67 -1.21
CA GLU A 60 -10.40 8.59 -1.41
C GLU A 60 -9.67 8.69 -0.07
N PRO A 61 -9.04 7.59 0.37
CA PRO A 61 -8.27 7.57 1.63
C PRO A 61 -6.92 8.26 1.49
N GLN A 62 -6.12 8.19 2.54
CA GLN A 62 -4.83 8.89 2.59
C GLN A 62 -3.94 8.43 1.42
N LEU A 63 -3.85 7.11 1.26
CA LEU A 63 -2.98 6.49 0.29
C LEU A 63 -3.24 7.02 -1.12
N GLU A 64 -4.50 7.04 -1.52
CA GLU A 64 -4.85 7.49 -2.88
C GLU A 64 -4.65 8.99 -3.00
N LYS A 65 -4.95 9.72 -1.93
CA LYS A 65 -4.77 11.17 -1.90
C LYS A 65 -3.34 11.55 -2.26
N LEU A 66 -2.37 10.96 -1.57
CA LEU A 66 -0.97 11.26 -1.86
C LEU A 66 -0.50 10.56 -3.14
N ALA A 67 -0.91 9.30 -3.33
CA ALA A 67 -0.46 8.50 -4.46
C ALA A 67 -0.82 9.15 -5.80
N GLN A 68 -2.00 9.76 -5.87
CA GLN A 68 -2.44 10.42 -7.10
C GLN A 68 -1.42 11.44 -7.56
N GLN A 69 -0.73 12.05 -6.61
CA GLN A 69 0.29 13.07 -6.91
C GLN A 69 1.68 12.44 -6.98
N TYR A 70 1.96 11.51 -6.06
CA TYR A 70 3.32 11.01 -5.85
C TYR A 70 3.50 9.57 -6.36
N THR A 71 2.60 9.08 -7.21
CA THR A 71 2.63 7.67 -7.65
C THR A 71 4.01 7.27 -8.21
N GLU A 72 4.69 8.21 -8.85
CA GLU A 72 5.99 7.93 -9.46
C GLU A 72 7.06 7.66 -8.39
N ASN A 73 6.76 8.05 -7.15
CA ASN A 73 7.69 7.89 -6.02
C ASN A 73 7.11 6.90 -5.00
N VAL A 74 5.82 6.59 -5.12
CA VAL A 74 5.17 5.63 -4.22
C VAL A 74 4.30 4.66 -5.00
N LYS A 75 4.51 3.37 -4.78
CA LYS A 75 3.74 2.34 -5.46
C LYS A 75 2.96 1.51 -4.44
N ILE A 76 1.65 1.46 -4.60
CA ILE A 76 0.79 0.78 -3.63
C ILE A 76 0.43 -0.63 -4.12
N TYR A 77 0.41 -1.57 -3.18
CA TYR A 77 -0.02 -2.94 -3.46
C TYR A 77 -0.98 -3.39 -2.37
N LYS A 78 -1.80 -4.39 -2.66
CA LYS A 78 -2.74 -4.90 -1.68
C LYS A 78 -2.85 -6.42 -1.77
N ILE A 79 -3.12 -7.05 -0.63
CA ILE A 79 -3.24 -8.50 -0.53
C ILE A 79 -4.46 -8.88 0.31
N ASN A 80 -4.69 -10.18 0.48
CA ASN A 80 -5.79 -10.67 1.29
C ASN A 80 -5.35 -11.84 2.17
N ILE A 81 -4.87 -11.51 3.37
CA ILE A 81 -4.43 -12.50 4.35
C ILE A 81 -4.74 -11.98 5.76
N GLU A 82 -5.70 -12.59 6.43
CA GLU A 82 -6.15 -12.09 7.74
C GLU A 82 -5.27 -12.60 8.88
N ASP A 83 -5.39 -13.88 9.21
CA ASP A 83 -4.72 -14.45 10.39
C ASP A 83 -3.54 -15.31 9.99
N ASN A 84 -3.39 -15.57 8.69
CA ASN A 84 -2.33 -16.43 8.18
C ASN A 84 -1.03 -15.64 8.00
N GLN A 85 -0.94 -14.49 8.66
CA GLN A 85 0.22 -13.61 8.54
C GLN A 85 0.79 -13.28 9.92
N ASP A 86 2.12 -13.31 10.03
CA ASP A 86 2.80 -12.91 11.27
C ASP A 86 2.66 -11.41 11.47
N VAL A 87 2.62 -10.69 10.35
CA VAL A 87 2.63 -9.22 10.34
C VAL A 87 1.65 -8.62 11.35
N ALA A 88 0.39 -9.04 11.29
CA ALA A 88 -0.65 -8.49 12.13
C ALA A 88 -0.31 -8.61 13.61
N THR A 89 0.04 -9.83 14.03
CA THR A 89 0.39 -10.09 15.43
C THR A 89 1.76 -9.50 15.78
N GLN A 90 2.62 -9.40 14.77
CA GLN A 90 3.98 -8.88 14.95
C GLN A 90 3.93 -7.41 15.36
N TYR A 91 3.03 -6.67 14.72
CA TYR A 91 2.80 -5.27 15.05
C TYR A 91 1.76 -5.15 16.17
N GLY A 92 1.01 -6.23 16.37
CA GLY A 92 -0.08 -6.21 17.34
C GLY A 92 -1.15 -5.21 16.94
N VAL A 93 -1.60 -5.30 15.70
CA VAL A 93 -2.58 -4.37 15.14
C VAL A 93 -3.85 -4.34 16.00
N SER A 94 -4.11 -3.19 16.61
CA SER A 94 -5.27 -3.01 17.47
C SER A 94 -6.42 -2.36 16.69
N ALA A 95 -6.10 -1.80 15.52
CA ALA A 95 -7.11 -1.10 14.72
C ALA A 95 -6.79 -1.21 13.24
N ILE A 96 -7.81 -1.56 12.45
CA ILE A 96 -7.69 -1.62 11.00
C ILE A 96 -8.20 -0.31 10.37
N PRO A 97 -7.85 -0.01 9.10
CA PRO A 97 -6.97 -0.84 8.27
C PRO A 97 -5.50 -0.70 8.65
N THR A 98 -4.64 -1.48 7.98
CA THR A 98 -3.21 -1.45 8.26
C THR A 98 -2.43 -1.40 6.95
N ILE A 99 -1.61 -0.37 6.79
CA ILE A 99 -0.79 -0.20 5.59
C ILE A 99 0.68 -0.25 5.98
N LEU A 100 1.45 -1.12 5.36
CA LEU A 100 2.86 -1.27 5.70
C LEU A 100 3.74 -0.67 4.60
N MET A 101 4.67 0.19 5.01
CA MET A 101 5.54 0.89 4.07
C MET A 101 6.92 0.22 4.01
N PHE A 102 7.24 -0.36 2.85
CA PHE A 102 8.53 -1.00 2.61
C PHE A 102 9.35 -0.22 1.60
N LYS A 103 10.67 -0.23 1.79
CA LYS A 103 11.61 0.41 0.89
C LYS A 103 12.99 -0.19 1.09
N ASN A 104 13.64 -0.58 -0.01
CA ASN A 104 14.98 -1.17 0.04
C ASN A 104 14.99 -2.39 0.97
N GLY A 105 13.85 -3.08 1.03
CA GLY A 105 13.72 -4.29 1.81
C GLY A 105 13.62 -4.05 3.30
N LYS A 106 13.25 -2.83 3.69
CA LYS A 106 13.13 -2.47 5.09
C LYS A 106 11.77 -1.83 5.37
N LYS A 107 11.30 -1.92 6.61
CA LYS A 107 10.04 -1.30 7.03
C LYS A 107 10.29 0.10 7.56
N LEU A 108 9.67 1.09 6.92
CA LEU A 108 9.85 2.49 7.32
C LEU A 108 8.77 2.90 8.30
N SER A 109 7.52 2.66 7.92
CA SER A 109 6.36 3.08 8.69
C SER A 109 5.17 2.17 8.41
N GLN A 110 4.11 2.34 9.19
CA GLN A 110 2.87 1.61 8.99
C GLN A 110 1.67 2.48 9.37
N VAL A 111 0.73 2.62 8.42
CA VAL A 111 -0.50 3.36 8.67
C VAL A 111 -1.51 2.47 9.37
N ILE A 112 -1.74 2.72 10.65
CA ILE A 112 -2.72 1.96 11.43
C ILE A 112 -3.93 2.83 11.74
N GLY A 113 -5.04 2.54 11.09
CA GLY A 113 -6.24 3.32 11.28
C GLY A 113 -6.45 4.31 10.15
N ALA A 114 -6.55 5.60 10.48
CA ALA A 114 -6.74 6.64 9.49
C ALA A 114 -6.27 7.99 10.03
N ASP A 115 -4.99 8.27 9.86
CA ASP A 115 -4.38 9.51 10.37
C ASP A 115 -3.68 10.26 9.25
N ILE A 116 -4.43 11.09 8.53
CA ILE A 116 -3.89 11.83 7.39
C ILE A 116 -2.66 12.67 7.77
N SER A 117 -2.74 13.36 8.90
CA SER A 117 -1.67 14.27 9.31
C SER A 117 -0.42 13.47 9.69
N LYS A 118 -0.61 12.23 10.11
CA LYS A 118 0.49 11.36 10.49
C LYS A 118 1.16 10.76 9.23
N ILE A 119 0.32 10.29 8.30
CA ILE A 119 0.81 9.61 7.11
C ILE A 119 1.54 10.59 6.20
N ILE A 120 1.03 11.82 6.05
CA ILE A 120 1.71 12.81 5.22
C ILE A 120 3.09 13.11 5.79
N SER A 121 3.20 13.04 7.12
CA SER A 121 4.46 13.30 7.79
C SER A 121 5.46 12.17 7.50
N GLU A 122 5.04 10.93 7.72
CA GLU A 122 5.94 9.79 7.59
C GLU A 122 6.29 9.50 6.12
N ILE A 123 5.33 9.71 5.22
CA ILE A 123 5.54 9.47 3.80
C ILE A 123 6.49 10.52 3.21
N ASN A 124 6.22 11.79 3.50
CA ASN A 124 7.04 12.90 3.00
C ASN A 124 8.45 12.86 3.61
N ASN A 125 8.59 12.17 4.74
CA ASN A 125 9.90 11.96 5.36
C ASN A 125 10.73 10.93 4.57
N ASN A 126 10.11 10.31 3.57
CA ASN A 126 10.77 9.32 2.73
C ASN A 126 10.91 9.84 1.30
N ILE A 127 9.80 10.34 0.76
CA ILE A 127 9.75 10.82 -0.61
C ILE A 127 9.85 12.35 -0.65
N ASN A 128 10.05 12.90 -1.83
CA ASN A 128 10.12 14.35 -2.01
C ASN A 128 8.76 15.00 -1.72
N MET A 1 -33.06 5.24 -5.36
CA MET A 1 -33.12 5.98 -6.64
C MET A 1 -31.73 6.13 -7.24
N ALA A 2 -31.58 5.70 -8.50
CA ALA A 2 -30.32 5.83 -9.26
C ALA A 2 -29.26 4.83 -8.80
N HIS A 3 -28.99 4.75 -7.50
CA HIS A 3 -27.98 3.85 -6.96
C HIS A 3 -28.36 2.38 -7.22
N HIS A 4 -27.71 1.76 -8.20
CA HIS A 4 -27.93 0.36 -8.52
C HIS A 4 -27.12 -0.53 -7.57
N HIS A 5 -27.57 -1.75 -7.36
CA HIS A 5 -26.85 -2.72 -6.52
C HIS A 5 -25.88 -3.54 -7.37
N HIS A 6 -24.86 -4.09 -6.72
CA HIS A 6 -23.82 -4.88 -7.40
C HIS A 6 -22.95 -4.00 -8.29
N HIS A 7 -21.71 -4.43 -8.49
CA HIS A 7 -20.74 -3.68 -9.26
C HIS A 7 -19.63 -4.60 -9.78
N HIS A 8 -19.96 -5.40 -10.80
CA HIS A 8 -18.99 -6.32 -11.37
C HIS A 8 -18.38 -5.73 -12.64
N MET A 9 -17.40 -4.86 -12.47
CA MET A 9 -16.65 -4.30 -13.60
C MET A 9 -15.81 -5.39 -14.25
N GLY A 10 -16.38 -6.06 -15.24
CA GLY A 10 -15.70 -7.16 -15.90
C GLY A 10 -14.67 -6.69 -16.90
N THR A 11 -14.64 -5.39 -17.17
CA THR A 11 -13.68 -4.82 -18.11
C THR A 11 -12.27 -4.84 -17.51
N LEU A 12 -11.51 -5.88 -17.84
CA LEU A 12 -10.17 -6.06 -17.31
C LEU A 12 -9.16 -6.32 -18.44
N GLU A 13 -8.41 -5.29 -18.79
CA GLU A 13 -7.32 -5.40 -19.76
C GLU A 13 -6.54 -4.09 -19.78
N ALA A 14 -5.27 -4.15 -19.39
CA ALA A 14 -4.41 -2.97 -19.33
C ALA A 14 -2.95 -3.37 -19.14
N GLN A 15 -2.08 -2.79 -19.96
CA GLN A 15 -0.64 -3.01 -19.86
C GLN A 15 -0.13 -2.49 -18.51
N THR A 16 0.18 -3.42 -17.60
CA THR A 16 0.61 -3.07 -16.26
C THR A 16 2.01 -2.45 -16.25
N GLN A 17 2.04 -1.13 -16.37
CA GLN A 17 3.30 -0.37 -16.31
C GLN A 17 3.52 0.18 -14.90
N GLY A 18 4.79 0.27 -14.51
CA GLY A 18 5.15 0.67 -13.16
C GLY A 18 4.55 2.01 -12.74
N PRO A 19 5.10 3.13 -13.23
CA PRO A 19 4.65 4.48 -12.84
C PRO A 19 3.22 4.78 -13.29
N GLY A 20 2.63 3.87 -14.03
CA GLY A 20 1.25 4.02 -14.47
C GLY A 20 0.28 3.49 -13.45
N SER A 21 0.57 2.32 -12.91
CA SER A 21 -0.27 1.68 -11.91
C SER A 21 0.19 2.05 -10.51
N MET A 22 -0.37 3.13 -9.97
CA MET A 22 -0.03 3.58 -8.61
C MET A 22 -0.61 2.64 -7.57
N ILE A 23 -1.83 2.15 -7.81
CA ILE A 23 -2.48 1.21 -6.90
C ILE A 23 -2.64 -0.14 -7.61
N GLU A 24 -1.86 -1.13 -7.19
CA GLU A 24 -1.80 -2.41 -7.88
C GLU A 24 -2.17 -3.55 -6.92
N GLN A 25 -3.06 -4.44 -7.37
CA GLN A 25 -3.46 -5.59 -6.56
C GLN A 25 -2.55 -6.78 -6.85
N ILE A 26 -2.00 -7.38 -5.81
CA ILE A 26 -1.02 -8.46 -5.97
C ILE A 26 -1.38 -9.67 -5.11
N GLY A 27 -0.73 -10.80 -5.41
CA GLY A 27 -0.97 -12.03 -4.68
C GLY A 27 0.20 -12.46 -3.83
N ASP A 28 -0.04 -13.45 -2.98
CA ASP A 28 1.00 -14.01 -2.10
C ASP A 28 2.25 -14.41 -2.90
N SER A 29 2.01 -14.97 -4.09
CA SER A 29 3.09 -15.50 -4.93
C SER A 29 4.11 -14.42 -5.30
N GLU A 30 3.73 -13.15 -5.23
CA GLU A 30 4.60 -12.06 -5.65
C GLU A 30 4.77 -11.01 -4.54
N PHE A 31 4.08 -11.21 -3.42
CA PHE A 31 4.10 -10.26 -2.31
C PHE A 31 5.55 -9.94 -1.90
N ASP A 32 6.23 -10.89 -1.30
CA ASP A 32 7.62 -10.71 -0.88
C ASP A 32 8.47 -10.38 -2.10
N ASN A 33 8.19 -11.11 -3.17
CA ASN A 33 8.96 -11.09 -4.41
C ASN A 33 9.15 -9.68 -4.96
N LYS A 34 8.13 -8.84 -4.85
CA LYS A 34 8.20 -7.48 -5.39
C LYS A 34 8.23 -6.42 -4.30
N VAL A 35 7.80 -6.77 -3.09
CA VAL A 35 7.77 -5.82 -1.98
C VAL A 35 9.10 -5.80 -1.21
N THR A 36 9.54 -6.95 -0.72
CA THR A 36 10.73 -6.99 0.13
C THR A 36 12.00 -6.87 -0.70
N SER A 37 11.99 -7.51 -1.87
CA SER A 37 13.14 -7.49 -2.77
C SER A 37 13.20 -6.18 -3.58
N CYS A 38 12.36 -5.21 -3.22
CA CYS A 38 12.31 -3.94 -3.94
C CYS A 38 13.50 -3.06 -3.59
N ASN A 39 14.39 -2.86 -4.57
CA ASN A 39 15.57 -2.02 -4.40
C ASN A 39 15.51 -0.83 -5.35
N ASP A 40 14.32 -0.59 -5.90
CA ASP A 40 14.09 0.48 -6.88
C ASP A 40 14.20 1.87 -6.24
N ASN A 41 14.43 1.90 -4.92
CA ASN A 41 14.52 3.15 -4.14
C ASN A 41 13.14 3.83 -4.04
N ILE A 42 12.11 3.13 -4.52
CA ILE A 42 10.74 3.64 -4.46
C ILE A 42 10.10 3.20 -3.14
N LEU A 43 9.08 3.91 -2.69
CA LEU A 43 8.41 3.56 -1.43
C LEU A 43 7.16 2.72 -1.73
N ILE A 44 7.16 1.50 -1.21
CA ILE A 44 6.04 0.59 -1.39
C ILE A 44 5.12 0.62 -0.18
N LEU A 45 3.84 0.88 -0.42
CA LEU A 45 2.84 0.91 0.64
C LEU A 45 1.82 -0.20 0.41
N VAL A 46 1.90 -1.26 1.21
CA VAL A 46 0.98 -2.39 1.09
C VAL A 46 -0.17 -2.25 2.09
N ASP A 47 -1.41 -2.22 1.59
CA ASP A 47 -2.58 -2.16 2.46
C ASP A 47 -3.26 -3.53 2.50
N PHE A 48 -3.44 -4.04 3.71
CA PHE A 48 -4.00 -5.37 3.93
C PHE A 48 -5.51 -5.38 3.70
N TRP A 49 -5.90 -5.85 2.51
CA TRP A 49 -7.31 -6.11 2.13
C TRP A 49 -8.29 -5.09 2.70
N ALA A 50 -8.45 -3.96 2.01
CA ALA A 50 -9.43 -2.94 2.36
C ALA A 50 -10.77 -3.24 1.68
N PRO A 51 -11.89 -2.76 2.25
CA PRO A 51 -13.24 -2.95 1.67
C PRO A 51 -13.32 -2.48 0.21
N TRP A 52 -14.26 -3.04 -0.54
CA TRP A 52 -14.41 -2.75 -1.96
C TRP A 52 -15.01 -1.35 -2.18
N CYS A 53 -15.15 -0.98 -3.45
CA CYS A 53 -15.64 0.34 -3.84
C CYS A 53 -16.68 0.23 -4.94
N GLY A 54 -17.21 1.38 -5.37
CA GLY A 54 -18.15 1.41 -6.48
C GLY A 54 -17.42 1.46 -7.82
N PRO A 55 -18.17 1.55 -8.94
CA PRO A 55 -17.59 1.59 -10.29
C PRO A 55 -16.61 2.75 -10.48
N CYS A 56 -16.89 3.87 -9.81
CA CYS A 56 -16.02 5.04 -9.86
C CYS A 56 -15.45 5.32 -8.47
N ARG A 57 -14.19 5.74 -8.41
CA ARG A 57 -13.54 6.03 -7.13
C ARG A 57 -14.06 7.34 -6.56
N SER A 58 -15.22 7.28 -5.91
CA SER A 58 -15.85 8.45 -5.31
C SER A 58 -14.95 9.04 -4.22
N LEU A 59 -14.21 8.18 -3.55
CA LEU A 59 -13.25 8.57 -2.54
C LEU A 59 -12.24 7.46 -2.31
N GLU A 60 -11.04 7.84 -1.90
CA GLU A 60 -9.96 6.90 -1.66
C GLU A 60 -9.22 7.29 -0.37
N PRO A 61 -8.63 6.30 0.34
CA PRO A 61 -7.94 6.54 1.62
C PRO A 61 -6.68 7.40 1.46
N GLN A 62 -6.04 7.68 2.60
CA GLN A 62 -4.89 8.59 2.68
C GLN A 62 -3.82 8.24 1.65
N LEU A 63 -3.47 6.96 1.63
CA LEU A 63 -2.35 6.48 0.82
C LEU A 63 -2.65 6.67 -0.66
N GLU A 64 -3.85 6.30 -1.06
CA GLU A 64 -4.30 6.45 -2.44
C GLU A 64 -4.44 7.93 -2.80
N LYS A 65 -4.82 8.75 -1.82
CA LYS A 65 -4.92 10.20 -1.99
C LYS A 65 -3.58 10.78 -2.42
N LEU A 66 -2.55 10.55 -1.62
CA LEU A 66 -1.22 11.07 -1.92
C LEU A 66 -0.62 10.36 -3.15
N ALA A 67 -1.01 9.11 -3.34
CA ALA A 67 -0.52 8.32 -4.48
C ALA A 67 -0.86 9.01 -5.80
N GLN A 68 -2.03 9.65 -5.85
CA GLN A 68 -2.49 10.32 -7.07
C GLN A 68 -1.46 11.34 -7.55
N GLN A 69 -0.77 11.97 -6.61
CA GLN A 69 0.27 12.95 -6.92
C GLN A 69 1.66 12.28 -6.98
N TYR A 70 2.02 11.63 -5.88
CA TYR A 70 3.37 11.06 -5.70
C TYR A 70 3.51 9.69 -6.37
N THR A 71 2.65 9.39 -7.35
CA THR A 71 2.64 8.09 -8.00
C THR A 71 4.04 7.70 -8.52
N GLU A 72 4.82 8.71 -8.90
CA GLU A 72 6.13 8.49 -9.50
C GLU A 72 7.14 7.96 -8.47
N ASN A 73 6.82 8.15 -7.18
CA ASN A 73 7.75 7.81 -6.10
C ASN A 73 7.10 6.84 -5.11
N VAL A 74 5.90 6.36 -5.43
CA VAL A 74 5.22 5.42 -4.53
C VAL A 74 4.55 4.29 -5.31
N LYS A 75 4.55 3.11 -4.71
CA LYS A 75 3.86 1.94 -5.26
C LYS A 75 2.98 1.35 -4.17
N ILE A 76 1.67 1.38 -4.38
CA ILE A 76 0.72 0.83 -3.42
C ILE A 76 0.25 -0.54 -3.89
N TYR A 77 0.16 -1.48 -2.96
CA TYR A 77 -0.24 -2.84 -3.29
C TYR A 77 -1.35 -3.33 -2.37
N LYS A 78 -2.35 -3.95 -2.97
CA LYS A 78 -3.44 -4.56 -2.20
C LYS A 78 -3.32 -6.08 -2.31
N ILE A 79 -3.00 -6.72 -1.19
CA ILE A 79 -2.76 -8.16 -1.16
C ILE A 79 -4.06 -8.92 -0.95
N ASN A 80 -4.18 -10.06 -1.63
CA ASN A 80 -5.38 -10.90 -1.54
C ASN A 80 -5.28 -11.94 -0.42
N ILE A 81 -4.08 -12.09 0.14
CA ILE A 81 -3.86 -13.04 1.22
C ILE A 81 -4.44 -12.50 2.54
N GLU A 82 -5.72 -12.78 2.75
CA GLU A 82 -6.47 -12.25 3.88
C GLU A 82 -6.32 -13.10 5.15
N ASP A 83 -6.33 -14.42 4.99
CA ASP A 83 -6.44 -15.33 6.12
C ASP A 83 -5.08 -15.62 6.77
N ASN A 84 -4.02 -15.05 6.22
CA ASN A 84 -2.68 -15.28 6.75
C ASN A 84 -1.82 -14.02 6.63
N GLN A 85 -1.46 -13.44 7.77
CA GLN A 85 -0.54 -12.31 7.79
C GLN A 85 0.35 -12.38 9.03
N ASP A 86 1.59 -12.78 8.82
CA ASP A 86 2.55 -12.96 9.91
C ASP A 86 2.96 -11.61 10.49
N VAL A 87 3.51 -10.75 9.64
CA VAL A 87 4.06 -9.46 10.06
C VAL A 87 3.00 -8.63 10.79
N ALA A 88 1.78 -8.64 10.27
CA ALA A 88 0.67 -7.87 10.85
C ALA A 88 0.32 -8.40 12.24
N THR A 89 0.30 -9.73 12.38
CA THR A 89 0.02 -10.35 13.66
C THR A 89 1.14 -10.04 14.66
N GLN A 90 2.37 -9.98 14.16
CA GLN A 90 3.53 -9.64 14.99
C GLN A 90 3.42 -8.20 15.48
N TYR A 91 2.91 -7.31 14.62
CA TYR A 91 2.64 -5.93 14.99
C TYR A 91 1.45 -5.85 15.95
N GLY A 92 0.69 -6.94 16.03
CA GLY A 92 -0.47 -6.99 16.89
C GLY A 92 -1.63 -6.18 16.35
N VAL A 93 -1.81 -6.24 15.03
CA VAL A 93 -2.88 -5.50 14.37
C VAL A 93 -4.24 -5.78 15.03
N SER A 94 -4.87 -4.72 15.53
CA SER A 94 -6.18 -4.82 16.17
C SER A 94 -7.18 -3.88 15.50
N ALA A 95 -6.75 -3.26 14.40
CA ALA A 95 -7.60 -2.31 13.67
C ALA A 95 -7.14 -2.21 12.22
N ILE A 96 -8.08 -2.41 11.30
CA ILE A 96 -7.81 -2.28 9.87
C ILE A 96 -8.34 -0.94 9.36
N PRO A 97 -7.79 -0.40 8.23
CA PRO A 97 -6.73 -1.06 7.45
C PRO A 97 -5.35 -0.88 8.09
N THR A 98 -4.41 -1.71 7.65
CA THR A 98 -3.04 -1.66 8.12
C THR A 98 -2.09 -1.60 6.93
N ILE A 99 -1.37 -0.48 6.80
CA ILE A 99 -0.49 -0.26 5.66
C ILE A 99 0.97 -0.31 6.10
N LEU A 100 1.75 -1.18 5.47
CA LEU A 100 3.20 -1.28 5.73
C LEU A 100 3.97 -0.60 4.61
N MET A 101 4.95 0.22 4.97
CA MET A 101 5.72 0.99 4.00
C MET A 101 7.16 0.50 3.93
N PHE A 102 7.51 -0.17 2.84
CA PHE A 102 8.84 -0.74 2.64
C PHE A 102 9.62 0.05 1.59
N LYS A 103 10.95 -0.01 1.69
CA LYS A 103 11.85 0.65 0.76
C LYS A 103 13.24 0.03 0.91
N ASN A 104 13.74 -0.58 -0.16
CA ASN A 104 15.05 -1.26 -0.14
C ASN A 104 15.05 -2.41 0.87
N GLY A 105 13.86 -2.94 1.14
CA GLY A 105 13.72 -4.05 2.06
C GLY A 105 13.62 -3.60 3.51
N LYS A 106 13.69 -2.29 3.73
CA LYS A 106 13.57 -1.73 5.08
C LYS A 106 12.15 -1.19 5.28
N LYS A 107 11.58 -1.45 6.46
CA LYS A 107 10.28 -0.86 6.80
C LYS A 107 10.50 0.53 7.37
N LEU A 108 9.81 1.51 6.80
CA LEU A 108 9.94 2.90 7.22
C LEU A 108 8.82 3.27 8.19
N SER A 109 7.59 2.98 7.77
CA SER A 109 6.41 3.43 8.49
C SER A 109 5.25 2.45 8.32
N GLN A 110 4.34 2.46 9.28
CA GLN A 110 3.12 1.65 9.22
C GLN A 110 1.90 2.52 9.54
N VAL A 111 0.99 2.62 8.59
CA VAL A 111 -0.26 3.37 8.77
C VAL A 111 -1.33 2.44 9.33
N ILE A 112 -1.66 2.60 10.60
CA ILE A 112 -2.68 1.80 11.25
C ILE A 112 -3.89 2.67 11.61
N GLY A 113 -5.03 2.36 11.00
CA GLY A 113 -6.23 3.15 11.23
C GLY A 113 -6.48 4.10 10.08
N ALA A 114 -6.65 5.39 10.40
CA ALA A 114 -6.90 6.41 9.40
C ALA A 114 -6.49 7.79 9.92
N ASP A 115 -5.25 8.18 9.65
CA ASP A 115 -4.74 9.48 10.09
C ASP A 115 -4.01 10.20 8.95
N ILE A 116 -4.72 11.12 8.32
CA ILE A 116 -4.17 11.90 7.21
C ILE A 116 -2.97 12.74 7.68
N SER A 117 -3.09 13.32 8.87
CA SER A 117 -2.04 14.17 9.43
C SER A 117 -0.79 13.35 9.69
N LYS A 118 -0.98 12.08 10.03
CA LYS A 118 0.14 11.18 10.30
C LYS A 118 0.82 10.83 8.98
N ILE A 119 0.04 10.34 8.02
CA ILE A 119 0.57 9.83 6.76
C ILE A 119 1.30 10.92 5.99
N ILE A 120 0.77 12.14 5.98
CA ILE A 120 1.45 13.23 5.27
C ILE A 120 2.81 13.50 5.90
N SER A 121 2.93 13.27 7.21
CA SER A 121 4.18 13.45 7.93
C SER A 121 5.19 12.36 7.53
N GLU A 122 4.75 11.10 7.62
CA GLU A 122 5.65 9.96 7.42
C GLU A 122 5.96 9.71 5.93
N ILE A 123 4.95 9.80 5.07
CA ILE A 123 5.15 9.57 3.64
C ILE A 123 6.13 10.61 3.06
N ASN A 124 5.83 11.89 3.26
CA ASN A 124 6.67 12.98 2.77
C ASN A 124 8.07 12.88 3.37
N ASN A 125 8.19 12.16 4.48
CA ASN A 125 9.48 11.92 5.13
C ASN A 125 10.26 10.82 4.41
N ASN A 126 9.53 9.84 3.87
CA ASN A 126 10.16 8.65 3.27
C ASN A 126 10.36 8.82 1.77
N ILE A 127 9.61 9.73 1.16
CA ILE A 127 9.77 10.07 -0.25
C ILE A 127 10.11 11.54 -0.41
N ASN A 128 10.52 11.91 -1.61
CA ASN A 128 10.96 13.28 -1.91
C ASN A 128 9.96 14.34 -1.40
N MET A 1 -26.82 19.73 32.98
CA MET A 1 -26.53 18.47 32.28
C MET A 1 -27.01 18.55 30.82
N ALA A 2 -26.06 18.54 29.88
CA ALA A 2 -26.39 18.61 28.47
C ALA A 2 -25.85 17.39 27.74
N HIS A 3 -26.70 16.79 26.91
CA HIS A 3 -26.32 15.61 26.12
C HIS A 3 -25.93 16.03 24.71
N HIS A 4 -25.28 15.12 23.99
CA HIS A 4 -24.79 15.42 22.65
C HIS A 4 -25.88 15.21 21.61
N HIS A 5 -26.04 16.21 20.73
CA HIS A 5 -27.07 16.16 19.69
C HIS A 5 -26.51 15.50 18.44
N HIS A 6 -27.04 14.34 18.11
CA HIS A 6 -26.58 13.57 16.95
C HIS A 6 -26.84 14.32 15.64
N HIS A 7 -25.78 14.89 15.09
CA HIS A 7 -25.84 15.58 13.80
C HIS A 7 -25.80 14.56 12.66
N HIS A 8 -26.37 14.92 11.51
CA HIS A 8 -26.38 14.06 10.34
C HIS A 8 -25.37 14.55 9.30
N MET A 9 -24.59 13.62 8.75
CA MET A 9 -23.58 13.95 7.75
C MET A 9 -24.17 13.91 6.35
N GLY A 10 -24.36 15.09 5.76
CA GLY A 10 -24.98 15.19 4.44
C GLY A 10 -24.08 15.83 3.40
N THR A 11 -23.06 15.10 2.96
CA THR A 11 -22.17 15.56 1.90
C THR A 11 -22.81 15.32 0.53
N LEU A 12 -23.31 16.38 -0.09
CA LEU A 12 -23.98 16.27 -1.38
C LEU A 12 -23.38 17.26 -2.39
N GLU A 13 -22.69 16.73 -3.40
CA GLU A 13 -22.13 17.53 -4.47
C GLU A 13 -21.51 16.62 -5.54
N ALA A 14 -21.61 17.03 -6.80
CA ALA A 14 -21.06 16.26 -7.90
C ALA A 14 -19.60 16.63 -8.16
N GLN A 15 -18.73 15.62 -8.21
CA GLN A 15 -17.31 15.84 -8.43
C GLN A 15 -16.71 14.66 -9.21
N THR A 16 -15.68 14.95 -10.01
CA THR A 16 -15.02 13.94 -10.82
C THR A 16 -13.70 13.52 -10.16
N GLN A 17 -13.26 12.30 -10.46
CA GLN A 17 -12.02 11.76 -9.90
C GLN A 17 -11.57 10.55 -10.70
N GLY A 18 -10.27 10.45 -10.96
CA GLY A 18 -9.73 9.34 -11.73
C GLY A 18 -8.23 9.44 -11.94
N PRO A 19 -7.43 8.95 -10.99
CA PRO A 19 -5.97 8.96 -11.09
C PRO A 19 -5.42 7.80 -11.92
N GLY A 20 -4.12 7.79 -12.16
CA GLY A 20 -3.48 6.71 -12.91
C GLY A 20 -3.41 5.42 -12.11
N SER A 21 -2.75 4.41 -12.67
CA SER A 21 -2.65 3.12 -12.01
C SER A 21 -1.34 3.00 -11.21
N MET A 22 -1.39 3.44 -9.96
CA MET A 22 -0.31 3.21 -9.00
C MET A 22 -0.79 2.24 -7.92
N ILE A 23 -2.02 1.75 -8.11
CA ILE A 23 -2.63 0.79 -7.21
C ILE A 23 -2.73 -0.56 -7.90
N GLU A 24 -1.89 -1.51 -7.51
CA GLU A 24 -1.88 -2.83 -8.15
C GLU A 24 -2.17 -3.93 -7.12
N GLN A 25 -2.93 -4.93 -7.54
CA GLN A 25 -3.26 -6.07 -6.70
C GLN A 25 -2.29 -7.22 -7.01
N ILE A 26 -1.61 -7.69 -5.98
CA ILE A 26 -0.58 -8.73 -6.14
C ILE A 26 -0.90 -9.96 -5.32
N GLY A 27 -0.33 -11.09 -5.72
CA GLY A 27 -0.55 -12.35 -5.03
C GLY A 27 0.45 -12.57 -3.91
N ASP A 28 0.20 -13.58 -3.10
CA ASP A 28 1.04 -13.89 -1.93
C ASP A 28 2.43 -14.34 -2.38
N SER A 29 2.49 -14.96 -3.55
CA SER A 29 3.72 -15.50 -4.09
C SER A 29 4.68 -14.38 -4.52
N GLU A 30 4.16 -13.41 -5.27
CA GLU A 30 4.99 -12.31 -5.78
C GLU A 30 5.05 -11.16 -4.77
N PHE A 31 4.16 -11.19 -3.77
CA PHE A 31 4.16 -10.21 -2.70
C PHE A 31 5.57 -10.03 -2.14
N ASP A 32 6.05 -11.06 -1.44
CA ASP A 32 7.37 -11.04 -0.83
C ASP A 32 8.42 -10.69 -1.89
N ASN A 33 8.25 -11.32 -3.06
CA ASN A 33 9.22 -11.25 -4.15
C ASN A 33 9.54 -9.80 -4.52
N LYS A 34 8.52 -8.98 -4.73
CA LYS A 34 8.72 -7.63 -5.23
C LYS A 34 8.65 -6.58 -4.10
N VAL A 35 8.10 -6.96 -2.95
CA VAL A 35 7.96 -6.04 -1.83
C VAL A 35 9.21 -6.05 -0.93
N THR A 36 9.64 -7.23 -0.49
CA THR A 36 10.79 -7.32 0.42
C THR A 36 12.07 -7.08 -0.36
N SER A 37 12.17 -7.73 -1.52
CA SER A 37 13.30 -7.57 -2.42
C SER A 37 13.19 -6.25 -3.22
N CYS A 38 12.27 -5.38 -2.77
CA CYS A 38 11.99 -4.08 -3.40
C CYS A 38 13.21 -3.49 -4.12
N ASN A 39 13.23 -3.64 -5.43
CA ASN A 39 14.27 -3.03 -6.26
C ASN A 39 13.84 -1.63 -6.69
N ASP A 40 12.54 -1.37 -6.57
CA ASP A 40 11.96 -0.08 -6.96
C ASP A 40 12.68 1.06 -6.26
N ASN A 41 13.01 0.85 -4.98
CA ASN A 41 13.52 1.92 -4.12
C ASN A 41 12.48 3.04 -4.01
N ILE A 42 11.26 2.67 -4.33
CA ILE A 42 10.09 3.52 -4.20
C ILE A 42 9.33 3.14 -2.93
N LEU A 43 8.59 4.08 -2.35
CA LEU A 43 7.84 3.79 -1.15
C LEU A 43 6.68 2.84 -1.49
N ILE A 44 6.84 1.58 -1.11
CA ILE A 44 5.83 0.56 -1.38
C ILE A 44 4.87 0.41 -0.20
N LEU A 45 3.67 0.93 -0.36
CA LEU A 45 2.63 0.84 0.66
C LEU A 45 1.67 -0.29 0.31
N VAL A 46 1.81 -1.41 0.98
CA VAL A 46 0.93 -2.55 0.75
C VAL A 46 -0.13 -2.59 1.85
N ASP A 47 -1.40 -2.58 1.46
CA ASP A 47 -2.49 -2.59 2.45
C ASP A 47 -3.20 -3.93 2.46
N PHE A 48 -3.39 -4.46 3.66
CA PHE A 48 -4.04 -5.74 3.86
C PHE A 48 -5.55 -5.53 3.93
N TRP A 49 -6.18 -5.56 2.76
CA TRP A 49 -7.61 -5.30 2.64
C TRP A 49 -8.39 -6.61 2.61
N ALA A 50 -9.68 -6.52 2.89
CA ALA A 50 -10.58 -7.67 2.81
C ALA A 50 -11.26 -7.70 1.44
N PRO A 51 -11.32 -8.87 0.80
CA PRO A 51 -11.93 -9.01 -0.54
C PRO A 51 -13.36 -8.45 -0.59
N TRP A 52 -14.08 -8.60 0.51
CA TRP A 52 -15.48 -8.16 0.58
C TRP A 52 -15.58 -6.64 0.74
N CYS A 53 -14.43 -5.99 0.91
CA CYS A 53 -14.37 -4.54 1.07
C CYS A 53 -14.21 -3.86 -0.30
N GLY A 54 -14.33 -4.64 -1.36
CA GLY A 54 -14.26 -4.10 -2.71
C GLY A 54 -15.21 -2.92 -2.92
N PRO A 55 -16.54 -3.13 -2.70
CA PRO A 55 -17.53 -2.04 -2.74
C PRO A 55 -17.51 -1.19 -1.47
N CYS A 56 -16.31 -0.78 -1.07
CA CYS A 56 -16.12 0.03 0.14
C CYS A 56 -16.92 1.33 0.07
N ARG A 57 -17.68 1.61 1.13
CA ARG A 57 -18.44 2.85 1.22
C ARG A 57 -17.52 3.99 1.67
N SER A 58 -16.70 4.49 0.75
CA SER A 58 -15.75 5.55 1.05
C SER A 58 -15.11 6.08 -0.23
N LEU A 59 -14.30 7.12 -0.10
CA LEU A 59 -13.63 7.73 -1.23
C LEU A 59 -12.47 8.60 -0.75
N GLU A 60 -11.47 8.79 -1.62
CA GLU A 60 -10.30 9.61 -1.31
C GLU A 60 -9.58 9.14 -0.04
N PRO A 61 -9.03 7.90 -0.05
CA PRO A 61 -8.24 7.38 1.07
C PRO A 61 -6.85 8.01 1.07
N GLN A 62 -6.18 7.96 2.22
CA GLN A 62 -4.91 8.68 2.42
C GLN A 62 -3.91 8.34 1.29
N LEU A 63 -3.62 7.06 1.13
CA LEU A 63 -2.58 6.60 0.22
C LEU A 63 -2.85 7.06 -1.21
N GLU A 64 -4.07 6.86 -1.67
CA GLU A 64 -4.45 7.20 -3.02
C GLU A 64 -4.54 8.71 -3.19
N LYS A 65 -4.94 9.39 -2.11
CA LYS A 65 -5.06 10.84 -2.11
C LYS A 65 -3.71 11.49 -2.40
N LEU A 66 -2.67 11.00 -1.72
CA LEU A 66 -1.31 11.48 -1.99
C LEU A 66 -0.78 10.91 -3.31
N ALA A 67 -1.12 9.66 -3.58
CA ALA A 67 -0.64 8.95 -4.77
C ALA A 67 -1.02 9.70 -6.05
N GLN A 68 -2.16 10.39 -6.01
CA GLN A 68 -2.62 11.19 -7.15
C GLN A 68 -1.54 12.20 -7.57
N GLN A 69 -0.78 12.68 -6.60
CA GLN A 69 0.33 13.60 -6.86
C GLN A 69 1.66 12.86 -7.00
N TYR A 70 1.89 11.88 -6.12
CA TYR A 70 3.21 11.26 -5.96
C TYR A 70 3.29 9.88 -6.62
N THR A 71 2.42 9.61 -7.59
CA THR A 71 2.30 8.29 -8.19
C THR A 71 3.65 7.74 -8.67
N GLU A 72 4.52 8.62 -9.17
CA GLU A 72 5.80 8.21 -9.74
C GLU A 72 6.78 7.72 -8.67
N ASN A 73 6.52 8.03 -7.40
CA ASN A 73 7.43 7.67 -6.32
C ASN A 73 6.71 6.87 -5.22
N VAL A 74 5.48 6.42 -5.48
CA VAL A 74 4.76 5.59 -4.52
C VAL A 74 4.06 4.41 -5.21
N LYS A 75 4.14 3.25 -4.58
CA LYS A 75 3.50 2.03 -5.07
C LYS A 75 2.52 1.52 -4.01
N ILE A 76 1.23 1.52 -4.33
CA ILE A 76 0.23 0.99 -3.40
C ILE A 76 -0.24 -0.36 -3.91
N TYR A 77 -0.10 -1.38 -3.08
CA TYR A 77 -0.41 -2.74 -3.49
C TYR A 77 -1.52 -3.35 -2.63
N LYS A 78 -2.50 -3.94 -3.32
CA LYS A 78 -3.55 -4.70 -2.69
C LYS A 78 -3.13 -6.16 -2.60
N ILE A 79 -2.87 -6.63 -1.39
CA ILE A 79 -2.39 -7.99 -1.18
C ILE A 79 -3.54 -8.93 -0.81
N ASN A 80 -3.44 -10.17 -1.24
CA ASN A 80 -4.38 -11.21 -0.87
C ASN A 80 -4.06 -11.73 0.54
N ILE A 81 -5.04 -12.33 1.19
CA ILE A 81 -4.83 -12.94 2.49
C ILE A 81 -5.04 -14.45 2.41
N GLU A 82 -4.05 -15.15 1.85
CA GLU A 82 -4.11 -16.60 1.72
C GLU A 82 -3.91 -17.26 3.07
N ASP A 83 -2.69 -17.17 3.59
CA ASP A 83 -2.34 -17.80 4.86
C ASP A 83 -2.47 -16.84 6.02
N ASN A 84 -2.54 -15.54 5.70
CA ASN A 84 -2.59 -14.46 6.70
C ASN A 84 -1.20 -14.24 7.32
N GLN A 85 -0.87 -12.99 7.59
CA GLN A 85 0.47 -12.63 8.06
C GLN A 85 0.48 -12.35 9.57
N ASP A 86 1.30 -13.11 10.29
CA ASP A 86 1.48 -12.91 11.72
C ASP A 86 2.22 -11.62 12.00
N VAL A 87 2.84 -11.07 10.95
CA VAL A 87 3.55 -9.79 11.04
C VAL A 87 2.68 -8.73 11.70
N ALA A 88 1.37 -8.77 11.40
CA ALA A 88 0.42 -7.85 12.01
C ALA A 88 0.37 -8.04 13.51
N THR A 89 0.24 -9.30 13.94
CA THR A 89 0.19 -9.64 15.36
C THR A 89 1.53 -9.30 16.03
N GLN A 90 2.62 -9.44 15.27
CA GLN A 90 3.96 -9.14 15.75
C GLN A 90 4.06 -7.66 16.10
N TYR A 91 3.59 -6.81 15.18
CA TYR A 91 3.64 -5.35 15.37
C TYR A 91 2.48 -4.86 16.23
N GLY A 92 1.68 -5.80 16.74
CA GLY A 92 0.60 -5.46 17.65
C GLY A 92 -0.48 -4.63 16.98
N VAL A 93 -0.73 -4.90 15.70
CA VAL A 93 -1.77 -4.20 14.95
C VAL A 93 -3.14 -4.47 15.59
N SER A 94 -3.60 -3.52 16.40
CA SER A 94 -4.82 -3.70 17.17
C SER A 94 -6.01 -2.99 16.51
N ALA A 95 -5.82 -2.50 15.29
CA ALA A 95 -6.86 -1.77 14.58
C ALA A 95 -6.75 -2.01 13.07
N ILE A 96 -7.80 -1.67 12.35
CA ILE A 96 -7.85 -1.86 10.90
C ILE A 96 -8.29 -0.57 10.19
N PRO A 97 -7.96 -0.39 8.90
CA PRO A 97 -7.17 -1.36 8.12
C PRO A 97 -5.68 -1.30 8.45
N THR A 98 -4.94 -2.28 7.95
CA THR A 98 -3.50 -2.35 8.20
C THR A 98 -2.72 -2.11 6.90
N ILE A 99 -1.82 -1.14 6.93
CA ILE A 99 -0.99 -0.81 5.78
C ILE A 99 0.47 -0.81 6.22
N LEU A 100 1.34 -1.41 5.41
CA LEU A 100 2.76 -1.50 5.76
C LEU A 100 3.61 -0.92 4.62
N MET A 101 4.58 -0.08 4.99
CA MET A 101 5.41 0.62 4.02
C MET A 101 6.81 0.01 3.98
N PHE A 102 7.21 -0.52 2.82
CA PHE A 102 8.53 -1.12 2.62
C PHE A 102 9.30 -0.36 1.55
N LYS A 103 10.63 -0.45 1.61
CA LYS A 103 11.50 0.16 0.61
C LYS A 103 12.92 -0.40 0.77
N ASN A 104 13.46 -0.97 -0.32
CA ASN A 104 14.81 -1.54 -0.35
C ASN A 104 14.96 -2.63 0.74
N GLY A 105 13.84 -3.23 1.12
CA GLY A 105 13.86 -4.34 2.06
C GLY A 105 13.72 -3.89 3.50
N LYS A 106 13.65 -2.60 3.73
CA LYS A 106 13.46 -2.06 5.08
C LYS A 106 12.01 -1.62 5.26
N LYS A 107 11.49 -1.79 6.47
CA LYS A 107 10.19 -1.25 6.82
C LYS A 107 10.35 0.22 7.20
N LEU A 108 9.42 1.05 6.76
CA LEU A 108 9.48 2.48 7.07
C LEU A 108 8.42 2.84 8.10
N SER A 109 7.17 2.47 7.80
CA SER A 109 6.05 2.83 8.64
C SER A 109 4.91 1.82 8.49
N GLN A 110 3.97 1.87 9.45
CA GLN A 110 2.78 1.01 9.43
C GLN A 110 1.54 1.88 9.62
N VAL A 111 0.78 2.08 8.56
CA VAL A 111 -0.44 2.89 8.61
C VAL A 111 -1.60 2.05 9.11
N ILE A 112 -2.01 2.29 10.34
CA ILE A 112 -3.06 1.51 10.98
C ILE A 112 -4.23 2.42 11.37
N GLY A 113 -5.34 2.28 10.66
CA GLY A 113 -6.51 3.10 10.91
C GLY A 113 -6.74 4.11 9.79
N ALA A 114 -6.67 5.39 10.13
CA ALA A 114 -6.87 6.46 9.16
C ALA A 114 -6.21 7.75 9.65
N ASP A 115 -4.90 7.65 9.91
CA ASP A 115 -4.13 8.78 10.42
C ASP A 115 -3.54 9.59 9.26
N ILE A 116 -4.36 10.46 8.69
CA ILE A 116 -3.95 11.28 7.54
C ILE A 116 -2.78 12.19 7.91
N SER A 117 -2.85 12.81 9.09
CA SER A 117 -1.80 13.72 9.55
C SER A 117 -0.47 12.98 9.70
N LYS A 118 -0.55 11.69 10.06
CA LYS A 118 0.63 10.86 10.22
C LYS A 118 1.22 10.51 8.86
N ILE A 119 0.37 9.98 7.97
CA ILE A 119 0.84 9.48 6.68
C ILE A 119 1.42 10.59 5.82
N ILE A 120 0.81 11.78 5.85
CA ILE A 120 1.35 12.90 5.07
C ILE A 120 2.71 13.29 5.61
N SER A 121 2.89 13.17 6.92
CA SER A 121 4.13 13.53 7.57
C SER A 121 5.24 12.55 7.20
N GLU A 122 4.96 11.26 7.29
CA GLU A 122 5.98 10.24 7.06
C GLU A 122 6.26 10.06 5.57
N ILE A 123 5.22 10.03 4.73
CA ILE A 123 5.39 9.85 3.30
C ILE A 123 6.15 11.03 2.69
N ASN A 124 5.69 12.25 2.96
CA ASN A 124 6.34 13.46 2.42
C ASN A 124 7.80 13.52 2.87
N ASN A 125 8.10 12.86 3.98
CA ASN A 125 9.47 12.79 4.50
C ASN A 125 10.18 11.54 3.96
N ASN A 126 9.40 10.55 3.52
CA ASN A 126 9.93 9.27 3.09
C ASN A 126 10.34 9.31 1.61
N ILE A 127 9.56 10.04 0.82
CA ILE A 127 9.82 10.22 -0.61
C ILE A 127 10.31 11.64 -0.88
N ASN A 128 10.80 11.87 -2.08
CA ASN A 128 11.42 13.14 -2.44
C ASN A 128 10.40 14.27 -2.43
N MET A 1 -26.96 21.20 30.28
CA MET A 1 -26.85 19.87 29.64
C MET A 1 -27.79 19.77 28.45
N ALA A 2 -27.30 19.18 27.37
CA ALA A 2 -28.09 19.00 26.15
C ALA A 2 -27.71 17.70 25.47
N HIS A 3 -28.67 17.08 24.80
CA HIS A 3 -28.42 15.82 24.10
C HIS A 3 -27.69 16.10 22.79
N HIS A 4 -26.71 15.26 22.48
CA HIS A 4 -25.88 15.46 21.30
C HIS A 4 -26.66 15.11 20.03
N HIS A 5 -27.23 16.13 19.40
CA HIS A 5 -27.99 15.93 18.17
C HIS A 5 -27.07 15.36 17.09
N HIS A 6 -27.48 14.24 16.50
CA HIS A 6 -26.66 13.56 15.50
C HIS A 6 -26.84 14.22 14.14
N HIS A 7 -25.84 14.06 13.27
CA HIS A 7 -25.83 14.69 11.96
C HIS A 7 -25.99 13.63 10.86
N HIS A 8 -25.95 14.08 9.61
CA HIS A 8 -26.03 13.18 8.47
C HIS A 8 -24.90 13.51 7.50
N MET A 9 -24.92 12.90 6.31
CA MET A 9 -23.90 13.16 5.29
C MET A 9 -24.56 13.31 3.93
N GLY A 10 -24.39 14.49 3.32
CA GLY A 10 -25.04 14.80 2.05
C GLY A 10 -24.05 15.07 0.94
N THR A 11 -23.07 14.17 0.80
CA THR A 11 -22.09 14.26 -0.28
C THR A 11 -22.76 13.94 -1.62
N LEU A 12 -23.11 14.98 -2.37
CA LEU A 12 -23.91 14.85 -3.59
C LEU A 12 -23.11 15.33 -4.81
N GLU A 13 -23.19 14.55 -5.89
CA GLU A 13 -22.54 14.86 -7.16
C GLU A 13 -21.01 14.74 -7.06
N ALA A 14 -20.45 13.80 -7.80
CA ALA A 14 -19.01 13.51 -7.77
C ALA A 14 -18.28 14.28 -8.87
N GLN A 15 -16.99 14.02 -9.01
CA GLN A 15 -16.16 14.67 -10.03
C GLN A 15 -15.34 13.61 -10.78
N THR A 16 -15.02 13.92 -12.03
CA THR A 16 -14.19 13.04 -12.85
C THR A 16 -12.80 12.88 -12.22
N GLN A 17 -12.51 11.67 -11.77
CA GLN A 17 -11.26 11.36 -11.09
C GLN A 17 -10.48 10.35 -11.94
N GLY A 18 -9.20 10.64 -12.19
CA GLY A 18 -8.44 9.83 -13.12
C GLY A 18 -6.94 10.06 -13.03
N PRO A 19 -6.25 9.33 -12.13
CA PRO A 19 -4.79 9.33 -12.06
C PRO A 19 -4.20 8.13 -12.83
N GLY A 20 -2.94 7.82 -12.55
CA GLY A 20 -2.33 6.64 -13.10
C GLY A 20 -2.59 5.44 -12.21
N SER A 21 -2.57 4.26 -12.80
CA SER A 21 -2.86 3.03 -12.06
C SER A 21 -1.75 2.72 -11.04
N MET A 22 -1.80 3.40 -9.90
CA MET A 22 -0.78 3.25 -8.85
C MET A 22 -1.17 2.19 -7.83
N ILE A 23 -2.35 1.59 -8.04
CA ILE A 23 -2.85 0.52 -7.17
C ILE A 23 -2.68 -0.83 -7.85
N GLU A 24 -2.03 -1.77 -7.18
CA GLU A 24 -1.83 -3.11 -7.71
C GLU A 24 -2.26 -4.15 -6.67
N GLN A 25 -2.95 -5.18 -7.13
CA GLN A 25 -3.37 -6.28 -6.27
C GLN A 25 -2.50 -7.51 -6.55
N ILE A 26 -1.71 -7.90 -5.56
CA ILE A 26 -0.73 -8.97 -5.73
C ILE A 26 -1.06 -10.19 -4.89
N GLY A 27 -0.60 -11.34 -5.34
CA GLY A 27 -0.79 -12.58 -4.60
C GLY A 27 0.33 -12.82 -3.61
N ASP A 28 0.21 -13.92 -2.85
CA ASP A 28 1.15 -14.26 -1.80
C ASP A 28 2.55 -14.50 -2.36
N SER A 29 2.61 -15.10 -3.55
CA SER A 29 3.87 -15.52 -4.15
C SER A 29 4.71 -14.32 -4.59
N GLU A 30 4.06 -13.32 -5.20
CA GLU A 30 4.77 -12.16 -5.73
C GLU A 30 4.99 -11.10 -4.66
N PHE A 31 4.32 -11.25 -3.52
CA PHE A 31 4.46 -10.32 -2.41
C PHE A 31 5.93 -10.02 -2.13
N ASP A 32 6.65 -11.01 -1.62
CA ASP A 32 8.08 -10.87 -1.36
C ASP A 32 8.81 -10.47 -2.63
N ASN A 33 8.44 -11.13 -3.74
CA ASN A 33 9.17 -11.04 -5.00
C ASN A 33 9.36 -9.58 -5.43
N LYS A 34 8.32 -8.76 -5.31
CA LYS A 34 8.39 -7.37 -5.76
C LYS A 34 8.39 -6.38 -4.61
N VAL A 35 7.87 -6.79 -3.45
CA VAL A 35 7.78 -5.90 -2.29
C VAL A 35 9.06 -5.95 -1.45
N THR A 36 9.53 -7.16 -1.11
CA THR A 36 10.69 -7.28 -0.22
C THR A 36 11.99 -7.25 -1.03
N SER A 37 11.86 -7.27 -2.35
CA SER A 37 12.99 -7.14 -3.24
C SER A 37 13.02 -5.74 -3.87
N CYS A 38 12.20 -4.83 -3.33
CA CYS A 38 12.08 -3.49 -3.87
C CYS A 38 13.42 -2.75 -3.83
N ASN A 39 14.18 -2.88 -4.92
CA ASN A 39 15.44 -2.17 -5.09
C ASN A 39 15.19 -0.87 -5.86
N ASP A 40 13.91 -0.59 -6.09
CA ASP A 40 13.49 0.56 -6.90
C ASP A 40 13.66 1.87 -6.12
N ASN A 41 13.74 1.75 -4.79
CA ASN A 41 13.83 2.91 -3.89
C ASN A 41 12.52 3.69 -3.87
N ILE A 42 11.46 3.07 -4.39
CA ILE A 42 10.12 3.63 -4.34
C ILE A 42 9.39 3.11 -3.11
N LEU A 43 8.61 3.98 -2.47
CA LEU A 43 7.89 3.62 -1.26
C LEU A 43 6.68 2.76 -1.61
N ILE A 44 6.72 1.50 -1.16
CA ILE A 44 5.65 0.55 -1.38
C ILE A 44 4.74 0.48 -0.17
N LEU A 45 3.48 0.87 -0.35
CA LEU A 45 2.49 0.84 0.72
C LEU A 45 1.50 -0.29 0.48
N VAL A 46 1.68 -1.38 1.22
CA VAL A 46 0.80 -2.55 1.09
C VAL A 46 -0.30 -2.49 2.15
N ASP A 47 -1.54 -2.31 1.71
CA ASP A 47 -2.67 -2.24 2.63
C ASP A 47 -3.39 -3.59 2.68
N PHE A 48 -3.53 -4.10 3.90
CA PHE A 48 -4.19 -5.38 4.14
C PHE A 48 -5.69 -5.16 4.30
N TRP A 49 -6.47 -5.79 3.41
CA TRP A 49 -7.92 -5.60 3.38
C TRP A 49 -8.63 -6.94 3.28
N ALA A 50 -9.94 -6.92 3.47
CA ALA A 50 -10.77 -8.11 3.36
C ALA A 50 -11.16 -8.37 1.90
N PRO A 51 -11.13 -9.64 1.46
CA PRO A 51 -11.40 -10.00 0.06
C PRO A 51 -12.79 -9.56 -0.42
N TRP A 52 -13.75 -9.52 0.50
CA TRP A 52 -15.12 -9.14 0.15
C TRP A 52 -15.40 -7.68 0.47
N CYS A 53 -14.33 -6.91 0.69
CA CYS A 53 -14.45 -5.47 0.98
C CYS A 53 -14.44 -4.67 -0.32
N GLY A 54 -14.73 -5.34 -1.44
CA GLY A 54 -14.76 -4.70 -2.75
C GLY A 54 -15.67 -3.47 -2.78
N PRO A 55 -16.96 -3.61 -2.39
CA PRO A 55 -17.89 -2.48 -2.28
C PRO A 55 -17.55 -1.57 -1.10
N CYS A 56 -16.36 -0.97 -1.15
CA CYS A 56 -15.89 -0.07 -0.11
C CYS A 56 -16.35 1.36 -0.40
N ARG A 57 -17.43 1.77 0.25
CA ARG A 57 -17.95 3.13 0.11
C ARG A 57 -16.96 4.11 0.75
N SER A 58 -16.27 4.88 -0.09
CA SER A 58 -15.28 5.84 0.37
C SER A 58 -14.96 6.84 -0.73
N LEU A 59 -14.08 7.79 -0.44
CA LEU A 59 -13.69 8.81 -1.40
C LEU A 59 -12.30 9.33 -1.09
N GLU A 60 -11.43 9.32 -2.10
CA GLU A 60 -10.06 9.84 -2.02
C GLU A 60 -9.39 9.53 -0.68
N PRO A 61 -8.99 8.26 -0.46
CA PRO A 61 -8.28 7.86 0.77
C PRO A 61 -6.86 8.42 0.81
N GLN A 62 -6.21 8.31 1.98
CA GLN A 62 -4.89 8.89 2.19
C GLN A 62 -3.91 8.48 1.08
N LEU A 63 -3.75 7.16 0.94
CA LEU A 63 -2.77 6.58 0.02
C LEU A 63 -2.96 7.12 -1.39
N GLU A 64 -4.19 7.10 -1.85
CA GLU A 64 -4.51 7.50 -3.21
C GLU A 64 -4.46 9.02 -3.35
N LYS A 65 -4.83 9.72 -2.28
CA LYS A 65 -4.75 11.17 -2.24
C LYS A 65 -3.34 11.64 -2.57
N LEU A 66 -2.35 11.01 -1.93
CA LEU A 66 -0.95 11.36 -2.19
C LEU A 66 -0.44 10.65 -3.45
N ALA A 67 -0.92 9.44 -3.68
CA ALA A 67 -0.46 8.60 -4.78
C ALA A 67 -0.66 9.28 -6.12
N GLN A 68 -1.79 9.97 -6.28
CA GLN A 68 -2.11 10.64 -7.55
C GLN A 68 -1.00 11.62 -7.93
N GLN A 69 -0.38 12.18 -6.90
CA GLN A 69 0.63 13.23 -7.07
C GLN A 69 2.03 12.64 -7.14
N TYR A 70 2.35 11.81 -6.14
CA TYR A 70 3.73 11.34 -5.91
C TYR A 70 3.91 9.90 -6.37
N THR A 71 3.06 9.44 -7.29
CA THR A 71 3.09 8.06 -7.78
C THR A 71 4.49 7.65 -8.26
N GLU A 72 5.27 8.63 -8.70
CA GLU A 72 6.64 8.35 -9.17
C GLU A 72 7.50 7.76 -8.07
N ASN A 73 7.16 8.07 -6.82
CA ASN A 73 7.97 7.68 -5.67
C ASN A 73 7.14 6.83 -4.69
N VAL A 74 5.86 6.59 -5.02
CA VAL A 74 5.00 5.74 -4.18
C VAL A 74 4.25 4.73 -5.05
N LYS A 75 4.02 3.55 -4.49
CA LYS A 75 3.26 2.49 -5.14
C LYS A 75 2.41 1.77 -4.10
N ILE A 76 1.11 1.60 -4.38
CA ILE A 76 0.21 0.98 -3.40
C ILE A 76 -0.14 -0.44 -3.85
N TYR A 77 -0.17 -1.37 -2.90
CA TYR A 77 -0.40 -2.78 -3.19
C TYR A 77 -1.41 -3.37 -2.22
N LYS A 78 -2.31 -4.18 -2.76
CA LYS A 78 -3.25 -4.95 -1.96
C LYS A 78 -2.93 -6.42 -2.08
N ILE A 79 -2.67 -7.06 -0.95
CA ILE A 79 -2.21 -8.44 -0.91
C ILE A 79 -3.37 -9.43 -0.76
N ASN A 80 -3.27 -10.55 -1.45
CA ASN A 80 -4.21 -11.66 -1.28
C ASN A 80 -3.93 -12.36 0.04
N ILE A 81 -4.92 -12.40 0.92
CA ILE A 81 -4.76 -13.03 2.22
C ILE A 81 -5.13 -14.51 2.17
N GLU A 82 -4.12 -15.37 2.06
CA GLU A 82 -4.33 -16.81 2.09
C GLU A 82 -4.45 -17.28 3.54
N ASP A 83 -3.35 -17.17 4.28
CA ASP A 83 -3.30 -17.55 5.70
C ASP A 83 -2.82 -16.39 6.56
N ASN A 84 -2.62 -15.23 5.94
CA ASN A 84 -2.15 -14.02 6.64
C ASN A 84 -0.74 -14.28 7.20
N GLN A 85 -0.24 -13.36 8.03
CA GLN A 85 1.10 -13.50 8.59
C GLN A 85 1.13 -12.95 10.03
N ASP A 86 1.80 -13.68 10.91
CA ASP A 86 1.92 -13.30 12.32
C ASP A 86 2.73 -12.02 12.46
N VAL A 87 3.38 -11.61 11.37
CA VAL A 87 4.13 -10.36 11.32
C VAL A 87 3.22 -9.19 11.76
N ALA A 88 1.94 -9.31 11.42
CA ALA A 88 0.94 -8.32 11.84
C ALA A 88 0.88 -8.24 13.37
N THR A 89 0.87 -9.41 14.00
CA THR A 89 0.87 -9.48 15.46
C THR A 89 2.22 -9.01 16.02
N GLN A 90 3.30 -9.24 15.27
CA GLN A 90 4.64 -8.81 15.65
C GLN A 90 4.67 -7.29 15.81
N TYR A 91 4.16 -6.58 14.81
CA TYR A 91 4.06 -5.12 14.89
C TYR A 91 2.97 -4.70 15.87
N GLY A 92 2.08 -5.63 16.20
CA GLY A 92 1.04 -5.36 17.17
C GLY A 92 -0.15 -4.63 16.56
N VAL A 93 -0.63 -5.14 15.44
CA VAL A 93 -1.81 -4.58 14.79
C VAL A 93 -3.06 -4.84 15.64
N SER A 94 -3.52 -3.80 16.30
CA SER A 94 -4.68 -3.90 17.18
C SER A 94 -5.98 -4.03 16.38
N ALA A 95 -6.10 -3.27 15.30
CA ALA A 95 -7.30 -3.28 14.47
C ALA A 95 -6.97 -2.95 13.01
N ILE A 96 -7.92 -3.23 12.12
CA ILE A 96 -7.76 -2.96 10.70
C ILE A 96 -8.44 -1.62 10.32
N PRO A 97 -8.14 -1.02 9.15
CA PRO A 97 -7.17 -1.57 8.16
C PRO A 97 -5.72 -1.31 8.56
N THR A 98 -4.81 -2.02 7.91
CA THR A 98 -3.38 -1.90 8.20
C THR A 98 -2.60 -1.67 6.91
N ILE A 99 -1.86 -0.57 6.86
CA ILE A 99 -1.07 -0.22 5.69
C ILE A 99 0.42 -0.25 6.06
N LEU A 100 1.14 -1.24 5.56
CA LEU A 100 2.54 -1.41 5.92
C LEU A 100 3.43 -0.85 4.81
N MET A 101 4.31 0.08 5.19
CA MET A 101 5.20 0.74 4.23
C MET A 101 6.54 0.02 4.14
N PHE A 102 6.80 -0.59 2.98
CA PHE A 102 8.08 -1.25 2.69
C PHE A 102 8.89 -0.42 1.69
N LYS A 103 10.22 -0.47 1.83
CA LYS A 103 11.12 0.16 0.88
C LYS A 103 12.55 -0.28 1.18
N ASN A 104 13.28 -0.66 0.13
CA ASN A 104 14.68 -1.11 0.26
C ASN A 104 14.76 -2.36 1.14
N GLY A 105 13.67 -3.11 1.22
CA GLY A 105 13.62 -4.33 2.01
C GLY A 105 13.48 -4.06 3.50
N LYS A 106 13.20 -2.81 3.86
CA LYS A 106 13.02 -2.42 5.26
C LYS A 106 11.66 -1.75 5.44
N LYS A 107 11.09 -1.84 6.63
CA LYS A 107 9.81 -1.20 6.93
C LYS A 107 10.05 0.26 7.32
N LEU A 108 9.16 1.15 6.90
CA LEU A 108 9.28 2.56 7.23
C LEU A 108 8.24 2.93 8.29
N SER A 109 6.98 2.62 8.01
CA SER A 109 5.86 2.95 8.91
C SER A 109 4.70 1.98 8.71
N GLN A 110 3.77 2.00 9.67
CA GLN A 110 2.56 1.18 9.64
C GLN A 110 1.34 2.07 9.88
N VAL A 111 0.62 2.40 8.81
CA VAL A 111 -0.60 3.21 8.92
C VAL A 111 -1.76 2.33 9.35
N ILE A 112 -2.18 2.47 10.60
CA ILE A 112 -3.30 1.70 11.13
C ILE A 112 -4.50 2.60 11.34
N GLY A 113 -5.65 2.21 10.82
CA GLY A 113 -6.84 3.03 10.89
C GLY A 113 -6.91 4.02 9.74
N ALA A 114 -6.99 5.30 10.06
CA ALA A 114 -7.05 6.35 9.05
C ALA A 114 -6.59 7.69 9.62
N ASP A 115 -5.37 8.09 9.31
CA ASP A 115 -4.81 9.35 9.78
C ASP A 115 -4.05 10.06 8.66
N ILE A 116 -4.69 11.07 8.07
CA ILE A 116 -4.08 11.85 7.00
C ILE A 116 -2.83 12.56 7.50
N SER A 117 -2.88 13.05 8.74
CA SER A 117 -1.74 13.73 9.37
C SER A 117 -0.55 12.78 9.47
N LYS A 118 -0.85 11.54 9.86
CA LYS A 118 0.18 10.52 10.02
C LYS A 118 0.84 10.23 8.67
N ILE A 119 0.01 9.86 7.69
CA ILE A 119 0.51 9.42 6.39
C ILE A 119 1.30 10.52 5.68
N ILE A 120 0.80 11.76 5.69
CA ILE A 120 1.50 12.84 5.01
C ILE A 120 2.88 13.06 5.62
N SER A 121 2.97 12.85 6.94
CA SER A 121 4.22 13.04 7.64
C SER A 121 5.23 11.95 7.27
N GLU A 122 4.81 10.69 7.39
CA GLU A 122 5.74 9.56 7.16
C GLU A 122 6.00 9.28 5.68
N ILE A 123 4.98 9.41 4.82
CA ILE A 123 5.18 9.21 3.38
C ILE A 123 6.20 10.21 2.83
N ASN A 124 5.89 11.50 3.03
CA ASN A 124 6.75 12.58 2.54
C ASN A 124 8.11 12.55 3.20
N ASN A 125 8.20 11.89 4.36
CA ASN A 125 9.46 11.70 5.06
C ASN A 125 10.40 10.81 4.24
N ASN A 126 9.82 9.83 3.55
CA ASN A 126 10.61 8.85 2.80
C ASN A 126 10.77 9.24 1.34
N ILE A 127 9.70 9.78 0.75
CA ILE A 127 9.73 10.17 -0.66
C ILE A 127 10.28 11.58 -0.82
N ASN A 128 10.59 11.96 -2.05
CA ASN A 128 11.21 13.26 -2.31
C ASN A 128 10.26 14.40 -1.98
#